data_2LDX
#
_entry.id   2LDX
#
_cell.length_a   84.800
_cell.length_b   76.600
_cell.length_c   63.900
_cell.angle_alpha   109.70
_cell.angle_beta   89.50
_cell.angle_gamma   96.50
#
_symmetry.space_group_name_H-M   'P 1'
#
loop_
_entity.id
_entity.type
_entity.pdbx_description
1 polymer 'APO-LACTATE DEHYDROGENASE'
2 water water
#
_entity_poly.entity_id   1
_entity_poly.type   'polypeptide(L)'
_entity_poly.pdbx_seq_one_letter_code
;STVKEQLIQNLVPEDKLSRCKITVVGVGDVGMACAISILLKGLADELALVDADTDKLRGEALDLQHGSLFLSTPKIVFGK
DYNVSANSKLVIITAGARMVSGQTRLDLLQRNVAIMKAIVPGVIQNSPDCKIIVVTNPVDILTYVVWKISGFPVGRVIGS
GCNLDSARFRYLIGEKLGVNPTSCHGWVLGEHGDSSVPIWSGVNVAGVTLKSLNPAIGTDKNKQHWKNVHKQVVEGGYEV
LDMKGYTSWAIGLSVTDLARSILKNLKRVHPVTTLVKGFHGIKEEVFLSIPCVLGESGITDFVKVNMTAEEEGLLKKSAD
TLWNMQKNLEL
;
_entity_poly.pdbx_strand_id   A,B,C,D
#
# COMPACT_ATOMS: atom_id res chain seq x y z
N SER A 1 2.22 36.91 -19.08
CA SER A 1 3.52 37.36 -19.52
C SER A 1 4.60 36.28 -19.34
N THR A 2 4.52 35.61 -18.21
CA THR A 2 5.35 34.55 -17.71
C THR A 2 4.90 33.15 -18.10
N VAL A 3 5.84 32.21 -17.96
CA VAL A 3 5.43 30.79 -18.25
C VAL A 3 4.29 30.51 -17.24
N LYS A 4 4.50 30.85 -15.98
CA LYS A 4 3.41 30.63 -15.01
C LYS A 4 2.13 31.24 -15.64
N GLU A 5 2.20 32.55 -15.76
CA GLU A 5 1.07 33.33 -16.27
C GLU A 5 0.62 32.82 -17.63
N GLN A 6 1.39 31.91 -18.19
CA GLN A 6 1.09 31.36 -19.51
C GLN A 6 0.62 29.93 -19.47
N LEU A 7 1.26 29.03 -18.75
CA LEU A 7 0.94 27.61 -18.70
C LEU A 7 -0.26 27.25 -17.85
N ILE A 8 -0.39 27.86 -16.72
CA ILE A 8 -1.42 27.55 -15.73
C ILE A 8 -2.49 28.61 -15.59
N GLN A 9 -3.73 28.14 -15.49
CA GLN A 9 -4.87 29.03 -15.30
C GLN A 9 -5.56 28.77 -13.96
N ASN A 10 -5.52 29.79 -13.15
CA ASN A 10 -6.03 30.07 -11.85
C ASN A 10 -7.54 30.15 -11.73
N LEU A 11 -8.21 29.03 -11.48
CA LEU A 11 -9.67 28.98 -11.34
C LEU A 11 -10.18 29.75 -10.11
N VAL A 12 -10.42 30.99 -10.34
CA VAL A 12 -10.88 32.09 -9.53
C VAL A 12 -11.05 31.73 -8.07
N PRO A 13 -12.13 32.17 -7.46
CA PRO A 13 -12.31 32.04 -5.99
C PRO A 13 -12.09 30.63 -5.49
N GLU A 14 -11.42 30.52 -4.36
CA GLU A 14 -11.05 29.26 -3.73
C GLU A 14 -9.85 28.66 -4.49
N ASP A 15 -8.75 29.22 -4.05
CA ASP A 15 -7.38 28.99 -4.49
C ASP A 15 -6.46 28.99 -3.24
N LYS A 16 -6.96 28.35 -2.20
CA LYS A 16 -6.32 28.21 -0.89
C LYS A 16 -7.19 27.29 0.00
N LEU A 17 -6.63 26.57 0.95
CA LEU A 17 -7.34 25.67 1.86
C LEU A 17 -6.49 25.31 3.10
N SER A 18 -6.90 24.25 3.80
CA SER A 18 -6.18 23.66 4.93
C SER A 18 -7.01 22.59 5.65
N ARG A 19 -6.38 21.65 6.38
CA ARG A 19 -7.12 20.69 7.21
C ARG A 19 -6.38 19.82 8.20
N CYS A 20 -6.04 18.59 7.89
CA CYS A 20 -5.52 17.58 8.83
C CYS A 20 -4.13 17.03 8.77
N LYS A 21 -3.21 17.59 9.55
CA LYS A 21 -1.82 17.41 9.73
C LYS A 21 -1.31 16.43 10.79
N ILE A 22 -0.03 16.15 10.66
CA ILE A 22 0.83 15.39 11.55
C ILE A 22 2.05 16.31 11.82
N THR A 23 2.56 16.28 13.03
CA THR A 23 3.70 17.11 13.43
C THR A 23 4.60 16.23 14.29
N VAL A 24 5.91 16.42 14.17
CA VAL A 24 6.77 15.58 15.09
C VAL A 24 7.83 16.50 15.71
N VAL A 25 7.76 16.56 17.05
CA VAL A 25 8.72 17.42 17.79
C VAL A 25 10.05 16.65 17.86
N GLY A 26 11.06 17.27 17.31
CA GLY A 26 12.42 16.77 17.27
C GLY A 26 12.51 15.57 16.34
N VAL A 27 13.55 15.54 15.58
CA VAL A 27 13.93 14.55 14.60
C VAL A 27 15.19 13.78 15.03
N GLY A 28 15.31 13.55 16.31
CA GLY A 28 16.48 12.69 16.75
C GLY A 28 16.13 11.35 16.08
N ASP A 29 17.06 10.63 15.53
CA ASP A 29 16.87 9.33 14.89
C ASP A 29 15.42 8.80 14.95
N VAL A 30 14.88 8.72 16.13
CA VAL A 30 13.53 8.31 16.44
C VAL A 30 12.48 9.27 15.87
N GLY A 31 12.51 10.49 16.36
CA GLY A 31 11.57 11.54 15.91
C GLY A 31 11.46 11.39 14.39
N MET A 32 12.59 11.02 13.81
CA MET A 32 12.81 10.84 12.41
C MET A 32 12.34 9.57 11.72
N ALA A 33 12.56 8.42 12.31
CA ALA A 33 12.17 7.12 11.80
C ALA A 33 10.64 7.00 11.89
N CYS A 34 10.19 7.77 12.85
CA CYS A 34 8.72 7.86 13.17
C CYS A 34 8.20 8.88 12.19
N ALA A 35 9.13 9.50 11.45
CA ALA A 35 8.80 10.42 10.36
C ALA A 35 8.65 9.66 9.05
N ILE A 36 9.72 9.33 8.38
CA ILE A 36 9.75 8.61 7.12
C ILE A 36 8.58 7.62 6.94
N SER A 37 8.40 6.81 7.98
CA SER A 37 7.33 5.81 8.00
C SER A 37 5.94 6.42 7.96
N ILE A 38 5.72 7.52 8.70
CA ILE A 38 4.39 8.18 8.55
C ILE A 38 4.23 8.50 7.06
N LEU A 39 5.37 8.66 6.39
CA LEU A 39 5.39 8.96 4.95
C LEU A 39 5.16 7.72 4.09
N LEU A 40 5.79 6.62 4.43
CA LEU A 40 5.68 5.36 3.63
C LEU A 40 4.34 4.73 3.91
N LYS A 41 3.35 5.58 3.89
CA LYS A 41 1.93 5.36 4.17
C LYS A 41 1.24 6.70 3.89
N GLY A 42 -0.05 6.73 3.99
CA GLY A 42 -0.74 8.02 3.61
C GLY A 42 -1.49 8.45 4.85
N LEU A 43 -0.74 8.80 5.86
CA LEU A 43 -1.47 9.20 7.12
C LEU A 43 -1.71 10.69 7.04
N ALA A 44 -0.75 11.39 6.40
CA ALA A 44 -0.86 12.86 6.44
C ALA A 44 -0.42 13.53 5.16
N ASP A 45 -1.21 14.52 4.81
CA ASP A 45 -1.03 15.34 3.60
C ASP A 45 -0.24 16.60 3.94
N GLU A 46 -0.08 16.85 5.23
CA GLU A 46 0.78 17.94 5.74
C GLU A 46 1.39 17.35 7.04
N LEU A 47 2.69 17.33 7.00
CA LEU A 47 3.50 16.84 8.14
C LEU A 47 4.56 17.91 8.38
N ALA A 48 4.40 18.58 9.49
CA ALA A 48 5.26 19.68 9.93
C ALA A 48 6.26 19.16 10.96
N LEU A 49 7.52 19.54 10.84
CA LEU A 49 8.48 18.96 11.82
C LEU A 49 9.14 20.06 12.62
N VAL A 50 8.84 20.08 13.92
CA VAL A 50 9.37 21.09 14.85
C VAL A 50 10.53 20.58 15.71
N ASP A 51 11.65 21.23 15.52
CA ASP A 51 12.91 20.94 16.25
C ASP A 51 13.53 22.30 16.66
N ALA A 52 14.43 22.24 17.61
CA ALA A 52 15.07 23.46 18.11
C ALA A 52 16.53 23.52 17.64
N ASP A 53 16.92 22.45 17.00
CA ASP A 53 18.34 22.25 16.57
C ASP A 53 18.35 22.57 15.07
N THR A 54 17.73 23.69 14.83
CA THR A 54 17.52 24.43 13.60
C THR A 54 18.33 24.00 12.41
N ASP A 55 19.59 23.69 12.70
CA ASP A 55 20.63 23.24 11.78
C ASP A 55 20.18 21.94 11.09
N LYS A 56 20.41 20.83 11.73
CA LYS A 56 20.04 19.48 11.27
C LYS A 56 18.63 19.41 10.69
N LEU A 57 17.72 20.12 11.35
CA LEU A 57 16.34 20.08 10.87
C LEU A 57 16.23 20.54 9.43
N ARG A 58 16.51 21.81 9.14
CA ARG A 58 16.34 22.33 7.78
C ARG A 58 17.22 21.50 6.81
N GLY A 59 17.99 20.60 7.34
CA GLY A 59 18.83 19.70 6.53
C GLY A 59 18.00 18.45 6.21
N GLU A 60 17.61 17.80 7.30
CA GLU A 60 16.79 16.60 7.31
C GLU A 60 15.46 16.88 6.61
N ALA A 61 14.88 18.02 6.95
CA ALA A 61 13.60 18.45 6.35
C ALA A 61 13.75 18.46 4.83
N LEU A 62 14.74 19.20 4.34
CA LEU A 62 15.03 19.35 2.92
C LEU A 62 15.33 18.03 2.22
N ASP A 63 15.79 17.11 3.02
CA ASP A 63 16.11 15.74 2.53
C ASP A 63 14.76 15.13 2.13
N LEU A 64 13.84 15.18 3.09
CA LEU A 64 12.47 14.67 2.82
C LEU A 64 11.88 15.45 1.65
N GLN A 65 12.12 16.75 1.60
CA GLN A 65 11.51 17.61 0.56
C GLN A 65 12.04 17.20 -0.79
N HIS A 66 13.35 17.09 -0.96
CA HIS A 66 13.94 16.63 -2.20
C HIS A 66 13.26 15.30 -2.59
N GLY A 67 12.79 14.64 -1.57
CA GLY A 67 12.19 13.33 -1.65
C GLY A 67 10.78 13.30 -2.18
N SER A 68 10.12 14.43 -2.19
CA SER A 68 8.76 14.56 -2.74
C SER A 68 8.37 13.46 -3.71
N LEU A 69 8.81 13.42 -4.92
CA LEU A 69 8.49 12.45 -5.95
C LEU A 69 8.59 11.02 -5.49
N PHE A 70 7.68 10.60 -4.67
CA PHE A 70 7.51 9.30 -4.05
C PHE A 70 6.42 9.45 -2.96
N LEU A 71 6.42 10.53 -2.27
CA LEU A 71 5.43 10.75 -1.20
C LEU A 71 4.04 11.00 -1.77
N SER A 72 3.03 10.73 -0.96
CA SER A 72 1.62 10.97 -1.25
C SER A 72 1.12 12.03 -0.23
N THR A 73 2.02 12.91 0.08
CA THR A 73 1.82 14.00 1.05
C THR A 73 2.57 15.20 0.49
N PRO A 74 1.79 16.10 -0.10
CA PRO A 74 2.35 17.25 -0.80
C PRO A 74 3.09 18.21 0.08
N LYS A 75 2.53 18.49 1.24
CA LYS A 75 3.19 19.56 2.10
C LYS A 75 3.91 18.93 3.28
N ILE A 76 5.14 19.35 3.38
CA ILE A 76 6.12 19.02 4.41
C ILE A 76 6.79 20.32 4.89
N VAL A 77 6.41 20.75 6.08
CA VAL A 77 6.93 22.04 6.60
C VAL A 77 7.80 21.79 7.82
N PHE A 78 8.54 22.83 8.16
CA PHE A 78 9.47 22.82 9.31
C PHE A 78 9.51 24.20 9.98
N GLY A 79 9.61 24.15 11.30
CA GLY A 79 9.73 25.29 12.16
C GLY A 79 10.68 25.13 13.35
N LYS A 80 11.13 26.28 13.80
CA LYS A 80 12.00 26.51 14.97
C LYS A 80 11.09 26.76 16.16
N ASP A 81 9.84 27.07 15.81
CA ASP A 81 8.76 27.35 16.74
C ASP A 81 7.50 26.54 16.32
N TYR A 82 6.65 26.47 17.31
CA TYR A 82 5.39 25.74 17.35
C TYR A 82 4.30 26.40 16.56
N ASN A 83 4.58 27.64 16.18
CA ASN A 83 3.63 28.37 15.33
C ASN A 83 3.43 27.53 14.06
N VAL A 84 4.47 26.78 13.79
CA VAL A 84 4.59 25.96 12.56
C VAL A 84 3.83 24.66 12.70
N SER A 85 2.96 24.60 13.69
CA SER A 85 2.19 23.39 14.03
C SER A 85 0.69 23.63 13.97
N ALA A 86 0.33 24.86 13.61
CA ALA A 86 -1.05 25.32 13.61
C ALA A 86 -2.01 24.33 12.98
N ASN A 87 -2.88 23.81 13.82
CA ASN A 87 -4.02 22.96 13.44
C ASN A 87 -3.63 21.55 13.04
N SER A 88 -2.73 20.99 13.85
CA SER A 88 -2.30 19.60 13.68
C SER A 88 -3.42 18.72 14.24
N LYS A 89 -3.55 17.54 13.71
CA LYS A 89 -4.55 16.58 14.31
C LYS A 89 -3.80 15.70 15.31
N LEU A 90 -2.53 15.45 15.07
CA LEU A 90 -1.68 14.60 15.88
C LEU A 90 -0.25 15.16 16.01
N VAL A 91 0.14 15.34 17.25
CA VAL A 91 1.47 15.80 17.60
C VAL A 91 2.23 14.68 18.32
N ILE A 92 3.46 14.43 17.89
CA ILE A 92 4.27 13.36 18.52
C ILE A 92 5.61 13.93 18.98
N ILE A 93 5.67 14.00 20.31
CA ILE A 93 6.74 14.53 21.13
C ILE A 93 7.87 13.52 21.20
N THR A 94 8.99 13.83 20.61
CA THR A 94 10.16 12.93 20.68
C THR A 94 11.42 13.77 20.78
N ALA A 95 11.51 14.51 21.85
CA ALA A 95 12.58 15.42 22.17
C ALA A 95 12.84 15.29 23.68
N GLY A 96 14.12 15.30 24.02
CA GLY A 96 14.53 15.20 25.38
C GLY A 96 15.98 14.94 25.67
N ALA A 97 16.35 13.69 25.65
CA ALA A 97 17.68 13.25 26.14
C ALA A 97 17.61 11.73 26.00
N ARG A 98 18.24 11.28 24.93
CA ARG A 98 18.11 9.90 24.53
C ARG A 98 19.25 8.94 24.75
N MET A 99 19.04 8.03 25.68
CA MET A 99 19.86 6.81 25.76
C MET A 99 21.32 7.03 26.08
N VAL A 100 21.91 6.00 26.66
CA VAL A 100 23.30 5.84 27.03
C VAL A 100 23.51 4.44 27.68
N SER A 101 24.31 3.65 26.99
CA SER A 101 24.71 2.31 27.46
C SER A 101 24.91 2.35 28.97
N GLY A 102 23.90 1.86 29.67
CA GLY A 102 23.95 1.81 31.16
C GLY A 102 22.82 2.69 31.69
N GLN A 103 23.06 3.97 31.49
CA GLN A 103 22.18 5.08 31.85
C GLN A 103 20.72 4.63 31.92
N THR A 104 20.27 4.40 30.69
CA THR A 104 18.85 4.10 30.37
C THR A 104 18.29 3.29 31.53
N ARG A 105 17.29 3.91 32.05
CA ARG A 105 16.39 3.57 33.13
C ARG A 105 15.38 4.74 33.11
N LEU A 106 14.88 5.17 34.23
CA LEU A 106 13.96 6.35 34.24
C LEU A 106 14.84 7.51 34.76
N ASP A 107 16.08 7.45 34.28
CA ASP A 107 17.11 8.41 34.62
C ASP A 107 16.88 9.69 33.81
N LEU A 108 16.54 9.49 32.56
CA LEU A 108 16.36 10.61 31.62
C LEU A 108 15.09 11.34 32.04
N LEU A 109 14.85 11.42 33.34
CA LEU A 109 13.58 11.90 33.86
C LEU A 109 13.50 13.30 34.39
N GLN A 110 14.20 13.66 35.42
CA GLN A 110 14.05 15.06 35.92
C GLN A 110 14.51 15.97 34.78
N ARG A 111 15.42 15.38 34.04
CA ARG A 111 16.07 15.84 32.84
C ARG A 111 15.09 16.21 31.74
N ASN A 112 14.10 15.33 31.63
CA ASN A 112 13.10 15.50 30.54
C ASN A 112 11.92 16.32 30.97
N VAL A 113 11.37 16.12 32.13
CA VAL A 113 10.23 16.96 32.58
C VAL A 113 10.56 18.41 32.24
N ALA A 114 11.85 18.71 32.34
CA ALA A 114 12.40 20.03 32.00
C ALA A 114 12.17 20.20 30.50
N ILE A 115 12.73 19.31 29.71
CA ILE A 115 12.53 19.31 28.25
C ILE A 115 11.04 19.62 27.99
N MET A 116 10.16 19.01 28.76
CA MET A 116 8.72 19.16 28.58
C MET A 116 8.25 20.56 28.95
N LYS A 117 8.19 20.90 30.21
CA LYS A 117 7.70 22.20 30.68
C LYS A 117 7.76 23.25 29.57
N ALA A 118 8.86 23.23 28.86
CA ALA A 118 9.15 24.03 27.69
C ALA A 118 8.45 23.60 26.41
N ILE A 119 8.93 22.50 25.87
CA ILE A 119 8.53 21.90 24.59
C ILE A 119 7.03 21.75 24.40
N VAL A 120 6.46 20.95 25.26
CA VAL A 120 5.00 20.53 25.24
C VAL A 120 4.15 21.75 25.29
N PRO A 121 3.23 21.92 26.20
CA PRO A 121 2.47 23.17 26.40
C PRO A 121 3.14 24.36 25.76
N GLY A 122 2.42 24.88 24.80
CA GLY A 122 2.96 25.93 23.88
C GLY A 122 2.59 25.34 22.48
N VAL A 123 3.05 24.12 22.25
CA VAL A 123 2.67 23.36 21.07
C VAL A 123 1.11 23.36 21.01
N ILE A 124 0.57 23.13 22.18
CA ILE A 124 -0.87 23.01 22.42
C ILE A 124 -1.56 24.33 22.20
N GLN A 125 -0.89 25.41 22.57
CA GLN A 125 -1.53 26.75 22.42
C GLN A 125 -1.87 26.92 20.95
N ASN A 126 -1.08 26.30 20.11
CA ASN A 126 -1.26 26.31 18.66
C ASN A 126 -2.42 25.40 18.24
N SER A 127 -2.22 24.10 18.29
CA SER A 127 -3.30 23.17 17.92
C SER A 127 -4.02 22.73 19.19
N PRO A 128 -4.91 23.64 19.62
CA PRO A 128 -5.67 23.46 20.84
C PRO A 128 -6.41 22.15 21.01
N ASP A 129 -6.94 21.60 19.94
CA ASP A 129 -7.74 20.35 19.97
C ASP A 129 -6.87 19.17 19.48
N CYS A 130 -5.57 19.34 19.56
CA CYS A 130 -4.63 18.32 19.05
C CYS A 130 -4.79 17.03 19.86
N LYS A 131 -4.06 16.04 19.41
CA LYS A 131 -4.05 14.73 20.12
C LYS A 131 -2.60 14.33 20.25
N ILE A 132 -2.14 13.97 21.44
CA ILE A 132 -0.74 13.67 21.57
C ILE A 132 -0.40 12.22 21.93
N ILE A 133 0.59 11.78 21.16
CA ILE A 133 1.31 10.54 21.31
C ILE A 133 2.65 11.02 21.95
N VAL A 134 3.02 10.43 23.03
CA VAL A 134 4.28 10.83 23.72
C VAL A 134 5.22 9.66 23.49
N VAL A 135 6.35 9.90 22.86
CA VAL A 135 7.32 8.81 22.61
C VAL A 135 8.49 8.88 23.57
N THR A 136 8.91 10.10 23.95
CA THR A 136 10.09 10.31 24.76
C THR A 136 10.40 9.21 25.75
N ASN A 137 9.93 8.96 26.98
CA ASN A 137 10.38 7.69 27.55
C ASN A 137 10.08 6.72 28.61
N PRO A 138 9.83 6.73 29.91
CA PRO A 138 9.55 8.01 30.68
C PRO A 138 8.20 8.43 30.16
N VAL A 139 7.78 7.68 29.16
CA VAL A 139 6.56 7.76 28.40
C VAL A 139 5.45 7.86 29.43
N ASP A 140 5.56 6.95 30.37
CA ASP A 140 4.60 6.85 31.49
C ASP A 140 4.62 8.22 32.18
N ILE A 141 5.65 8.41 32.96
CA ILE A 141 5.89 9.60 33.78
C ILE A 141 5.79 10.90 33.01
N LEU A 142 6.11 10.90 31.76
CA LEU A 142 6.10 12.03 30.83
C LEU A 142 4.66 12.22 30.38
N THR A 143 4.02 11.13 30.00
CA THR A 143 2.58 11.17 29.65
C THR A 143 1.90 11.97 30.78
N TYR A 144 2.28 11.56 32.00
CA TYR A 144 1.77 12.18 33.23
C TYR A 144 2.13 13.66 33.25
N VAL A 145 3.40 13.94 33.18
CA VAL A 145 3.90 15.33 33.07
C VAL A 145 3.04 16.09 32.04
N VAL A 146 3.13 15.65 30.79
CA VAL A 146 2.42 16.29 29.70
C VAL A 146 0.93 16.41 30.04
N TRP A 147 0.35 15.30 30.46
CA TRP A 147 -1.07 15.25 30.80
C TRP A 147 -1.43 16.51 31.63
N LYS A 148 -0.66 16.58 32.68
CA LYS A 148 -0.68 17.56 33.75
C LYS A 148 -0.43 18.97 33.25
N ILE A 149 0.70 19.08 32.57
CA ILE A 149 1.26 20.32 32.06
C ILE A 149 0.43 20.88 30.92
N SER A 150 -0.27 20.00 30.23
CA SER A 150 -1.13 20.42 29.10
C SER A 150 -2.51 20.78 29.66
N GLY A 151 -3.17 19.78 30.22
CA GLY A 151 -4.48 19.97 30.82
C GLY A 151 -5.67 19.57 29.97
N PHE A 152 -5.42 18.73 28.98
CA PHE A 152 -6.59 18.25 28.18
C PHE A 152 -6.81 16.78 28.57
N PRO A 153 -8.04 16.36 28.32
CA PRO A 153 -8.50 15.01 28.64
C PRO A 153 -7.54 13.94 28.17
N VAL A 154 -7.08 13.12 29.12
CA VAL A 154 -6.36 11.89 28.65
C VAL A 154 -7.44 11.25 27.73
N GLY A 155 -6.95 10.72 26.68
CA GLY A 155 -7.84 10.25 25.54
C GLY A 155 -7.00 10.95 24.42
N ARG A 156 -6.91 12.25 24.70
CA ARG A 156 -6.11 13.15 23.82
C ARG A 156 -4.66 12.85 24.10
N VAL A 157 -4.27 12.88 25.35
CA VAL A 157 -2.86 12.66 25.78
C VAL A 157 -2.53 11.19 26.00
N ILE A 158 -1.86 10.60 25.02
CA ILE A 158 -1.52 9.18 25.03
C ILE A 158 -0.01 8.94 24.96
N GLY A 159 0.37 7.69 25.22
CA GLY A 159 1.75 7.32 25.24
C GLY A 159 2.06 5.96 24.68
N SER A 160 3.18 5.94 24.00
CA SER A 160 3.85 4.84 23.36
C SER A 160 3.72 3.56 24.17
N GLY A 161 3.72 3.76 25.47
CA GLY A 161 3.58 2.63 26.41
C GLY A 161 4.33 1.40 25.94
N CYS A 162 3.63 0.29 25.94
CA CYS A 162 4.22 -1.04 25.65
C CYS A 162 3.84 -1.61 24.32
N ASN A 163 3.11 -0.80 23.56
CA ASN A 163 2.70 -1.24 22.19
C ASN A 163 3.94 -1.90 21.58
N LEU A 164 5.00 -1.15 21.78
CA LEU A 164 6.40 -1.46 21.51
C LEU A 164 6.77 -2.85 22.00
N ASP A 165 7.00 -2.95 23.30
CA ASP A 165 7.32 -4.15 24.07
C ASP A 165 6.54 -5.42 23.67
N SER A 166 5.22 -5.29 23.78
CA SER A 166 4.26 -6.33 23.38
C SER A 166 4.60 -6.90 22.00
N ALA A 167 4.98 -5.99 21.12
CA ALA A 167 5.37 -6.29 19.75
C ALA A 167 6.73 -7.00 19.80
N ARG A 168 7.57 -6.42 20.64
CA ARG A 168 8.96 -6.95 20.81
C ARG A 168 8.84 -8.43 21.21
N PHE A 169 7.80 -8.63 22.01
CA PHE A 169 7.35 -9.88 22.64
C PHE A 169 6.81 -10.82 21.57
N ARG A 170 5.68 -10.49 20.96
CA ARG A 170 5.09 -11.29 19.89
C ARG A 170 6.20 -11.76 18.94
N TYR A 171 7.19 -10.89 18.77
CA TYR A 171 8.33 -11.27 17.92
C TYR A 171 8.93 -12.55 18.53
N LEU A 172 9.81 -12.34 19.51
CA LEU A 172 10.52 -13.44 20.15
C LEU A 172 9.61 -14.68 20.25
N ILE A 173 8.47 -14.44 20.86
CA ILE A 173 7.47 -15.49 21.13
C ILE A 173 7.33 -16.37 19.89
N GLY A 174 7.06 -15.74 18.76
CA GLY A 174 6.89 -16.37 17.46
C GLY A 174 8.21 -16.94 16.92
N GLU A 175 9.30 -16.44 17.44
CA GLU A 175 10.66 -16.88 17.01
C GLU A 175 10.77 -18.36 17.36
N LYS A 176 9.94 -18.84 18.27
CA LYS A 176 10.05 -20.24 18.75
C LYS A 176 9.09 -21.25 18.17
N LEU A 177 7.86 -20.87 17.89
CA LEU A 177 6.83 -21.74 17.34
C LEU A 177 7.01 -21.89 15.81
N GLY A 178 7.45 -20.78 15.22
CA GLY A 178 7.65 -20.71 13.74
C GLY A 178 6.29 -20.28 13.16
N VAL A 179 5.81 -19.22 13.75
CA VAL A 179 4.49 -18.60 13.52
C VAL A 179 4.63 -17.09 13.63
N ASN A 180 3.95 -16.37 12.81
CA ASN A 180 4.02 -14.88 12.69
C ASN A 180 3.48 -14.20 13.92
N PRO A 181 4.15 -13.10 14.29
CA PRO A 181 3.91 -12.35 15.53
C PRO A 181 2.57 -11.63 15.54
N THR A 182 1.90 -11.85 14.46
CA THR A 182 0.59 -11.31 14.13
C THR A 182 -0.43 -12.40 14.50
N SER A 183 0.09 -13.58 14.27
CA SER A 183 -0.53 -14.86 14.41
C SER A 183 -0.26 -15.52 15.75
N CYS A 184 0.50 -14.92 16.62
CA CYS A 184 0.70 -15.35 18.01
C CYS A 184 0.19 -14.11 18.78
N HIS A 185 -0.33 -14.30 19.95
CA HIS A 185 -0.83 -13.09 20.70
C HIS A 185 -0.35 -13.26 22.13
N GLY A 186 -0.03 -12.15 22.75
CA GLY A 186 0.49 -12.07 24.13
C GLY A 186 0.51 -10.58 24.49
N TRP A 187 0.41 -10.26 25.74
CA TRP A 187 0.30 -8.84 26.18
C TRP A 187 1.34 -8.62 27.27
N VAL A 188 2.07 -7.53 27.23
CA VAL A 188 3.03 -7.19 28.30
C VAL A 188 2.62 -5.78 28.74
N LEU A 189 2.30 -5.62 30.01
CA LEU A 189 1.92 -4.25 30.46
C LEU A 189 2.62 -3.90 31.77
N GLY A 190 2.04 -2.88 32.40
CA GLY A 190 2.72 -2.29 33.58
C GLY A 190 3.59 -1.14 32.98
N GLU A 191 4.86 -1.26 33.23
CA GLU A 191 5.86 -0.28 32.80
C GLU A 191 6.55 -0.63 31.48
N HIS A 192 7.03 0.43 30.86
CA HIS A 192 7.79 0.42 29.61
C HIS A 192 9.26 0.57 30.04
N GLY A 193 9.83 -0.60 30.31
CA GLY A 193 11.19 -0.64 30.89
C GLY A 193 11.44 -1.95 31.62
N ASP A 194 11.53 -1.94 32.95
CA ASP A 194 11.93 -3.22 33.60
C ASP A 194 10.88 -3.75 34.56
N SER A 195 9.78 -3.09 34.62
CA SER A 195 8.70 -3.48 35.59
C SER A 195 7.63 -4.14 34.75
N SER A 196 8.11 -4.76 33.67
CA SER A 196 7.18 -5.25 32.63
C SER A 196 6.63 -6.62 33.00
N VAL A 197 5.38 -6.53 33.43
CA VAL A 197 4.68 -7.82 33.67
C VAL A 197 4.06 -8.09 32.30
N PRO A 198 4.59 -9.13 31.67
CA PRO A 198 3.88 -9.66 30.45
C PRO A 198 2.54 -10.11 31.00
N ILE A 199 1.67 -10.77 30.30
CA ILE A 199 0.47 -11.29 31.04
C ILE A 199 0.07 -12.61 30.37
N TRP A 200 0.90 -13.61 30.71
CA TRP A 200 0.78 -14.99 30.27
C TRP A 200 -0.65 -15.49 30.39
N SER A 201 -1.35 -15.16 31.46
CA SER A 201 -2.74 -15.63 31.66
C SER A 201 -3.43 -15.72 30.29
N GLY A 202 -3.21 -14.74 29.43
CA GLY A 202 -3.81 -14.65 28.13
C GLY A 202 -2.96 -14.66 26.90
N VAL A 203 -2.43 -15.81 26.50
CA VAL A 203 -1.48 -15.92 25.38
C VAL A 203 -1.81 -17.00 24.38
N ASN A 204 -2.47 -16.62 23.29
CA ASN A 204 -2.90 -17.46 22.20
C ASN A 204 -1.78 -17.75 21.17
N VAL A 205 -2.19 -18.43 20.16
CA VAL A 205 -1.73 -18.93 18.93
C VAL A 205 -2.92 -19.77 18.33
N ALA A 206 -4.08 -19.18 18.44
CA ALA A 206 -5.41 -19.58 18.06
C ALA A 206 -6.44 -18.81 18.91
N GLY A 207 -6.87 -19.36 20.02
CA GLY A 207 -7.89 -18.67 20.83
C GLY A 207 -7.75 -18.87 22.32
N VAL A 208 -8.51 -18.03 23.03
CA VAL A 208 -8.56 -18.03 24.50
C VAL A 208 -9.48 -19.17 24.97
N THR A 209 -8.88 -20.00 25.80
CA THR A 209 -9.52 -21.25 26.26
C THR A 209 -9.17 -22.23 25.14
N LEU A 210 -9.23 -21.68 23.92
CA LEU A 210 -8.78 -22.41 22.71
C LEU A 210 -7.25 -22.51 22.95
N LYS A 211 -6.49 -22.07 21.96
CA LYS A 211 -5.02 -22.18 22.15
C LYS A 211 -4.54 -20.98 22.95
N SER A 212 -4.64 -21.23 24.23
CA SER A 212 -4.10 -20.36 25.33
C SER A 212 -2.75 -21.01 25.57
N LEU A 213 -1.63 -20.34 25.76
CA LEU A 213 -0.36 -21.12 25.90
C LEU A 213 -0.34 -21.86 27.22
N ASN A 214 -1.31 -21.55 28.04
CA ASN A 214 -1.48 -22.06 29.40
C ASN A 214 -1.87 -23.54 29.50
N PRO A 215 -2.88 -23.98 28.78
CA PRO A 215 -3.38 -25.34 28.80
C PRO A 215 -2.35 -26.39 28.49
N ALA A 216 -1.25 -26.02 27.89
CA ALA A 216 -0.22 -27.04 27.55
C ALA A 216 0.97 -26.80 28.47
N ILE A 217 0.95 -25.62 29.07
CA ILE A 217 1.85 -25.15 30.11
C ILE A 217 3.18 -25.81 30.28
N GLY A 218 4.17 -25.52 29.44
CA GLY A 218 5.59 -26.00 29.77
C GLY A 218 6.03 -25.00 30.88
N THR A 219 5.04 -24.50 31.53
CA THR A 219 4.66 -23.57 32.50
C THR A 219 4.35 -22.26 31.72
N ASP A 220 5.15 -21.30 31.92
CA ASP A 220 5.07 -19.93 31.43
C ASP A 220 4.95 -19.11 32.76
N LYS A 221 6.13 -18.90 33.29
CA LYS A 221 6.42 -18.23 34.56
C LYS A 221 7.05 -19.27 35.52
N ASN A 222 6.23 -19.97 36.24
CA ASN A 222 6.50 -20.95 37.27
C ASN A 222 7.41 -22.08 36.81
N LYS A 223 8.19 -21.78 35.81
CA LYS A 223 9.23 -22.49 35.16
C LYS A 223 9.04 -22.73 33.64
N GLN A 224 9.90 -23.62 33.22
CA GLN A 224 10.30 -24.27 32.04
C GLN A 224 10.25 -23.36 30.81
N HIS A 225 11.24 -22.50 30.88
CA HIS A 225 11.74 -21.51 29.97
C HIS A 225 10.66 -20.91 29.11
N TRP A 226 10.47 -19.64 29.27
CA TRP A 226 9.48 -18.80 28.60
C TRP A 226 9.57 -17.45 29.35
N LYS A 227 9.93 -17.58 30.62
CA LYS A 227 10.13 -16.38 31.46
C LYS A 227 11.14 -15.50 30.66
N ASN A 228 12.04 -16.31 30.07
CA ASN A 228 13.13 -15.77 29.31
C ASN A 228 12.57 -14.95 28.15
N VAL A 229 11.52 -15.42 27.51
CA VAL A 229 10.98 -14.58 26.39
C VAL A 229 10.82 -13.16 26.99
N HIS A 230 10.29 -13.18 28.21
CA HIS A 230 10.07 -11.92 28.93
C HIS A 230 11.37 -11.25 29.36
N LYS A 231 12.33 -12.06 29.80
CA LYS A 231 13.63 -11.51 30.23
C LYS A 231 14.40 -11.02 29.01
N GLN A 232 14.11 -11.65 27.91
CA GLN A 232 14.68 -11.39 26.60
C GLN A 232 14.04 -10.10 26.09
N VAL A 233 12.77 -9.95 26.41
CA VAL A 233 12.01 -8.76 26.00
C VAL A 233 12.68 -7.53 26.57
N VAL A 234 12.53 -7.39 27.87
CA VAL A 234 13.12 -6.26 28.62
C VAL A 234 14.58 -6.07 28.25
N GLU A 235 15.45 -6.97 28.62
CA GLU A 235 16.87 -6.87 28.23
C GLU A 235 16.99 -6.36 26.79
N GLY A 236 16.18 -6.94 25.93
CA GLY A 236 16.08 -6.70 24.51
C GLY A 236 16.09 -5.21 24.14
N GLY A 237 15.58 -4.41 25.07
CA GLY A 237 15.49 -2.94 24.77
C GLY A 237 16.92 -2.40 24.83
N TYR A 238 17.62 -2.95 25.81
CA TYR A 238 18.98 -2.55 26.19
C TYR A 238 20.02 -2.96 25.18
N GLU A 239 20.07 -4.21 24.83
CA GLU A 239 21.02 -4.79 23.89
C GLU A 239 21.12 -4.06 22.57
N VAL A 240 20.00 -3.50 22.12
CA VAL A 240 19.93 -2.77 20.88
C VAL A 240 20.93 -1.58 20.91
N LEU A 241 20.59 -0.75 21.90
CA LEU A 241 21.29 0.54 21.99
C LEU A 241 22.77 0.26 22.17
N ASP A 242 23.10 -0.67 23.04
CA ASP A 242 24.52 -0.97 23.31
C ASP A 242 25.25 -1.03 21.96
N MET A 243 24.57 -1.55 20.97
CA MET A 243 25.15 -1.80 19.65
C MET A 243 25.04 -0.75 18.56
N LYS A 244 23.86 -0.32 18.16
CA LYS A 244 23.77 0.69 17.07
C LYS A 244 23.93 2.07 17.72
N GLY A 245 23.84 2.02 19.04
CA GLY A 245 23.95 3.18 19.92
C GLY A 245 22.68 4.00 19.92
N TYR A 246 21.54 3.37 19.96
CA TYR A 246 20.23 4.02 20.03
C TYR A 246 19.12 3.02 19.61
N THR A 247 17.92 3.48 19.86
CA THR A 247 16.65 2.77 19.62
C THR A 247 15.87 3.55 18.58
N SER A 248 15.89 3.15 17.31
CA SER A 248 15.26 3.90 16.23
C SER A 248 14.06 3.36 15.52
N TRP A 249 14.23 2.54 14.50
CA TRP A 249 13.21 1.98 13.64
C TRP A 249 11.93 1.55 14.35
N ALA A 250 12.04 0.44 15.05
CA ALA A 250 11.00 -0.26 15.78
C ALA A 250 10.16 0.66 16.65
N ILE A 251 10.74 1.75 17.13
CA ILE A 251 9.88 2.68 17.94
C ILE A 251 8.94 3.41 16.98
N GLY A 252 9.52 3.64 15.80
CA GLY A 252 8.88 4.46 14.76
C GLY A 252 7.62 3.74 14.31
N LEU A 253 7.89 2.56 13.76
CA LEU A 253 6.83 1.67 13.25
C LEU A 253 5.74 1.59 14.29
N SER A 254 6.10 1.31 15.52
CA SER A 254 5.10 1.24 16.60
C SER A 254 4.13 2.41 16.55
N VAL A 255 4.66 3.60 16.66
CA VAL A 255 3.90 4.84 16.76
C VAL A 255 2.93 5.06 15.62
N THR A 256 3.53 4.85 14.43
CA THR A 256 2.81 5.10 13.17
C THR A 256 1.62 4.16 13.13
N ASP A 257 1.79 3.09 13.87
CA ASP A 257 0.78 2.01 14.03
C ASP A 257 -0.28 2.50 15.01
N LEU A 258 0.09 3.49 15.82
CA LEU A 258 -0.82 4.13 16.77
C LEU A 258 -1.61 5.20 16.01
N ALA A 259 -0.87 5.95 15.22
CA ALA A 259 -1.41 7.01 14.35
C ALA A 259 -2.48 6.44 13.43
N ARG A 260 -2.06 5.42 12.70
CA ARG A 260 -2.79 4.64 11.73
C ARG A 260 -4.21 4.35 12.25
N SER A 261 -4.19 3.92 13.49
CA SER A 261 -5.39 3.52 14.22
C SER A 261 -6.23 4.75 14.55
N ILE A 262 -5.57 5.71 15.17
CA ILE A 262 -6.23 6.98 15.51
C ILE A 262 -6.81 7.58 14.23
N LEU A 263 -5.98 8.01 13.33
CA LEU A 263 -6.34 8.65 12.08
C LEU A 263 -7.42 7.95 11.25
N LYS A 264 -7.35 6.66 11.02
CA LYS A 264 -8.33 5.98 10.15
C LYS A 264 -9.51 5.48 10.96
N ASN A 265 -9.59 5.98 12.18
CA ASN A 265 -10.58 5.65 13.19
C ASN A 265 -10.80 4.15 13.34
N LEU A 266 -9.74 3.39 13.19
CA LEU A 266 -9.77 1.92 13.24
C LEU A 266 -10.38 1.27 14.47
N LYS A 267 -10.40 1.98 15.57
CA LYS A 267 -10.88 1.47 16.86
C LYS A 267 -10.27 0.09 17.13
N ARG A 268 -9.01 0.01 16.74
CA ARG A 268 -8.09 -1.11 16.99
C ARG A 268 -7.62 -0.89 18.46
N VAL A 269 -7.82 -1.92 19.25
CA VAL A 269 -7.39 -1.85 20.67
C VAL A 269 -5.86 -1.93 20.67
N HIS A 270 -5.31 -1.34 21.71
CA HIS A 270 -3.88 -1.14 21.90
C HIS A 270 -3.45 -1.06 23.36
N PRO A 271 -2.21 -1.46 23.53
CA PRO A 271 -1.55 -1.28 24.85
C PRO A 271 -0.80 0.05 24.71
N VAL A 272 -1.26 0.99 25.47
CA VAL A 272 -0.76 2.37 25.51
C VAL A 272 -0.83 2.83 26.94
N THR A 273 -0.22 3.93 27.29
CA THR A 273 -0.26 4.47 28.64
C THR A 273 -1.41 5.45 28.86
N THR A 274 -2.04 5.34 30.00
CA THR A 274 -3.12 6.19 30.45
C THR A 274 -3.25 6.01 31.97
N LEU A 275 -4.17 6.79 32.47
CA LEU A 275 -4.47 6.89 33.89
C LEU A 275 -5.21 5.67 34.40
N VAL A 276 -4.46 4.83 35.07
CA VAL A 276 -5.07 3.65 35.73
C VAL A 276 -5.51 4.07 37.15
N LYS A 277 -5.62 5.37 37.31
CA LYS A 277 -5.99 6.12 38.47
C LYS A 277 -6.75 5.31 39.52
N GLY A 278 -7.69 4.50 39.09
CA GLY A 278 -8.50 3.73 40.04
C GLY A 278 -8.93 2.40 39.42
N PHE A 279 -8.00 1.68 38.88
CA PHE A 279 -8.25 0.34 38.27
C PHE A 279 -7.47 -0.66 39.14
N HIS A 280 -7.84 -1.89 39.06
CA HIS A 280 -7.22 -3.00 39.77
C HIS A 280 -6.40 -2.66 41.00
N GLY A 281 -6.97 -1.86 41.89
CA GLY A 281 -6.37 -1.50 43.17
C GLY A 281 -5.62 -0.19 43.16
N ILE A 282 -5.02 0.13 42.01
CA ILE A 282 -4.31 1.41 41.88
C ILE A 282 -5.36 2.53 42.03
N LYS A 283 -5.02 3.42 42.95
CA LYS A 283 -5.87 4.57 43.26
C LYS A 283 -4.97 5.77 43.53
N GLU A 284 -4.46 6.34 42.46
CA GLU A 284 -3.54 7.50 42.51
C GLU A 284 -3.06 7.69 41.06
N GLU A 285 -3.25 8.87 40.54
CA GLU A 285 -3.04 9.36 39.19
C GLU A 285 -1.72 8.89 38.54
N VAL A 286 -1.47 7.62 38.65
CA VAL A 286 -0.43 6.84 38.06
C VAL A 286 -0.93 6.43 36.65
N PHE A 287 -0.09 6.74 35.72
CA PHE A 287 -0.26 6.43 34.31
C PHE A 287 0.77 5.30 34.01
N LEU A 288 0.27 4.15 33.70
CA LEU A 288 1.10 3.03 33.17
C LEU A 288 0.22 2.59 31.97
N SER A 289 0.65 1.55 31.29
CA SER A 289 -0.10 1.14 30.08
C SER A 289 -1.00 -0.06 30.30
N ILE A 290 -2.08 -0.01 29.57
CA ILE A 290 -3.19 -1.00 29.59
C ILE A 290 -3.81 -1.08 28.22
N PRO A 291 -4.37 -2.24 27.90
CA PRO A 291 -5.04 -2.42 26.57
C PRO A 291 -6.27 -1.52 26.50
N CYS A 292 -6.23 -0.58 25.57
CA CYS A 292 -7.25 0.42 25.28
C CYS A 292 -7.57 0.45 23.78
N VAL A 293 -8.78 0.93 23.52
CA VAL A 293 -9.30 1.11 22.15
C VAL A 293 -9.10 2.59 21.76
N LEU A 294 -8.48 2.72 20.60
CA LEU A 294 -8.11 3.99 19.98
C LEU A 294 -8.87 4.31 18.70
N GLY A 295 -9.34 5.54 18.61
CA GLY A 295 -10.05 6.03 17.43
C GLY A 295 -9.76 7.52 17.23
N GLU A 296 -10.39 8.12 16.28
CA GLU A 296 -10.37 9.51 15.88
C GLU A 296 -10.15 10.42 17.09
N SER A 297 -11.03 10.25 18.07
CA SER A 297 -11.11 11.03 19.29
C SER A 297 -10.27 10.63 20.48
N GLY A 298 -9.28 9.78 20.35
CA GLY A 298 -8.37 9.48 21.48
C GLY A 298 -8.51 8.05 21.95
N ILE A 299 -8.36 7.91 23.28
CA ILE A 299 -8.67 6.61 23.92
C ILE A 299 -10.20 6.78 24.11
N THR A 300 -10.89 5.77 23.71
CA THR A 300 -12.38 5.81 23.74
C THR A 300 -12.82 5.12 25.02
N ASP A 301 -12.18 3.97 25.14
CA ASP A 301 -12.49 3.03 26.24
C ASP A 301 -11.25 2.21 26.56
N PHE A 302 -11.30 1.61 27.72
CA PHE A 302 -10.21 0.80 28.29
C PHE A 302 -10.64 -0.69 28.25
N VAL A 303 -9.62 -1.54 28.33
CA VAL A 303 -9.92 -3.00 28.38
C VAL A 303 -9.28 -3.47 29.69
N LYS A 304 -10.19 -3.95 30.52
CA LYS A 304 -9.90 -4.45 31.87
C LYS A 304 -9.77 -5.96 31.83
N VAL A 305 -8.53 -6.37 31.72
CA VAL A 305 -8.01 -7.71 31.68
C VAL A 305 -8.14 -8.44 33.03
N ASN A 306 -7.80 -9.72 32.94
CA ASN A 306 -7.79 -10.67 34.05
C ASN A 306 -6.36 -11.02 34.49
N MET A 307 -5.75 -10.13 35.27
CA MET A 307 -4.37 -10.46 35.74
C MET A 307 -4.66 -11.45 36.89
N THR A 308 -3.83 -12.48 36.99
CA THR A 308 -3.91 -13.46 38.07
C THR A 308 -3.53 -12.69 39.35
N ALA A 309 -3.93 -13.20 40.47
CA ALA A 309 -3.65 -12.57 41.78
C ALA A 309 -2.46 -11.64 41.66
N GLU A 310 -1.31 -12.19 41.30
CA GLU A 310 -0.08 -11.39 41.20
C GLU A 310 0.09 -10.67 39.88
N GLU A 311 -0.38 -11.20 38.76
CA GLU A 311 -0.30 -10.35 37.51
C GLU A 311 -0.79 -8.98 37.97
N GLU A 312 -1.84 -9.00 38.77
CA GLU A 312 -2.44 -7.83 39.43
C GLU A 312 -1.49 -7.30 40.51
N GLY A 313 -0.79 -8.24 41.08
CA GLY A 313 0.24 -8.01 42.12
C GLY A 313 1.28 -7.05 41.51
N LEU A 314 2.05 -7.62 40.60
CA LEU A 314 3.09 -6.92 39.84
C LEU A 314 2.55 -5.59 39.34
N LEU A 315 1.50 -5.67 38.52
CA LEU A 315 0.92 -4.38 38.05
C LEU A 315 0.71 -3.46 39.23
N LYS A 316 0.02 -3.93 40.27
CA LYS A 316 -0.20 -3.09 41.46
C LYS A 316 1.12 -2.43 41.89
N LYS A 317 2.20 -3.17 41.77
CA LYS A 317 3.56 -2.81 42.11
C LYS A 317 4.14 -1.73 41.23
N SER A 318 4.21 -1.96 39.93
CA SER A 318 4.71 -0.93 39.00
C SER A 318 4.04 0.39 39.43
N ALA A 319 2.75 0.37 39.22
CA ALA A 319 1.87 1.48 39.51
C ALA A 319 2.53 2.44 40.49
N ASP A 320 2.85 1.80 41.61
CA ASP A 320 3.50 2.42 42.76
C ASP A 320 4.90 2.86 42.49
N THR A 321 5.81 2.01 42.06
CA THR A 321 7.16 2.49 41.68
C THR A 321 6.94 3.85 40.97
N LEU A 322 6.33 3.67 39.81
CA LEU A 322 5.94 4.76 38.94
C LEU A 322 5.35 5.92 39.75
N TRP A 323 4.66 5.58 40.82
CA TRP A 323 3.94 6.54 41.64
C TRP A 323 4.76 7.50 42.46
N ASN A 324 5.54 7.06 43.45
CA ASN A 324 6.17 8.15 44.26
C ASN A 324 6.89 9.03 43.19
N MET A 325 7.62 8.35 42.34
CA MET A 325 8.37 9.06 41.28
C MET A 325 7.69 10.39 40.88
N GLN A 326 6.39 10.36 40.77
CA GLN A 326 5.51 11.46 40.48
C GLN A 326 5.24 12.47 41.58
N LYS A 327 5.90 12.45 42.71
CA LYS A 327 5.76 13.53 43.72
C LYS A 327 6.59 14.68 43.08
N ASN A 328 5.95 15.26 42.05
CA ASN A 328 6.64 16.17 41.16
C ASN A 328 6.33 17.64 41.17
N LEU A 329 7.14 18.29 40.37
CA LEU A 329 7.34 19.64 39.96
C LEU A 329 8.86 19.77 39.70
N GLU A 330 9.35 20.97 39.39
CA GLU A 330 10.78 21.17 39.18
C GLU A 330 11.53 21.28 40.52
N LEU A 331 10.76 21.41 41.59
CA LEU A 331 11.23 21.53 42.97
C LEU A 331 12.48 20.67 43.19
N SER B 1 14.76 3.00 -38.82
CA SER B 1 13.88 3.56 -39.81
C SER B 1 12.57 4.09 -39.22
N THR B 2 12.05 3.35 -38.28
CA THR B 2 10.86 3.52 -37.52
C THR B 2 11.05 4.31 -36.22
N VAL B 3 9.90 4.80 -35.71
CA VAL B 3 10.00 5.49 -34.38
C VAL B 3 10.57 4.41 -33.42
N LYS B 4 10.00 3.22 -33.45
CA LYS B 4 10.54 2.17 -32.57
C LYS B 4 12.07 2.15 -32.80
N GLU B 5 12.40 1.78 -34.02
CA GLU B 5 13.79 1.62 -34.43
C GLU B 5 14.57 2.90 -34.20
N GLN B 6 13.86 3.95 -33.83
CA GLN B 6 14.49 5.26 -33.61
C GLN B 6 14.52 5.66 -32.14
N LEU B 7 13.45 5.55 -31.39
CA LEU B 7 13.35 5.98 -30.00
C LEU B 7 14.00 5.05 -29.00
N ILE B 8 13.85 3.78 -29.17
CA ILE B 8 14.31 2.75 -28.23
C ILE B 8 15.49 1.94 -28.73
N GLN B 9 16.43 1.71 -27.82
CA GLN B 9 17.61 0.90 -28.12
C GLN B 9 17.65 -0.36 -27.26
N ASN B 10 17.58 -1.45 -27.94
CA ASN B 10 17.61 -2.85 -27.64
C ASN B 10 18.93 -3.38 -27.11
N LEU B 11 19.14 -3.34 -25.80
CA LEU B 11 20.38 -3.82 -25.15
C LEU B 11 20.57 -5.33 -25.30
N VAL B 12 21.18 -5.67 -26.37
CA VAL B 12 21.57 -6.95 -26.96
C VAL B 12 21.08 -8.13 -26.15
N PRO B 13 21.93 -9.12 -25.97
CA PRO B 13 21.51 -10.42 -25.38
C PRO B 13 20.76 -10.25 -24.08
N GLU B 14 19.71 -11.03 -23.92
CA GLU B 14 18.82 -11.00 -22.76
C GLU B 14 17.89 -9.78 -22.89
N ASP B 15 16.88 -10.11 -23.68
CA ASP B 15 15.77 -9.28 -24.11
C ASP B 15 14.48 -10.13 -24.10
N LYS B 16 14.36 -10.94 -23.06
CA LYS B 16 13.27 -11.87 -22.81
C LYS B 16 13.48 -12.52 -21.42
N LEU B 17 12.42 -12.93 -20.74
CA LEU B 17 12.49 -13.57 -19.41
C LEU B 17 11.17 -14.31 -19.07
N SER B 18 10.99 -14.62 -17.77
CA SER B 18 9.77 -15.19 -17.21
C SER B 18 9.97 -15.62 -15.75
N ARG B 19 8.90 -15.74 -14.96
CA ARG B 19 9.00 -16.29 -13.60
C ARG B 19 7.74 -16.63 -12.83
N CYS B 20 7.23 -15.79 -11.95
CA CYS B 20 6.16 -16.09 -10.99
C CYS B 20 4.79 -15.46 -11.04
N LYS B 21 3.84 -16.12 -11.67
CA LYS B 21 2.47 -15.86 -11.99
C LYS B 21 1.37 -16.28 -11.00
N ILE B 22 0.21 -15.73 -11.28
CA ILE B 22 -1.09 -15.98 -10.68
C ILE B 22 -2.03 -16.28 -11.89
N THR B 23 -2.94 -17.19 -11.71
CA THR B 23 -3.90 -17.57 -12.76
C THR B 23 -5.25 -17.75 -12.08
N VAL B 24 -6.32 -17.38 -12.77
CA VAL B 24 -7.65 -17.64 -12.10
C VAL B 24 -8.58 -18.27 -13.13
N VAL B 25 -9.01 -19.50 -12.78
CA VAL B 25 -9.92 -20.24 -13.70
C VAL B 25 -11.33 -19.66 -13.49
N GLY B 26 -11.86 -19.15 -14.58
CA GLY B 26 -13.18 -18.57 -14.67
C GLY B 26 -13.23 -17.25 -13.90
N VAL B 27 -13.88 -16.29 -14.47
CA VAL B 27 -14.11 -14.95 -14.02
C VAL B 27 -15.58 -14.69 -13.69
N GLY B 28 -16.22 -15.71 -13.17
CA GLY B 28 -17.66 -15.47 -12.73
C GLY B 28 -17.45 -14.44 -11.60
N ASP B 29 -18.25 -13.43 -11.47
CA ASP B 29 -18.18 -12.40 -10.43
C ASP B 29 -17.05 -12.63 -9.40
N VAL B 30 -17.03 -13.78 -8.79
CA VAL B 30 -16.05 -14.24 -7.83
C VAL B 30 -14.66 -14.38 -8.45
N GLY B 31 -14.54 -15.29 -9.39
CA GLY B 31 -13.28 -15.55 -10.10
C GLY B 31 -12.64 -14.18 -10.35
N MET B 32 -13.53 -13.23 -10.61
CA MET B 32 -13.24 -11.87 -10.93
C MET B 32 -12.89 -10.89 -9.82
N ALA B 33 -13.62 -10.90 -8.72
CA ALA B 33 -13.41 -10.04 -7.57
C ALA B 33 -12.11 -10.47 -6.86
N CYS B 34 -11.87 -11.73 -7.11
CA CYS B 34 -10.67 -12.43 -6.54
C CYS B 34 -9.56 -12.10 -7.53
N ALA B 35 -9.96 -11.45 -8.63
CA ALA B 35 -9.01 -10.93 -9.62
C ALA B 35 -8.59 -9.51 -9.26
N ILE B 36 -9.37 -8.52 -9.56
CA ILE B 36 -9.11 -7.12 -9.29
C ILE B 36 -8.26 -6.87 -8.03
N SER B 37 -8.70 -7.52 -6.95
CA SER B 37 -8.02 -7.43 -5.65
C SER B 37 -6.62 -8.00 -5.68
N ILE B 38 -6.41 -9.13 -6.36
CA ILE B 38 -4.99 -9.60 -6.49
C ILE B 38 -4.21 -8.45 -7.13
N LEU B 39 -4.93 -7.63 -7.88
CA LEU B 39 -4.32 -6.47 -8.56
C LEU B 39 -4.12 -5.28 -7.63
N LEU B 40 -5.09 -5.00 -6.79
CA LEU B 40 -5.03 -3.83 -5.85
C LEU B 40 -4.10 -4.16 -4.72
N LYS B 41 -3.00 -4.74 -5.11
CA LYS B 41 -1.89 -5.27 -4.29
C LYS B 41 -0.84 -5.72 -5.30
N GLY B 42 0.29 -6.16 -4.81
CA GLY B 42 1.38 -6.52 -5.80
C GLY B 42 1.69 -7.96 -5.55
N LEU B 43 0.74 -8.80 -5.86
CA LEU B 43 1.02 -10.26 -5.59
C LEU B 43 1.65 -10.83 -6.84
N ALA B 44 1.21 -10.29 -8.00
CA ALA B 44 1.68 -10.93 -9.24
C ALA B 44 1.95 -9.95 -10.36
N ASP B 45 3.04 -10.23 -11.04
CA ASP B 45 3.54 -9.44 -12.16
C ASP B 45 3.04 -10.02 -13.48
N GLU B 46 2.47 -11.21 -13.41
CA GLU B 46 1.80 -11.87 -14.55
C GLU B 46 0.62 -12.62 -13.90
N LEU B 47 -0.53 -12.25 -14.37
CA LEU B 47 -1.80 -12.85 -13.93
C LEU B 47 -2.56 -13.21 -15.21
N ALA B 48 -2.66 -14.49 -15.43
CA ALA B 48 -3.31 -15.08 -16.60
C ALA B 48 -4.72 -15.52 -16.23
N LEU B 49 -5.69 -15.24 -17.06
CA LEU B 49 -7.08 -15.64 -16.64
C LEU B 49 -7.66 -16.60 -17.63
N VAL B 50 -7.89 -17.84 -17.19
CA VAL B 50 -8.44 -18.92 -18.01
C VAL B 50 -9.92 -19.17 -17.76
N ASP B 51 -10.69 -18.96 -18.81
CA ASP B 51 -12.16 -19.16 -18.83
C ASP B 51 -12.52 -19.89 -20.13
N ALA B 52 -13.69 -20.49 -20.16
CA ALA B 52 -14.13 -21.23 -21.34
C ALA B 52 -15.23 -20.47 -22.08
N ASP B 53 -15.62 -19.38 -21.45
CA ASP B 53 -16.76 -18.55 -21.94
C ASP B 53 -16.13 -17.35 -22.64
N THR B 54 -15.20 -17.74 -23.47
CA THR B 54 -14.36 -17.00 -24.39
C THR B 54 -14.75 -15.57 -24.65
N ASP B 55 -16.05 -15.37 -24.75
CA ASP B 55 -16.75 -14.11 -25.02
C ASP B 55 -16.42 -13.12 -23.90
N LYS B 56 -17.17 -13.19 -22.81
CA LYS B 56 -17.01 -12.36 -21.61
C LYS B 56 -15.55 -12.18 -21.18
N LEU B 57 -14.81 -13.28 -21.28
CA LEU B 57 -13.42 -13.20 -20.85
C LEU B 57 -12.66 -12.13 -21.63
N ARG B 58 -12.46 -12.30 -22.93
CA ARG B 58 -11.68 -11.35 -23.72
C ARG B 58 -12.30 -9.94 -23.59
N GLY B 59 -13.41 -9.85 -22.93
CA GLY B 59 -14.10 -8.57 -22.67
C GLY B 59 -13.57 -8.02 -21.35
N GLU B 60 -13.79 -8.82 -20.32
CA GLU B 60 -13.37 -8.59 -18.95
C GLU B 60 -11.85 -8.42 -18.90
N ALA B 61 -11.18 -9.31 -19.58
CA ALA B 61 -9.69 -9.28 -19.65
C ALA B 61 -9.25 -7.90 -20.15
N LEU B 62 -9.76 -7.50 -21.30
CA LEU B 62 -9.45 -6.23 -21.94
C LEU B 62 -9.81 -5.02 -21.08
N ASP B 63 -10.75 -5.25 -20.22
CA ASP B 63 -11.19 -4.20 -19.27
C ASP B 63 -10.01 -3.96 -18.34
N LEU B 64 -9.54 -5.06 -17.76
CA LEU B 64 -8.36 -4.97 -16.88
C LEU B 64 -7.18 -4.41 -17.66
N GLN B 65 -7.04 -4.81 -18.91
CA GLN B 65 -5.89 -4.39 -19.74
C GLN B 65 -5.96 -2.89 -19.96
N HIS B 66 -7.09 -2.38 -20.40
CA HIS B 66 -7.25 -0.94 -20.56
C HIS B 66 -6.86 -0.25 -19.25
N GLY B 67 -7.00 -1.01 -18.19
CA GLY B 67 -6.76 -0.60 -16.83
C GLY B 67 -5.32 -0.48 -16.43
N SER B 68 -4.44 -1.07 -17.19
CA SER B 68 -3.00 -1.00 -16.94
C SER B 68 -2.56 0.18 -16.10
N LEU B 69 -2.52 1.39 -16.56
CA LEU B 69 -2.09 2.59 -15.88
C LEU B 69 -2.73 2.78 -14.51
N PHE B 70 -2.33 1.97 -13.56
CA PHE B 70 -2.75 1.88 -12.18
C PHE B 70 -2.15 0.58 -11.60
N LEU B 71 -2.13 -0.45 -12.36
CA LEU B 71 -1.60 -1.74 -11.88
C LEU B 71 -0.09 -1.69 -11.73
N SER B 72 0.44 -2.56 -10.90
CA SER B 72 1.87 -2.75 -10.67
C SER B 72 2.20 -4.20 -11.13
N THR B 73 1.52 -4.59 -12.14
CA THR B 73 1.62 -5.93 -12.77
C THR B 73 1.46 -5.69 -14.27
N PRO B 74 2.61 -5.74 -14.94
CA PRO B 74 2.69 -5.42 -16.35
C PRO B 74 1.95 -6.38 -17.23
N LYS B 75 2.07 -7.67 -16.95
CA LYS B 75 1.44 -8.66 -17.91
C LYS B 75 0.21 -9.27 -17.29
N ILE B 76 -0.84 -9.21 -18.10
CA ILE B 76 -2.18 -9.73 -17.89
C ILE B 76 -2.60 -10.49 -19.15
N VAL B 77 -2.61 -11.80 -19.06
CA VAL B 77 -2.93 -12.64 -20.24
C VAL B 77 -4.23 -13.38 -20.01
N PHE B 78 -4.74 -13.89 -21.12
CA PHE B 78 -6.00 -14.67 -21.13
C PHE B 78 -5.93 -15.79 -22.18
N GLY B 79 -6.53 -16.92 -21.80
CA GLY B 79 -6.66 -18.09 -22.62
C GLY B 79 -7.99 -18.82 -22.49
N LYS B 80 -8.27 -19.55 -23.56
CA LYS B 80 -9.42 -20.44 -23.75
C LYS B 80 -8.99 -21.85 -23.31
N ASP B 81 -7.67 -21.96 -23.21
CA ASP B 81 -6.98 -23.18 -22.78
C ASP B 81 -5.92 -22.82 -21.72
N TYR B 82 -5.55 -23.88 -21.05
CA TYR B 82 -4.64 -23.96 -19.93
C TYR B 82 -3.19 -23.80 -20.32
N ASN B 83 -2.99 -23.88 -21.64
CA ASN B 83 -1.63 -23.66 -22.16
C ASN B 83 -1.18 -22.26 -21.69
N VAL B 84 -2.21 -21.46 -21.49
CA VAL B 84 -2.07 -20.03 -21.16
C VAL B 84 -1.78 -19.83 -19.69
N SER B 85 -1.39 -20.92 -19.03
CA SER B 85 -1.15 -20.94 -17.57
C SER B 85 0.27 -21.38 -17.24
N ALA B 86 1.03 -21.63 -18.29
CA ALA B 86 2.39 -22.17 -18.18
C ALA B 86 3.23 -21.48 -17.12
N ASN B 87 3.54 -22.24 -16.09
CA ASN B 87 4.48 -21.88 -15.03
C ASN B 87 3.92 -20.86 -14.04
N SER B 88 2.67 -21.12 -13.66
CA SER B 88 1.98 -20.32 -12.63
C SER B 88 2.55 -20.76 -11.28
N LYS B 89 2.55 -19.87 -10.33
CA LYS B 89 2.97 -20.28 -8.94
C LYS B 89 1.71 -20.64 -8.16
N LEU B 90 0.60 -19.99 -8.48
CA LEU B 90 -0.68 -20.15 -7.83
C LEU B 90 -1.85 -20.10 -8.81
N VAL B 91 -2.62 -21.18 -8.78
CA VAL B 91 -3.83 -21.33 -9.60
C VAL B 91 -5.06 -21.31 -8.69
N ILE B 92 -6.05 -20.53 -9.04
CA ILE B 92 -7.30 -20.45 -8.23
C ILE B 92 -8.51 -20.73 -9.11
N ILE B 93 -9.03 -21.92 -8.82
CA ILE B 93 -10.16 -22.57 -9.47
C ILE B 93 -11.45 -21.95 -8.98
N THR B 94 -12.15 -21.26 -9.84
CA THR B 94 -13.45 -20.66 -9.45
C THR B 94 -14.40 -20.75 -10.65
N ALA B 95 -14.68 -21.96 -11.03
CA ALA B 95 -15.52 -22.33 -12.16
C ALA B 95 -16.34 -23.54 -11.72
N GLY B 96 -17.61 -23.51 -12.11
CA GLY B 96 -18.52 -24.56 -11.80
C GLY B 96 -19.98 -24.34 -12.04
N ALA B 97 -20.62 -23.74 -11.06
CA ALA B 97 -22.11 -23.66 -11.05
C ALA B 97 -22.39 -22.95 -9.72
N ARG B 98 -22.67 -21.67 -9.86
CA ARG B 98 -22.75 -20.81 -8.69
C ARG B 98 -24.10 -20.34 -8.21
N MET B 99 -24.50 -20.86 -7.07
CA MET B 99 -25.57 -20.24 -6.27
C MET B 99 -26.94 -20.23 -6.93
N VAL B 100 -27.95 -20.19 -6.08
CA VAL B 100 -29.37 -20.09 -6.36
C VAL B 100 -30.15 -20.06 -5.02
N SER B 101 -30.82 -18.94 -4.81
CA SER B 101 -31.68 -18.71 -3.65
C SER B 101 -32.43 -20.03 -3.33
N GLY B 102 -31.91 -20.71 -2.33
CA GLY B 102 -32.55 -21.99 -1.89
C GLY B 102 -31.51 -23.10 -2.10
N GLN B 103 -31.30 -23.35 -3.37
CA GLN B 103 -30.38 -24.34 -3.92
C GLN B 103 -29.21 -24.60 -2.95
N THR B 104 -28.41 -23.54 -2.92
CA THR B 104 -27.11 -23.51 -2.22
C THR B 104 -27.26 -24.36 -0.96
N ARG B 105 -26.40 -25.33 -0.99
CA ARG B 105 -26.10 -26.39 -0.04
C ARG B 105 -24.89 -27.08 -0.71
N LEU B 106 -24.75 -28.37 -0.58
CA LEU B 106 -23.63 -29.08 -1.27
C LEU B 106 -24.31 -29.75 -2.49
N ASP B 107 -25.24 -28.99 -3.03
CA ASP B 107 -26.04 -29.39 -4.18
C ASP B 107 -25.20 -29.24 -5.45
N LEU B 108 -24.47 -28.15 -5.50
CA LEU B 108 -23.68 -27.81 -6.68
C LEU B 108 -22.51 -28.79 -6.73
N LEU B 109 -22.76 -30.02 -6.35
CA LEU B 109 -21.70 -31.00 -6.15
C LEU B 109 -21.47 -32.03 -7.20
N GLN B 110 -22.39 -32.91 -7.49
CA GLN B 110 -22.07 -33.94 -8.55
C GLN B 110 -21.82 -33.16 -9.84
N ARG B 111 -22.51 -32.04 -9.86
CA ARG B 111 -22.52 -31.00 -10.85
C ARG B 111 -21.13 -30.43 -11.11
N ASN B 112 -20.44 -30.24 -10.00
CA ASN B 112 -19.10 -29.60 -10.08
C ASN B 112 -18.00 -30.61 -10.24
N VAL B 113 -18.00 -31.70 -9.53
CA VAL B 113 -16.92 -32.73 -9.71
C VAL B 113 -16.72 -32.91 -11.22
N ALA B 114 -17.83 -32.77 -11.94
CA ALA B 114 -17.85 -32.84 -13.42
C ALA B 114 -17.04 -31.65 -13.90
N ILE B 115 -17.47 -30.45 -13.55
CA ILE B 115 -16.74 -29.22 -13.86
C ILE B 115 -15.25 -29.49 -13.66
N MET B 116 -14.91 -30.17 -12.57
CA MET B 116 -13.53 -30.45 -12.21
C MET B 116 -12.88 -31.44 -13.17
N LYS B 117 -13.20 -32.70 -13.10
CA LYS B 117 -12.62 -33.74 -13.94
C LYS B 117 -11.98 -33.17 -15.19
N ALA B 118 -12.70 -32.24 -15.79
CA ALA B 118 -12.30 -31.46 -16.94
C ALA B 118 -11.31 -30.33 -16.65
N ILE B 119 -11.82 -29.29 -16.01
CA ILE B 119 -11.14 -28.04 -15.69
C ILE B 119 -9.77 -28.21 -15.04
N VAL B 120 -9.79 -28.79 -13.87
CA VAL B 120 -8.60 -28.99 -12.97
C VAL B 120 -7.55 -29.74 -13.71
N PRO B 121 -7.03 -30.84 -13.26
CA PRO B 121 -6.09 -31.70 -14.02
C PRO B 121 -6.14 -31.44 -15.50
N GLY B 122 -5.01 -30.97 -15.96
CA GLY B 122 -4.87 -30.43 -17.35
C GLY B 122 -4.18 -29.06 -17.08
N VAL B 123 -4.81 -28.26 -16.24
CA VAL B 123 -4.23 -27.01 -15.75
C VAL B 123 -2.83 -27.37 -15.18
N ILE B 124 -2.84 -28.45 -14.45
CA ILE B 124 -1.68 -28.99 -13.73
C ILE B 124 -0.64 -29.50 -14.70
N GLN B 125 -1.10 -30.07 -15.82
CA GLN B 125 -0.13 -30.62 -16.79
C GLN B 125 0.79 -29.49 -17.24
N ASN B 126 0.23 -28.29 -17.21
CA ASN B 126 0.95 -27.06 -17.57
C ASN B 126 1.89 -26.65 -16.45
N SER B 127 1.36 -26.13 -15.35
CA SER B 127 2.21 -25.71 -14.22
C SER B 127 2.27 -26.85 -13.20
N PRO B 128 3.12 -27.82 -13.56
CA PRO B 128 3.30 -29.03 -12.77
C PRO B 128 3.56 -28.86 -11.29
N ASP B 129 4.29 -27.83 -10.90
CA ASP B 129 4.66 -27.58 -9.48
C ASP B 129 3.76 -26.46 -8.91
N CYS B 130 2.62 -26.26 -9.52
CA CYS B 130 1.73 -25.17 -9.12
C CYS B 130 1.22 -25.42 -7.69
N LYS B 131 0.48 -24.44 -7.21
CA LYS B 131 -0.13 -24.56 -5.86
C LYS B 131 -1.58 -24.14 -6.02
N ILE B 132 -2.52 -24.93 -5.53
CA ILE B 132 -3.90 -24.56 -5.77
C ILE B 132 -4.72 -24.24 -4.51
N ILE B 133 -5.41 -23.12 -4.71
CA ILE B 133 -6.44 -22.58 -3.84
C ILE B 133 -7.74 -22.99 -4.58
N VAL B 134 -8.63 -23.62 -3.91
CA VAL B 134 -9.91 -24.05 -4.55
C VAL B 134 -10.96 -23.14 -3.93
N VAL B 135 -11.66 -22.39 -4.74
CA VAL B 135 -12.71 -21.49 -4.21
C VAL B 135 -14.09 -22.07 -4.46
N THR B 136 -14.29 -22.77 -5.57
CA THR B 136 -15.61 -23.26 -5.97
C THR B 136 -16.53 -23.62 -4.85
N ASN B 137 -16.65 -24.73 -4.10
CA ASN B 137 -17.59 -24.62 -2.98
C ASN B 137 -17.97 -25.26 -1.72
N PRO B 138 -18.23 -26.48 -1.28
CA PRO B 138 -17.94 -27.73 -2.08
C PRO B 138 -16.44 -27.78 -2.09
N VAL B 139 -15.87 -26.72 -1.54
CA VAL B 139 -14.49 -26.38 -1.38
C VAL B 139 -13.86 -27.63 -0.75
N ASP B 140 -14.55 -28.07 0.27
CA ASP B 140 -14.13 -29.28 1.04
C ASP B 140 -14.07 -30.41 0.01
N ILE B 141 -15.22 -30.91 -0.33
CA ILE B 141 -15.43 -32.03 -1.24
C ILE B 141 -14.72 -31.88 -2.57
N LEU B 142 -14.53 -30.70 -3.04
CA LEU B 142 -13.88 -30.32 -4.30
C LEU B 142 -12.39 -30.37 -4.06
N THR B 143 -11.95 -29.78 -2.95
CA THR B 143 -10.53 -29.85 -2.54
C THR B 143 -10.14 -31.35 -2.67
N TYR B 144 -11.04 -32.17 -2.12
CA TYR B 144 -10.89 -33.63 -2.13
C TYR B 144 -10.83 -34.12 -3.56
N VAL B 145 -11.87 -33.84 -4.31
CA VAL B 145 -11.90 -34.16 -5.76
C VAL B 145 -10.57 -33.77 -6.39
N VAL B 146 -10.28 -32.48 -6.39
CA VAL B 146 -9.08 -31.95 -7.00
C VAL B 146 -7.86 -32.69 -6.45
N TRP B 147 -7.79 -32.78 -5.13
CA TRP B 147 -6.65 -33.41 -4.45
C TRP B 147 -6.32 -34.73 -5.20
N LYS B 148 -7.38 -35.49 -5.26
CA LYS B 148 -7.51 -36.82 -5.82
C LYS B 148 -7.18 -36.86 -7.30
N ILE B 149 -7.91 -36.02 -8.01
CA ILE B 149 -7.88 -35.90 -9.46
C ILE B 149 -6.58 -35.32 -9.96
N SER B 150 -5.93 -34.55 -9.11
CA SER B 150 -4.62 -33.94 -9.48
C SER B 150 -3.52 -34.94 -9.11
N GLY B 151 -3.39 -35.21 -7.83
CA GLY B 151 -2.41 -36.17 -7.34
C GLY B 151 -1.14 -35.56 -6.78
N PHE B 152 -1.20 -34.29 -6.41
CA PHE B 152 0.01 -33.71 -5.76
C PHE B 152 -0.31 -33.53 -4.27
N PRO B 153 0.76 -33.46 -3.50
CA PRO B 153 0.70 -33.33 -2.06
C PRO B 153 -0.26 -32.26 -1.60
N VAL B 154 -1.23 -32.65 -0.77
CA VAL B 154 -2.01 -31.58 -0.09
C VAL B 154 -0.87 -30.80 0.63
N GLY B 155 -1.05 -29.53 0.61
CA GLY B 155 0.04 -28.57 1.04
C GLY B 155 -0.11 -27.64 -0.21
N ARG B 156 0.05 -28.37 -1.32
CA ARG B 156 -0.10 -27.73 -2.65
C ARG B 156 -1.58 -27.49 -2.85
N VAL B 157 -2.38 -28.51 -2.68
CA VAL B 157 -3.85 -28.43 -2.89
C VAL B 157 -4.61 -27.97 -1.66
N ILE B 158 -5.00 -26.70 -1.66
CA ILE B 158 -5.66 -26.07 -0.53
C ILE B 158 -7.04 -25.52 -0.92
N GLY B 159 -7.80 -25.17 0.12
CA GLY B 159 -9.14 -24.68 -0.07
C GLY B 159 -9.55 -23.58 0.87
N SER B 160 -10.30 -22.68 0.28
CA SER B 160 -10.94 -21.50 0.81
C SER B 160 -11.46 -21.75 2.22
N GLY B 161 -11.91 -22.98 2.41
CA GLY B 161 -12.42 -23.40 3.73
C GLY B 161 -13.24 -22.31 4.40
N CYS B 162 -12.89 -22.07 5.65
CA CYS B 162 -13.65 -21.14 6.52
C CYS B 162 -12.97 -19.85 6.78
N ASN B 163 -11.82 -19.68 6.13
CA ASN B 163 -11.05 -18.40 6.29
C ASN B 163 -12.10 -17.28 6.25
N LEU B 164 -12.93 -17.47 5.24
CA LEU B 164 -14.15 -16.75 4.91
C LEU B 164 -15.02 -16.54 6.14
N ASP B 165 -15.73 -17.59 6.50
CA ASP B 165 -16.62 -17.72 7.66
C ASP B 165 -16.11 -17.08 8.96
N SER B 166 -14.94 -17.57 9.38
CA SER B 166 -14.22 -17.06 10.54
C SER B 166 -14.14 -15.53 10.53
N ALA B 167 -13.90 -15.01 9.34
CA ALA B 167 -13.83 -13.58 9.06
C ALA B 167 -15.23 -13.00 9.20
N ARG B 168 -16.15 -13.74 8.61
CA ARG B 168 -17.59 -13.33 8.61
C ARG B 168 -18.02 -13.13 10.07
N PHE B 169 -17.44 -14.03 10.86
CA PHE B 169 -17.60 -14.21 12.31
C PHE B 169 -16.96 -13.04 13.05
N ARG B 170 -15.64 -12.93 13.00
CA ARG B 170 -14.92 -11.82 13.64
C ARG B 170 -15.67 -10.52 13.37
N TYR B 171 -16.27 -10.44 12.18
CA TYR B 171 -17.05 -9.25 11.85
C TYR B 171 -18.15 -9.13 12.92
N LEU B 172 -19.25 -9.85 12.68
CA LEU B 172 -20.41 -9.80 13.57
C LEU B 172 -19.95 -9.64 15.03
N ILE B 173 -19.11 -10.57 15.42
CA ILE B 173 -18.60 -10.66 16.81
C ILE B 173 -18.23 -9.26 17.28
N GLY B 174 -17.40 -8.59 16.51
CA GLY B 174 -16.93 -7.23 16.77
C GLY B 174 -18.05 -6.19 16.62
N GLU B 175 -19.08 -6.56 15.92
CA GLU B 175 -20.25 -5.65 15.68
C GLU B 175 -20.86 -5.37 17.04
N LYS B 176 -20.58 -6.19 18.04
CA LYS B 176 -21.23 -6.03 19.36
C LYS B 176 -20.42 -5.38 20.46
N LEU B 177 -19.12 -5.61 20.51
CA LEU B 177 -18.23 -5.04 21.50
C LEU B 177 -17.85 -3.59 21.15
N GLY B 178 -17.73 -3.39 19.84
CA GLY B 178 -17.34 -2.06 19.28
C GLY B 178 -15.79 -2.06 19.25
N VAL B 179 -15.31 -3.12 18.66
CA VAL B 179 -13.91 -3.50 18.54
C VAL B 179 -13.67 -4.15 17.19
N ASN B 180 -12.57 -3.88 16.58
CA ASN B 180 -12.19 -4.34 15.19
C ASN B 180 -12.00 -5.84 15.14
N PRO B 181 -12.46 -6.42 14.02
CA PRO B 181 -12.50 -7.87 13.80
C PRO B 181 -11.14 -8.50 13.67
N THR B 182 -10.19 -7.64 13.81
CA THR B 182 -8.76 -7.90 13.73
C THR B 182 -8.28 -8.07 15.19
N SER B 183 -8.96 -7.26 15.98
CA SER B 183 -8.80 -7.06 17.38
C SER B 183 -9.71 -7.91 18.22
N CYS B 184 -10.55 -8.70 17.66
CA CYS B 184 -11.36 -9.72 18.35
C CYS B 184 -10.88 -11.02 17.66
N HIS B 185 -10.91 -12.11 18.36
CA HIS B 185 -10.43 -13.37 17.69
C HIS B 185 -11.44 -14.45 18.06
N GLY B 186 -11.66 -15.34 17.13
CA GLY B 186 -12.62 -16.45 17.25
C GLY B 186 -12.39 -17.35 16.02
N TRP B 187 -12.69 -18.61 16.13
CA TRP B 187 -12.39 -19.58 15.04
C TRP B 187 -13.66 -20.34 14.76
N VAL B 188 -14.03 -20.55 13.50
CA VAL B 188 -15.18 -21.37 13.14
C VAL B 188 -14.62 -22.43 12.18
N LEU B 189 -14.76 -23.69 12.50
CA LEU B 189 -14.25 -24.72 11.58
C LEU B 189 -15.27 -25.83 11.37
N GLY B 190 -14.73 -26.93 10.85
CA GLY B 190 -15.62 -28.03 10.41
C GLY B 190 -15.87 -27.73 8.91
N GLU B 191 -17.13 -27.57 8.59
CA GLU B 191 -17.60 -27.32 7.23
C GLU B 191 -17.81 -25.84 6.90
N HIS B 192 -17.72 -25.58 5.61
CA HIS B 192 -17.94 -24.27 5.00
C HIS B 192 -19.36 -24.32 4.43
N GLY B 193 -20.28 -23.98 5.33
CA GLY B 193 -21.72 -24.11 5.01
C GLY B 193 -22.55 -24.18 6.27
N ASP B 194 -23.13 -25.33 6.61
CA ASP B 194 -24.07 -25.31 7.77
C ASP B 194 -23.64 -26.22 8.90
N SER B 195 -22.50 -26.81 8.75
CA SER B 195 -22.01 -27.79 9.76
C SER B 195 -20.90 -27.07 10.53
N SER B 196 -21.10 -25.75 10.59
CA SER B 196 -19.99 -24.88 11.08
C SER B 196 -20.01 -24.82 12.60
N VAL B 197 -19.03 -25.55 13.12
CA VAL B 197 -18.84 -25.45 14.58
C VAL B 197 -17.84 -24.29 14.68
N PRO B 198 -18.33 -23.18 15.22
CA PRO B 198 -17.39 -22.09 15.61
C PRO B 198 -16.52 -22.75 16.66
N ILE B 199 -15.65 -22.10 17.37
CA ILE B 199 -15.00 -22.86 18.50
C ILE B 199 -14.75 -21.86 19.63
N TRP B 200 -15.87 -21.56 20.30
CA TRP B 200 -15.94 -20.65 21.43
C TRP B 200 -14.84 -20.94 22.46
N SER B 201 -14.54 -22.20 22.72
CA SER B 201 -13.50 -22.55 23.72
C SER B 201 -12.40 -21.48 23.68
N GLY B 202 -12.02 -21.05 22.48
CA GLY B 202 -10.97 -20.09 22.26
C GLY B 202 -11.26 -18.78 21.62
N VAL B 203 -11.89 -17.85 22.31
CA VAL B 203 -12.34 -16.56 21.74
C VAL B 203 -11.95 -15.35 22.55
N ASN B 204 -10.85 -14.71 22.15
CA ASN B 204 -10.27 -13.53 22.75
C ASN B 204 -10.97 -12.22 22.30
N VAL B 205 -10.40 -11.17 22.76
CA VAL B 205 -10.47 -9.76 22.69
C VAL B 205 -9.41 -9.22 23.71
N ALA B 206 -8.27 -9.84 23.65
CA ALA B 206 -7.05 -9.69 24.41
C ALA B 206 -6.24 -11.02 24.35
N GLY B 207 -6.42 -11.89 25.32
CA GLY B 207 -5.64 -13.13 25.32
C GLY B 207 -6.38 -14.34 25.85
N VAL B 208 -5.75 -15.50 25.60
CA VAL B 208 -6.26 -16.79 26.02
C VAL B 208 -5.91 -17.01 27.51
N THR B 209 -6.97 -17.27 28.25
CA THR B 209 -6.90 -17.35 29.72
C THR B 209 -7.04 -15.87 30.15
N LEU B 210 -6.39 -15.04 29.35
CA LEU B 210 -6.53 -13.57 29.48
C LEU B 210 -7.99 -13.34 29.06
N LYS B 211 -8.20 -12.44 28.10
CA LYS B 211 -9.60 -12.19 27.71
C LYS B 211 -10.02 -13.24 26.69
N SER B 212 -10.47 -14.30 27.30
CA SER B 212 -11.14 -15.46 26.63
C SER B 212 -12.61 -15.07 26.77
N LEU B 213 -13.49 -15.22 25.81
CA LEU B 213 -14.88 -14.70 26.06
C LEU B 213 -15.59 -15.57 27.09
N ASN B 214 -14.94 -16.66 27.40
CA ASN B 214 -15.44 -17.72 28.31
C ASN B 214 -15.52 -17.33 29.77
N PRO B 215 -14.46 -16.79 30.34
CA PRO B 215 -14.38 -16.40 31.74
C PRO B 215 -15.45 -15.44 32.20
N ALA B 216 -16.11 -14.77 31.28
CA ALA B 216 -17.17 -13.81 31.70
C ALA B 216 -18.50 -14.41 31.30
N ILE B 217 -18.40 -15.41 30.44
CA ILE B 217 -19.47 -16.27 29.97
C ILE B 217 -20.89 -15.81 30.10
N GLY B 218 -21.38 -14.94 29.23
CA GLY B 218 -22.89 -14.67 29.23
C GLY B 218 -23.44 -15.93 28.48
N THR B 219 -22.67 -16.94 28.60
CA THR B 219 -22.46 -18.26 28.20
C THR B 219 -21.55 -18.18 26.93
N ASP B 220 -22.08 -18.52 25.83
CA ASP B 220 -21.48 -18.65 24.52
C ASP B 220 -21.66 -20.17 24.22
N LYS B 221 -22.86 -20.41 23.72
CA LYS B 221 -23.41 -21.72 23.39
C LYS B 221 -24.61 -22.00 24.33
N ASN B 222 -24.31 -22.57 25.46
CA ASN B 222 -25.21 -23.03 26.52
C ASN B 222 -26.14 -21.95 27.04
N LYS B 223 -26.38 -20.97 26.21
CA LYS B 223 -27.24 -19.85 26.26
C LYS B 223 -26.57 -18.47 26.12
N GLN B 224 -27.40 -17.52 26.47
CA GLN B 224 -27.48 -16.13 26.56
C GLN B 224 -26.73 -15.40 25.43
N HIS B 225 -27.43 -15.55 24.32
CA HIS B 225 -27.28 -15.01 22.99
C HIS B 225 -25.83 -14.76 22.63
N TRP B 226 -25.39 -15.44 21.62
CA TRP B 226 -24.05 -15.44 21.07
C TRP B 226 -24.06 -16.61 20.06
N LYS B 227 -24.88 -17.59 20.39
CA LYS B 227 -25.07 -18.74 19.48
C LYS B 227 -25.44 -18.12 18.10
N ASN B 228 -26.22 -17.05 18.32
CA ASN B 228 -26.76 -16.30 17.21
C ASN B 228 -25.63 -15.74 16.38
N VAL B 229 -24.58 -15.26 17.01
CA VAL B 229 -23.46 -14.75 16.16
C VAL B 229 -23.18 -15.86 15.12
N HIS B 230 -23.17 -17.07 15.68
CA HIS B 230 -22.92 -18.26 14.86
C HIS B 230 -24.06 -18.57 13.90
N LYS B 231 -25.27 -18.39 14.37
CA LYS B 231 -26.45 -18.65 13.52
C LYS B 231 -26.55 -17.56 12.45
N GLN B 232 -26.06 -16.42 12.82
CA GLN B 232 -26.00 -15.22 12.01
C GLN B 232 -24.90 -15.44 10.95
N VAL B 233 -23.86 -16.11 11.39
CA VAL B 233 -22.72 -16.41 10.51
C VAL B 233 -23.21 -17.22 9.32
N VAL B 234 -23.53 -18.45 9.62
CA VAL B 234 -24.05 -19.41 8.62
C VAL B 234 -25.15 -18.77 7.80
N GLU B 235 -26.30 -18.53 8.37
CA GLU B 235 -27.38 -17.85 7.63
C GLU B 235 -26.82 -16.74 6.73
N GLY B 236 -25.93 -15.98 7.31
CA GLY B 236 -25.24 -14.84 6.74
C GLY B 236 -24.73 -15.10 5.32
N GLY B 237 -24.41 -16.37 5.06
CA GLY B 237 -23.84 -16.70 3.71
C GLY B 237 -25.00 -16.59 2.71
N TYR B 238 -26.13 -17.06 3.21
CA TYR B 238 -27.38 -17.20 2.45
C TYR B 238 -28.03 -15.88 2.13
N GLU B 239 -28.27 -15.06 3.12
CA GLU B 239 -28.91 -13.77 3.02
C GLU B 239 -28.31 -12.85 1.96
N VAL B 240 -27.01 -12.97 1.77
CA VAL B 240 -26.29 -12.18 0.80
C VAL B 240 -26.88 -12.41 -0.62
N LEU B 241 -26.74 -13.70 -0.95
CA LEU B 241 -27.05 -14.10 -2.33
C LEU B 241 -28.51 -13.76 -2.59
N ASP B 242 -29.37 -14.09 -1.65
CA ASP B 242 -30.81 -13.83 -1.84
C ASP B 242 -30.97 -12.44 -2.44
N MET B 243 -30.14 -11.53 -2.00
CA MET B 243 -30.21 -10.11 -2.38
C MET B 243 -29.44 -9.59 -3.55
N LYS B 244 -28.13 -9.71 -3.61
CA LYS B 244 -27.38 -9.17 -4.78
C LYS B 244 -27.41 -10.24 -5.88
N GLY B 245 -27.82 -11.42 -5.43
CA GLY B 245 -27.96 -12.61 -6.24
C GLY B 245 -26.62 -13.27 -6.49
N TYR B 246 -25.78 -13.34 -5.49
CA TYR B 246 -24.48 -14.00 -5.55
C TYR B 246 -23.59 -13.52 -4.38
N THR B 247 -22.50 -14.24 -4.26
CA THR B 247 -21.46 -14.07 -3.22
C THR B 247 -20.17 -13.67 -3.90
N SER B 248 -19.82 -12.38 -3.91
CA SER B 248 -18.66 -11.88 -4.65
C SER B 248 -17.45 -11.36 -3.90
N TRP B 249 -17.45 -10.09 -3.53
CA TRP B 249 -16.37 -9.38 -2.91
C TRP B 249 -15.60 -10.17 -1.83
N ALA B 250 -16.25 -10.33 -0.70
CA ALA B 250 -15.77 -10.98 0.51
C ALA B 250 -15.11 -12.31 0.26
N ILE B 251 -15.53 -13.02 -0.80
CA ILE B 251 -14.83 -14.32 -1.05
C ILE B 251 -13.45 -13.99 -1.62
N GLY B 252 -13.46 -12.90 -2.37
CA GLY B 252 -12.28 -12.47 -3.15
C GLY B 252 -11.18 -12.11 -2.16
N LEU B 253 -11.52 -11.10 -1.38
CA LEU B 253 -10.63 -10.58 -0.33
C LEU B 253 -10.07 -11.75 0.45
N SER B 254 -10.92 -12.63 0.90
CA SER B 254 -10.45 -13.81 1.64
C SER B 254 -9.27 -14.48 0.95
N VAL B 255 -9.46 -14.90 -0.26
CA VAL B 255 -8.51 -15.67 -1.05
C VAL B 255 -7.15 -15.00 -1.20
N THR B 256 -7.31 -13.72 -1.57
CA THR B 256 -6.12 -12.88 -1.88
C THR B 256 -5.29 -12.79 -0.61
N ASP B 257 -6.00 -12.99 0.48
CA ASP B 257 -5.44 -12.96 1.85
C ASP B 257 -4.73 -14.30 2.10
N LEU B 258 -5.11 -15.30 1.32
CA LEU B 258 -4.49 -16.62 1.35
C LEU B 258 -3.23 -16.56 0.48
N ALA B 259 -3.39 -15.99 -0.67
CA ALA B 259 -2.32 -15.77 -1.65
C ALA B 259 -1.17 -15.01 -1.00
N ARG B 260 -1.54 -13.86 -0.47
CA ARG B 260 -0.71 -12.89 0.24
C ARG B 260 0.27 -13.60 1.16
N SER B 261 -0.32 -14.52 1.88
CA SER B 261 0.37 -15.32 2.90
C SER B 261 1.31 -16.31 2.22
N ILE B 262 0.75 -17.06 1.30
CA ILE B 262 1.53 -18.03 0.51
C ILE B 262 2.69 -17.28 -0.15
N LEU B 263 2.38 -16.45 -1.09
CA LEU B 263 3.35 -15.69 -1.87
C LEU B 263 4.44 -14.97 -1.08
N LYS B 264 4.13 -14.23 -0.03
CA LYS B 264 5.15 -13.45 0.69
C LYS B 264 5.77 -14.28 1.82
N ASN B 265 5.50 -15.56 1.74
CA ASN B 265 5.92 -16.59 2.68
C ASN B 265 5.68 -16.19 4.12
N LEU B 266 4.60 -15.48 4.36
CA LEU B 266 4.22 -14.97 5.68
C LEU B 266 4.13 -15.96 6.83
N LYS B 267 3.92 -17.21 6.53
CA LYS B 267 3.73 -18.27 7.52
C LYS B 267 2.73 -17.82 8.58
N ARG B 268 1.73 -17.11 8.08
CA ARG B 268 0.54 -16.66 8.79
C ARG B 268 -0.38 -17.92 8.82
N VAL B 269 -0.77 -18.27 10.03
CA VAL B 269 -1.67 -19.43 10.20
C VAL B 269 -3.05 -19.01 9.70
N HIS B 270 -3.78 -20.02 9.26
CA HIS B 270 -5.06 -19.89 8.59
C HIS B 270 -5.97 -21.10 8.78
N PRO B 271 -7.25 -20.77 8.71
CA PRO B 271 -8.28 -21.83 8.68
C PRO B 271 -8.56 -22.03 7.19
N VAL B 272 -8.19 -23.20 6.74
CA VAL B 272 -8.28 -23.63 5.34
C VAL B 272 -8.65 -25.10 5.37
N THR B 273 -9.03 -25.68 4.25
CA THR B 273 -9.36 -27.09 4.17
C THR B 273 -8.17 -27.96 3.80
N THR B 274 -8.06 -29.09 4.46
CA THR B 274 -7.05 -30.09 4.24
C THR B 274 -7.55 -31.40 4.87
N LEU B 275 -6.72 -32.39 4.67
CA LEU B 275 -6.96 -33.76 5.08
C LEU B 275 -6.81 -33.93 6.58
N VAL B 276 -7.94 -33.98 7.23
CA VAL B 276 -7.96 -34.27 8.70
C VAL B 276 -7.99 -35.81 8.88
N LYS B 277 -7.61 -36.48 7.81
CA LYS B 277 -7.53 -37.89 7.62
C LYS B 277 -7.46 -38.69 8.91
N GLY B 278 -6.67 -38.25 9.86
CA GLY B 278 -6.51 -39.00 11.12
C GLY B 278 -6.24 -38.05 12.27
N PHE B 279 -7.05 -37.04 12.42
CA PHE B 279 -6.94 -36.05 13.51
C PHE B 279 -8.21 -36.22 14.36
N HIS B 280 -8.18 -35.76 15.56
CA HIS B 280 -9.28 -35.80 16.51
C HIS B 280 -10.39 -36.80 16.24
N GLY B 281 -10.01 -38.06 15.99
CA GLY B 281 -10.94 -39.16 15.82
C GLY B 281 -11.26 -39.47 14.38
N ILE B 282 -11.28 -38.42 13.55
CA ILE B 282 -11.52 -38.63 12.11
C ILE B 282 -10.36 -39.47 11.56
N LYS B 283 -10.77 -40.54 10.90
CA LYS B 283 -9.83 -41.48 10.28
C LYS B 283 -10.43 -41.96 8.96
N GLU B 284 -10.33 -41.10 7.97
CA GLU B 284 -10.87 -41.36 6.61
C GLU B 284 -10.70 -40.03 5.85
N GLU B 285 -10.01 -40.08 4.73
CA GLU B 285 -9.59 -39.03 3.84
C GLU B 285 -10.63 -37.92 3.57
N VAL B 286 -11.22 -37.46 4.64
CA VAL B 286 -12.13 -36.37 4.78
C VAL B 286 -11.26 -35.09 4.93
N PHE B 287 -11.58 -34.17 4.08
CA PHE B 287 -10.99 -32.86 4.03
C PHE B 287 -12.07 -31.89 4.55
N LEU B 288 -11.82 -31.29 5.67
CA LEU B 288 -12.65 -30.17 6.20
C LEU B 288 -11.53 -29.17 6.58
N SER B 289 -11.93 -28.05 7.15
CA SER B 289 -10.91 -27.02 7.45
C SER B 289 -10.50 -26.98 8.92
N ILE B 290 -9.26 -26.62 9.07
CA ILE B 290 -8.54 -26.55 10.37
C ILE B 290 -7.48 -25.47 10.29
N PRO B 291 -7.16 -24.87 11.44
CA PRO B 291 -6.12 -23.82 11.48
C PRO B 291 -4.76 -24.42 11.12
N CYS B 292 -4.20 -23.96 10.02
CA CYS B 292 -2.93 -24.36 9.44
C CYS B 292 -2.06 -23.13 9.11
N VAL B 293 -0.77 -23.39 9.06
CA VAL B 293 0.24 -22.39 8.72
C VAL B 293 0.59 -22.57 7.22
N LEU B 294 0.51 -21.44 6.56
CA LEU B 294 0.75 -21.30 5.12
C LEU B 294 1.99 -20.48 4.77
N GLY B 295 2.76 -21.01 3.82
CA GLY B 295 3.97 -20.34 3.32
C GLY B 295 4.17 -20.67 1.86
N GLU B 296 5.24 -20.23 1.29
CA GLU B 296 5.73 -20.42 -0.05
C GLU B 296 5.32 -21.79 -0.61
N SER B 297 5.68 -22.81 0.14
CA SER B 297 5.50 -24.21 -0.17
C SER B 297 4.21 -24.89 0.21
N GLY B 298 3.16 -24.19 0.54
CA GLY B 298 1.83 -24.83 0.79
C GLY B 298 1.41 -24.73 2.24
N ILE B 299 0.76 -25.81 2.67
CA ILE B 299 0.45 -25.94 4.12
C ILE B 299 1.77 -26.57 4.60
N THR B 300 2.28 -26.00 5.64
CA THR B 300 3.60 -26.43 6.17
C THR B 300 3.35 -27.40 7.30
N ASP B 301 2.43 -26.90 8.13
CA ASP B 301 2.05 -27.57 9.38
C ASP B 301 0.61 -27.22 9.72
N PHE B 302 0.06 -28.03 10.60
CA PHE B 302 -1.33 -27.93 11.07
C PHE B 302 -1.32 -27.42 12.53
N VAL B 303 -2.47 -26.89 12.92
CA VAL B 303 -2.60 -26.45 14.34
C VAL B 303 -3.79 -27.25 14.88
N LYS B 304 -3.42 -28.04 15.88
CA LYS B 304 -4.31 -28.96 16.58
C LYS B 304 -4.81 -28.29 17.87
N VAL B 305 -5.98 -27.72 17.73
CA VAL B 305 -6.77 -27.02 18.70
C VAL B 305 -7.34 -27.95 19.78
N ASN B 306 -7.95 -27.30 20.76
CA ASN B 306 -8.62 -27.90 21.90
C ASN B 306 -10.15 -27.78 21.80
N MET B 307 -10.74 -28.66 21.00
CA MET B 307 -12.24 -28.60 20.90
C MET B 307 -12.67 -29.30 22.21
N THR B 308 -13.71 -28.76 22.84
CA THR B 308 -14.30 -29.35 24.03
C THR B 308 -14.93 -30.68 23.56
N ALA B 309 -15.12 -31.58 24.49
CA ALA B 309 -15.69 -32.91 24.20
C ALA B 309 -16.47 -32.86 22.89
N GLU B 310 -17.50 -32.03 22.84
CA GLU B 310 -18.35 -31.93 21.65
C GLU B 310 -17.82 -31.01 20.58
N GLU B 311 -17.11 -29.93 20.90
CA GLU B 311 -16.50 -29.14 19.77
C GLU B 311 -15.87 -30.21 18.87
N GLU B 312 -15.25 -31.18 19.51
CA GLU B 312 -14.67 -32.36 18.88
C GLU B 312 -15.78 -33.29 18.36
N GLY B 313 -16.86 -33.24 19.09
CA GLY B 313 -18.11 -33.98 18.78
C GLY B 313 -18.56 -33.55 17.38
N LEU B 314 -19.04 -32.32 17.34
CA LEU B 314 -19.50 -31.65 16.12
C LEU B 314 -18.48 -31.88 15.00
N LEU B 315 -17.28 -31.39 15.23
CA LEU B 315 -16.24 -31.63 14.18
C LEU B 315 -16.26 -33.09 13.78
N LYS B 316 -16.16 -34.00 14.74
CA LYS B 316 -16.19 -35.43 14.42
C LYS B 316 -17.36 -35.73 13.46
N LYS B 317 -18.46 -35.05 13.68
CA LYS B 317 -19.70 -35.15 12.95
C LYS B 317 -19.62 -34.63 11.52
N SER B 318 -19.24 -33.38 11.34
CA SER B 318 -19.08 -32.83 9.98
C SER B 318 -18.30 -33.90 9.18
N ALA B 319 -17.08 -34.04 9.62
CA ALA B 319 -16.10 -34.96 9.06
C ALA B 319 -16.83 -36.03 8.23
N ASP B 320 -17.69 -36.68 9.00
CA ASP B 320 -18.53 -37.77 8.53
C ASP B 320 -19.57 -37.33 7.53
N THR B 321 -20.45 -36.40 7.82
CA THR B 321 -21.38 -35.90 6.78
C THR B 321 -20.56 -35.86 5.47
N LEU B 322 -19.62 -34.93 5.53
CA LEU B 322 -18.67 -34.68 4.46
C LEU B 322 -18.14 -36.00 3.88
N TRP B 323 -18.03 -37.00 4.75
CA TRP B 323 -17.45 -38.28 4.40
C TRP B 323 -18.23 -39.17 3.46
N ASN B 324 -19.41 -39.67 3.84
CA ASN B 324 -20.00 -40.64 2.87
C ASN B 324 -19.99 -39.86 1.52
N MET B 325 -20.51 -38.65 1.60
CA MET B 325 -20.59 -37.80 0.39
C MET B 325 -19.50 -38.14 -0.63
N GLN B 326 -18.30 -38.37 -0.15
CA GLN B 326 -17.13 -38.77 -0.85
C GLN B 326 -17.05 -40.21 -1.34
N LYS B 327 -18.06 -41.01 -1.26
CA LYS B 327 -18.03 -42.38 -1.88
C LYS B 327 -18.23 -42.04 -3.39
N ASN B 328 -17.13 -41.53 -3.95
CA ASN B 328 -17.17 -40.91 -5.25
C ASN B 328 -16.51 -41.57 -6.44
N LEU B 329 -16.77 -40.90 -7.54
CA LEU B 329 -16.44 -41.03 -8.93
C LEU B 329 -17.66 -40.46 -9.70
N GLU B 330 -17.67 -40.53 -11.02
CA GLU B 330 -18.82 -40.05 -11.80
C GLU B 330 -19.95 -41.08 -11.80
N LEU B 331 -19.63 -42.27 -11.32
CA LEU B 331 -20.54 -43.41 -11.22
C LEU B 331 -21.95 -42.95 -10.87
N SER C 1 5.57 -33.96 23.42
CA SER C 1 5.96 -33.75 24.80
C SER C 1 5.95 -32.27 25.20
N THR C 2 6.42 -31.45 24.30
CA THR C 2 6.57 -30.03 24.33
C THR C 2 5.36 -29.26 23.80
N VAL C 3 5.32 -27.98 24.18
CA VAL C 3 4.22 -27.13 23.62
C VAL C 3 4.40 -27.21 22.08
N LYS C 4 5.63 -27.01 21.61
CA LYS C 4 5.85 -27.12 20.15
C LYS C 4 5.21 -28.45 19.71
N GLU C 5 5.82 -29.50 20.22
CA GLU C 5 5.42 -30.87 19.88
C GLU C 5 3.95 -31.09 20.17
N GLN C 6 3.32 -30.12 20.81
CA GLN C 6 1.91 -30.22 21.19
C GLN C 6 1.02 -29.31 20.38
N LEU C 7 1.34 -28.04 20.20
CA LEU C 7 0.51 -27.06 19.51
C LEU C 7 0.52 -27.15 18.00
N ILE C 8 1.66 -27.39 17.42
CA ILE C 8 1.87 -27.37 15.98
C ILE C 8 2.12 -28.75 15.39
N GLN C 9 1.49 -28.99 14.24
CA GLN C 9 1.68 -30.24 13.53
C GLN C 9 2.30 -30.01 12.15
N ASN C 10 3.46 -30.57 12.01
CA ASN C 10 4.42 -30.68 10.95
C ASN C 10 3.98 -31.51 9.75
N LEU C 11 3.34 -30.88 8.76
CA LEU C 11 2.86 -31.55 7.55
C LEU C 11 4.02 -32.09 6.68
N VAL C 12 4.40 -33.27 7.00
CA VAL C 12 5.43 -34.16 6.50
C VAL C 12 6.29 -33.53 5.42
N PRO C 13 6.58 -34.28 4.38
CA PRO C 13 7.57 -33.84 3.35
C PRO C 13 7.30 -32.45 2.83
N GLU C 14 8.36 -31.69 2.66
CA GLU C 14 8.31 -30.30 2.21
C GLU C 14 7.86 -29.41 3.39
N ASP C 15 8.92 -29.16 4.14
CA ASP C 15 8.98 -28.38 5.37
C ASP C 15 10.28 -27.54 5.36
N LYS C 16 10.55 -26.98 4.20
CA LYS C 16 11.71 -26.16 3.88
C LYS C 16 11.58 -25.63 2.44
N LEU C 17 12.16 -24.48 2.13
CA LEU C 17 12.11 -23.87 0.78
C LEU C 17 13.18 -22.77 0.62
N SER C 18 13.01 -21.93 -0.41
CA SER C 18 13.83 -20.75 -0.67
C SER C 18 13.51 -20.13 -2.04
N ARG C 19 13.82 -18.83 -2.24
CA ARG C 19 13.67 -18.21 -3.57
C ARG C 19 14.25 -16.83 -3.82
N CYS C 20 13.50 -15.76 -3.75
CA CYS C 20 13.88 -14.40 -4.18
C CYS C 20 14.07 -13.25 -3.25
N LYS C 21 15.30 -13.01 -2.83
CA LYS C 21 15.89 -12.08 -1.92
C LYS C 21 16.36 -10.72 -2.43
N ILE C 22 16.61 -9.86 -1.45
CA ILE C 22 17.20 -8.54 -1.53
C ILE C 22 18.36 -8.58 -0.48
N THR C 23 19.45 -7.93 -0.78
CA THR C 23 20.63 -7.88 0.10
C THR C 23 21.16 -6.46 0.03
N VAL C 24 21.65 -5.97 1.16
CA VAL C 24 22.25 -4.58 1.04
C VAL C 24 23.60 -4.58 1.77
N VAL C 25 24.62 -4.27 0.96
CA VAL C 25 26.01 -4.24 1.51
C VAL C 25 26.16 -2.91 2.26
N GLY C 26 26.44 -3.05 3.53
CA GLY C 26 26.67 -1.96 4.46
C GLY C 26 25.36 -1.21 4.71
N VAL C 27 25.15 -0.85 5.94
CA VAL C 27 24.03 -0.15 6.51
C VAL C 27 24.42 1.25 7.00
N GLY C 28 25.33 1.86 6.28
CA GLY C 28 25.65 3.29 6.67
C GLY C 28 24.31 3.98 6.41
N ASP C 29 23.86 4.89 7.22
CA ASP C 29 22.62 5.65 7.07
C ASP C 29 21.84 5.34 5.77
N VAL C 30 22.50 5.46 4.65
CA VAL C 30 22.01 5.17 3.31
C VAL C 30 21.68 3.69 3.13
N GLY C 31 22.71 2.86 3.22
CA GLY C 31 22.56 1.42 3.07
C GLY C 31 21.28 1.03 3.81
N MET C 32 21.07 1.75 4.90
CA MET C 32 19.99 1.59 5.82
C MET C 32 18.62 2.17 5.49
N ALA C 33 18.56 3.38 4.98
CA ALA C 33 17.33 4.07 4.60
C ALA C 33 16.76 3.38 3.34
N CYS C 34 17.72 2.82 2.67
CA CYS C 34 17.47 2.08 1.40
C CYS C 34 17.05 0.70 1.86
N ALA C 35 17.16 0.47 3.16
CA ALA C 35 16.69 -0.76 3.81
C ALA C 35 15.23 -0.60 4.23
N ILE C 36 14.95 0.03 5.33
CA ILE C 36 13.63 0.25 5.87
C ILE C 36 12.52 0.39 4.80
N SER C 37 12.83 1.24 3.82
CA SER C 37 11.91 1.50 2.69
C SER C 37 11.69 0.27 1.84
N ILE C 38 12.74 -0.51 1.56
CA ILE C 38 12.47 -1.78 0.83
C ILE C 38 11.44 -2.55 1.64
N LEU C 39 11.44 -2.28 2.95
CA LEU C 39 10.50 -2.93 3.88
C LEU C 39 9.12 -2.31 3.84
N LEU C 40 9.03 -1.00 3.80
CA LEU C 40 7.72 -0.27 3.81
C LEU C 40 7.10 -0.38 2.45
N LYS C 41 7.17 -1.59 1.96
CA LYS C 41 6.72 -2.08 0.64
C LYS C 41 6.95 -3.59 0.67
N GLY C 42 6.55 -4.26 -0.37
CA GLY C 42 6.68 -5.77 -0.31
C GLY C 42 7.57 -6.14 -1.46
N LEU C 43 8.81 -5.74 -1.37
CA LEU C 43 9.71 -6.07 -2.55
C LEU C 43 10.34 -7.42 -2.25
N ALA C 44 10.58 -7.66 -0.93
CA ALA C 44 11.34 -8.88 -0.61
C ALA C 44 10.88 -9.57 0.65
N ASP C 45 10.83 -10.87 0.53
CA ASP C 45 10.41 -11.78 1.60
C ASP C 45 11.62 -12.28 2.38
N GLU C 46 12.80 -12.03 1.84
CA GLU C 46 14.08 -12.30 2.52
C GLU C 46 14.99 -11.14 2.07
N LEU C 47 15.44 -10.46 3.08
CA LEU C 47 16.36 -9.31 2.90
C LEU C 47 17.51 -9.54 3.88
N ALA C 48 18.64 -9.84 3.32
CA ALA C 48 19.88 -10.14 4.05
C ALA C 48 20.77 -8.91 4.07
N LEU C 49 21.35 -8.58 5.21
CA LEU C 49 22.16 -7.33 5.22
C LEU C 49 23.59 -7.65 5.58
N VAL C 50 24.49 -7.44 4.61
CA VAL C 50 25.93 -7.71 4.77
C VAL C 50 26.75 -6.45 5.02
N ASP C 51 27.38 -6.43 6.18
CA ASP C 51 28.25 -5.33 6.64
C ASP C 51 29.50 -5.97 7.27
N ALA C 52 30.55 -5.17 7.39
CA ALA C 52 31.81 -5.68 7.96
C ALA C 52 32.02 -5.10 9.35
N ASP C 53 31.13 -4.23 9.71
CA ASP C 53 31.22 -3.46 10.99
C ASP C 53 30.24 -4.14 11.95
N THR C 54 30.41 -5.44 11.94
CA THR C 54 29.79 -6.50 12.70
C THR C 54 28.96 -6.06 13.88
N ASP C 55 29.48 -5.07 14.59
CA ASP C 55 28.94 -4.44 15.79
C ASP C 55 27.56 -3.84 15.45
N LYS C 56 27.56 -2.64 14.94
CA LYS C 56 26.37 -1.89 14.53
C LYS C 56 25.35 -2.74 13.76
N LEU C 57 25.89 -3.58 12.89
CA LEU C 57 24.98 -4.40 12.10
C LEU C 57 24.09 -5.25 12.98
N ARG C 58 24.63 -6.20 13.73
CA ARG C 58 23.80 -7.11 14.54
C ARG C 58 22.95 -6.27 15.52
N GLY C 59 23.16 -4.99 15.55
CA GLY C 59 22.40 -4.06 16.40
C GLY C 59 21.19 -3.58 15.58
N GLU C 60 21.53 -2.96 14.46
CA GLU C 60 20.60 -2.43 13.47
C GLU C 60 19.71 -3.55 12.95
N ALA C 61 20.35 -4.65 12.63
CA ALA C 61 19.64 -5.84 12.12
C ALA C 61 18.54 -6.23 13.12
N LEU C 62 18.92 -6.44 14.37
CA LEU C 62 18.02 -6.81 15.45
C LEU C 62 16.90 -5.80 15.70
N ASP C 63 17.21 -4.58 15.33
CA ASP C 63 16.24 -3.48 15.45
C ASP C 63 15.10 -3.81 14.47
N LEU C 64 15.52 -4.04 13.22
CA LEU C 64 14.53 -4.42 12.20
C LEU C 64 13.82 -5.70 12.64
N GLN C 65 14.56 -6.62 13.23
CA GLN C 65 13.99 -7.94 13.61
C GLN C 65 12.93 -7.72 14.68
N HIS C 66 13.25 -7.00 15.74
CA HIS C 66 12.27 -6.69 16.77
C HIS C 66 11.02 -6.09 16.09
N GLY C 67 11.28 -5.51 14.94
CA GLY C 67 10.31 -4.80 14.15
C GLY C 67 9.36 -5.67 13.37
N SER C 68 9.68 -6.92 13.21
CA SER C 68 8.83 -7.88 12.52
C SER C 68 7.37 -7.50 12.45
N LEU C 69 6.59 -7.58 13.48
CA LEU C 69 5.17 -7.28 13.55
C LEU C 69 4.81 -5.94 12.93
N PHE C 70 4.88 -5.84 11.63
CA PHE C 70 4.61 -4.71 10.78
C PHE C 70 5.09 -5.08 9.36
N LEU C 71 6.20 -5.74 9.28
CA LEU C 71 6.76 -6.12 7.97
C LEU C 71 5.93 -7.21 7.31
N SER C 72 6.02 -7.29 6.00
CA SER C 72 5.40 -8.31 5.16
C SER C 72 6.55 -9.12 4.50
N THR C 73 7.59 -9.27 5.25
CA THR C 73 8.82 -9.97 4.87
C THR C 73 9.30 -10.69 6.12
N PRO C 74 9.04 -11.99 6.12
CA PRO C 74 9.31 -12.83 7.27
C PRO C 74 10.75 -12.96 7.61
N LYS C 75 11.59 -13.14 6.61
CA LYS C 75 13.05 -13.40 6.93
C LYS C 75 13.89 -12.18 6.61
N ILE C 76 14.66 -11.84 7.63
CA ILE C 76 15.65 -10.76 7.69
C ILE C 76 16.94 -11.32 8.29
N VAL C 77 17.93 -11.52 7.45
CA VAL C 77 19.20 -12.13 7.91
C VAL C 77 20.33 -11.12 7.82
N PHE C 78 21.41 -11.47 8.49
CA PHE C 78 22.63 -10.65 8.53
C PHE C 78 23.89 -11.53 8.58
N GLY C 79 24.91 -11.06 7.88
CA GLY C 79 26.21 -11.66 7.81
C GLY C 79 27.38 -10.69 7.81
N LYS C 80 28.50 -11.25 8.23
CA LYS C 80 29.84 -10.64 8.29
C LYS C 80 30.55 -10.97 6.98
N ASP C 81 29.97 -11.98 6.33
CA ASP C 81 30.42 -12.49 5.03
C ASP C 81 29.20 -12.62 4.09
N TYR C 82 29.60 -12.71 2.84
CA TYR C 82 28.77 -12.77 1.64
C TYR C 82 28.11 -14.12 1.46
N ASN C 83 28.58 -15.06 2.26
CA ASN C 83 27.94 -16.39 2.22
C ASN C 83 26.46 -16.20 2.55
N VAL C 84 26.24 -15.13 3.29
CA VAL C 84 24.93 -14.77 3.85
C VAL C 84 24.06 -14.07 2.81
N SER C 85 24.47 -14.20 1.55
CA SER C 85 23.79 -13.53 0.42
C SER C 85 23.32 -14.52 -0.62
N ALA C 86 23.55 -15.79 -0.33
CA ALA C 86 23.27 -16.88 -1.25
C ALA C 86 21.91 -16.78 -1.92
N ASN C 87 21.96 -16.58 -3.21
CA ASN C 87 20.80 -16.60 -4.12
C ASN C 87 19.90 -15.39 -4.00
N SER C 88 20.56 -14.23 -3.93
CA SER C 88 19.86 -12.94 -3.91
C SER C 88 19.40 -12.65 -5.36
N LYS C 89 18.34 -11.93 -5.50
CA LYS C 89 17.92 -11.51 -6.88
C LYS C 89 18.50 -10.13 -7.14
N LEU C 90 18.66 -9.33 -6.11
CA LEU C 90 19.16 -7.98 -6.17
C LEU C 90 20.08 -7.64 -4.98
N VAL C 91 21.28 -7.22 -5.35
CA VAL C 91 22.30 -6.79 -4.40
C VAL C 91 22.53 -5.28 -4.54
N ILE C 92 22.54 -4.57 -3.45
CA ILE C 92 22.76 -3.10 -3.48
C ILE C 92 23.93 -2.72 -2.56
N ILE C 93 24.99 -2.37 -3.26
CA ILE C 93 26.30 -2.00 -2.76
C ILE C 93 26.26 -0.58 -2.23
N THR C 94 26.39 -0.42 -0.94
CA THR C 94 26.41 0.94 -0.35
C THR C 94 27.40 0.96 0.80
N ALA C 95 28.63 0.72 0.46
CA ALA C 95 29.77 0.64 1.36
C ALA C 95 30.95 1.31 0.65
N GLY C 96 31.69 2.07 1.44
CA GLY C 96 32.84 2.77 0.95
C GLY C 96 33.47 3.81 1.82
N ALA C 97 32.93 5.01 1.74
CA ALA C 97 33.58 6.20 2.36
C ALA C 97 32.65 7.34 1.95
N ARG C 98 31.84 7.71 2.91
CA ARG C 98 30.75 8.63 2.63
C ARG C 98 30.85 10.06 3.10
N MET C 99 31.01 10.94 2.15
CA MET C 99 30.74 12.39 2.37
C MET C 99 31.64 13.07 3.36
N VAL C 100 31.77 14.36 3.18
CA VAL C 100 32.50 15.32 3.99
C VAL C 100 32.33 16.73 3.37
N SER C 101 31.70 17.59 4.14
CA SER C 101 31.50 19.01 3.79
C SER C 101 32.76 19.52 3.08
N GLY C 102 32.66 19.59 1.76
CA GLY C 102 33.79 20.10 0.95
C GLY C 102 34.24 18.95 0.03
N GLN C 103 34.84 17.99 0.70
CA GLN C 103 35.36 16.74 0.14
C GLN C 103 34.62 16.36 -1.15
N THR C 104 33.40 15.96 -0.85
CA THR C 104 32.47 15.37 -1.84
C THR C 104 32.72 16.06 -3.17
N ARG C 105 33.06 15.18 -4.06
CA ARG C 105 33.38 15.31 -5.47
C ARG C 105 33.59 13.84 -5.88
N LEU C 106 34.48 13.55 -6.79
CA LEU C 106 34.76 12.13 -7.15
C LEU C 106 36.10 11.81 -6.44
N ASP C 107 36.16 12.37 -5.24
CA ASP C 107 37.32 12.23 -4.36
C ASP C 107 37.29 10.85 -3.71
N LEU C 108 36.09 10.47 -3.30
CA LEU C 108 35.90 9.21 -2.57
C LEU C 108 36.11 8.08 -3.58
N LEU C 109 37.06 8.26 -4.48
CA LEU C 109 37.23 7.37 -5.60
C LEU C 109 38.34 6.36 -5.57
N GLN C 110 39.58 6.74 -5.53
CA GLN C 110 40.64 5.67 -5.51
C GLN C 110 40.41 4.86 -4.25
N ARG C 111 39.89 5.60 -3.30
CA ARG C 111 39.46 5.22 -1.98
C ARG C 111 38.43 4.09 -1.99
N ASN C 112 37.51 4.24 -2.93
CA ASN C 112 36.39 3.27 -3.02
C ASN C 112 36.71 2.13 -3.93
N VAL C 113 37.28 2.34 -5.09
CA VAL C 113 37.64 1.19 -5.97
C VAL C 113 38.27 0.10 -5.10
N ALA C 114 38.99 0.57 -4.09
CA ALA C 114 39.62 -0.30 -3.08
C ALA C 114 38.48 -0.99 -2.34
N ILE C 115 37.62 -0.22 -1.72
CA ILE C 115 36.43 -0.74 -1.03
C ILE C 115 35.82 -1.83 -1.93
N MET C 116 35.77 -1.58 -3.23
CA MET C 116 35.18 -2.51 -4.19
C MET C 116 36.01 -3.77 -4.35
N LYS C 117 37.12 -3.72 -5.02
CA LYS C 117 37.99 -4.87 -5.28
C LYS C 117 37.71 -6.01 -4.30
N ALA C 118 37.57 -5.62 -3.05
CA ALA C 118 37.21 -6.45 -1.93
C ALA C 118 35.73 -6.85 -1.84
N ILE C 119 34.92 -5.87 -1.49
CA ILE C 119 33.49 -5.96 -1.23
C ILE C 119 32.70 -6.69 -2.32
N VAL C 120 32.71 -6.10 -3.47
CA VAL C 120 31.93 -6.52 -4.70
C VAL C 120 32.30 -7.93 -5.04
N PRO C 121 32.73 -8.28 -6.21
CA PRO C 121 33.25 -9.62 -6.54
C PRO C 121 33.64 -10.42 -5.32
N GLY C 122 32.91 -11.49 -5.16
CA GLY C 122 32.95 -12.31 -3.92
C GLY C 122 31.44 -12.44 -3.57
N VAL C 123 30.80 -11.28 -3.45
CA VAL C 123 29.35 -11.21 -3.27
C VAL C 123 28.72 -12.05 -4.43
N ILE C 124 29.29 -11.80 -5.58
CA ILE C 124 28.87 -12.38 -6.86
C ILE C 124 29.13 -13.88 -6.87
N GLN C 125 30.23 -14.29 -6.26
CA GLN C 125 30.58 -15.72 -6.27
C GLN C 125 29.41 -16.49 -5.64
N ASN C 126 28.74 -15.80 -4.74
CA ASN C 126 27.57 -16.35 -4.03
C ASN C 126 26.35 -16.34 -4.94
N SER C 127 25.77 -15.17 -5.20
CA SER C 127 24.59 -15.09 -6.08
C SER C 127 25.06 -14.74 -7.50
N PRO C 128 25.54 -15.82 -8.15
CA PRO C 128 26.10 -15.72 -9.49
C PRO C 128 25.26 -15.00 -10.53
N ASP C 129 23.94 -15.15 -10.49
CA ASP C 129 23.02 -14.55 -11.48
C ASP C 129 22.35 -13.30 -10.87
N CYS C 130 22.99 -12.73 -9.87
CA CYS C 130 22.42 -11.57 -9.16
C CYS C 130 22.31 -10.38 -10.13
N LYS C 131 21.72 -9.34 -9.59
CA LYS C 131 21.57 -8.07 -10.38
C LYS C 131 22.02 -6.97 -9.46
N ILE C 132 22.91 -6.09 -9.91
CA ILE C 132 23.38 -5.08 -8.99
C ILE C 132 23.02 -3.64 -9.36
N ILE C 133 22.57 -3.00 -8.28
CA ILE C 133 22.31 -1.58 -8.18
C ILE C 133 23.55 -1.08 -7.40
N VAL C 134 24.22 -0.10 -7.90
CA VAL C 134 25.42 0.44 -7.21
C VAL C 134 24.98 1.80 -6.70
N VAL C 135 25.06 2.01 -5.40
CA VAL C 135 24.65 3.31 -4.83
C VAL C 135 25.87 4.15 -4.47
N THR C 136 26.95 3.51 -4.01
CA THR C 136 28.13 4.19 -3.51
C THR C 136 28.42 5.52 -4.16
N ASN C 137 29.06 5.83 -5.30
CA ASN C 137 28.99 7.25 -5.66
C ASN C 137 29.19 8.17 -6.78
N PRO C 138 30.10 8.41 -7.72
CA PRO C 138 31.25 7.46 -8.00
C PRO C 138 30.57 6.27 -8.61
N VAL C 139 29.25 6.36 -8.58
CA VAL C 139 28.24 5.45 -9.04
C VAL C 139 28.68 5.07 -10.47
N ASP C 140 28.97 6.15 -11.19
CA ASP C 140 29.40 6.05 -12.59
C ASP C 140 30.65 5.16 -12.57
N ILE C 141 31.73 5.78 -12.18
CA ILE C 141 33.07 5.17 -12.11
C ILE C 141 33.13 3.86 -11.37
N LEU C 142 32.29 3.66 -10.40
CA LEU C 142 32.17 2.48 -9.55
C LEU C 142 31.39 1.45 -10.33
N THR C 143 30.28 1.87 -10.93
CA THR C 143 29.49 1.00 -11.83
C THR C 143 30.52 0.33 -12.76
N TYR C 144 31.38 1.20 -13.28
CA TYR C 144 32.46 0.79 -14.20
C TYR C 144 33.38 -0.20 -13.51
N VAL C 145 33.95 0.22 -12.41
CA VAL C 145 34.79 -0.66 -11.57
C VAL C 145 34.07 -2.01 -11.41
N VAL C 146 32.92 -1.98 -10.75
CA VAL C 146 32.16 -3.18 -10.48
C VAL C 146 31.93 -3.95 -11.78
N TRP C 147 31.45 -3.24 -12.79
CA TRP C 147 31.15 -3.84 -14.09
C TRP C 147 32.29 -4.80 -14.47
N LYS C 148 33.43 -4.16 -14.46
CA LYS C 148 34.75 -4.64 -14.81
C LYS C 148 35.20 -5.78 -13.92
N ILE C 149 35.16 -5.48 -12.63
CA ILE C 149 35.63 -6.33 -11.55
C ILE C 149 34.74 -7.54 -11.36
N SER C 150 33.49 -7.39 -11.76
CA SER C 150 32.52 -8.52 -11.65
C SER C 150 32.61 -9.35 -12.92
N GLY C 151 32.27 -8.75 -14.04
CA GLY C 151 32.34 -9.40 -15.34
C GLY C 151 31.04 -9.95 -15.86
N PHE C 152 29.92 -9.44 -15.35
CA PHE C 152 28.63 -9.90 -15.93
C PHE C 152 28.07 -8.72 -16.75
N PRO C 153 27.19 -9.09 -17.67
CA PRO C 153 26.56 -8.16 -18.59
C PRO C 153 26.00 -6.94 -17.90
N VAL C 154 26.47 -5.76 -18.34
CA VAL C 154 25.74 -4.54 -17.88
C VAL C 154 24.29 -4.85 -18.37
N GLY C 155 23.40 -4.48 -17.54
CA GLY C 155 21.95 -4.89 -17.69
C GLY C 155 21.78 -5.35 -16.20
N ARG C 156 22.71 -6.26 -15.92
CA ARG C 156 22.79 -6.81 -14.54
C ARG C 156 23.41 -5.73 -13.67
N VAL C 157 24.52 -5.21 -14.10
CA VAL C 157 25.26 -4.16 -13.32
C VAL C 157 24.79 -2.74 -13.62
N ILE C 158 23.99 -2.21 -12.72
CA ILE C 158 23.37 -0.89 -12.89
C ILE C 158 23.77 0.07 -11.76
N GLY C 159 23.45 1.35 -11.98
CA GLY C 159 23.80 2.36 -11.03
C GLY C 159 22.77 3.47 -10.88
N SER C 160 22.66 3.86 -9.64
CA SER C 160 21.84 4.91 -9.07
C SER C 160 21.75 6.10 -10.01
N GLY C 161 22.84 6.32 -10.70
CA GLY C 161 22.92 7.42 -11.67
C GLY C 161 22.20 8.67 -11.19
N CYS C 162 21.34 9.19 -12.06
CA CYS C 162 20.66 10.48 -11.83
C CYS C 162 19.21 10.34 -11.51
N ASN C 163 18.77 9.09 -11.40
CA ASN C 163 17.35 8.83 -11.05
C ASN C 163 16.99 9.85 -9.95
N LEU C 164 17.94 9.85 -9.04
CA LEU C 164 18.09 10.74 -7.89
C LEU C 164 17.88 12.21 -8.29
N ASP C 165 18.90 12.78 -8.90
CA ASP C 165 18.98 14.13 -9.45
C ASP C 165 17.72 14.63 -10.19
N SER C 166 17.38 13.87 -11.22
CA SER C 166 16.18 14.08 -12.02
C SER C 166 14.94 14.30 -11.14
N ALA C 167 14.88 13.53 -10.08
CA ALA C 167 13.83 13.57 -9.07
C ALA C 167 14.01 14.86 -8.27
N ARG C 168 15.27 15.08 -7.93
CA ARG C 168 15.65 16.28 -7.14
C ARG C 168 15.14 17.53 -7.89
N PHE C 169 15.24 17.38 -9.19
CA PHE C 169 14.90 18.32 -10.26
C PHE C 169 13.39 18.49 -10.34
N ARG C 170 12.67 17.44 -10.76
CA ARG C 170 11.21 17.47 -10.83
C ARG C 170 10.66 18.15 -9.56
N TYR C 171 11.35 17.93 -8.46
CA TYR C 171 10.93 18.58 -7.20
C TYR C 171 10.95 20.09 -7.47
N LEU C 172 12.14 20.66 -7.30
CA LEU C 172 12.33 22.10 -7.44
C LEU C 172 11.41 22.65 -8.57
N ILE C 173 11.58 22.04 -9.72
CA ILE C 173 10.85 22.45 -10.94
C ILE C 173 9.39 22.71 -10.59
N GLY C 174 8.77 21.73 -9.97
CA GLY C 174 7.38 21.78 -9.53
C GLY C 174 7.16 22.76 -8.38
N GLU C 175 8.22 23.09 -7.69
CA GLU C 175 8.17 24.02 -6.54
C GLU C 175 7.71 25.36 -7.09
N LYS C 176 7.85 25.59 -8.39
CA LYS C 176 7.52 26.90 -8.98
C LYS C 176 6.18 27.05 -9.68
N LEU C 177 5.71 26.01 -10.35
CA LEU C 177 4.44 26.01 -11.07
C LEU C 177 3.26 25.79 -10.11
N GLY C 178 3.56 24.97 -9.10
CA GLY C 178 2.55 24.57 -8.08
C GLY C 178 1.80 23.35 -8.65
N VAL C 179 2.63 22.41 -9.06
CA VAL C 179 2.28 21.18 -9.75
C VAL C 179 3.21 20.07 -9.27
N ASN C 180 2.71 18.90 -9.10
CA ASN C 180 3.43 17.70 -8.54
C ASN C 180 4.52 17.22 -9.47
N PRO C 181 5.63 16.81 -8.85
CA PRO C 181 6.88 16.45 -9.54
C PRO C 181 6.76 15.17 -10.35
N THR C 182 5.57 14.68 -10.30
CA THR C 182 5.10 13.47 -10.96
C THR C 182 4.43 13.92 -12.28
N SER C 183 3.82 15.07 -12.09
CA SER C 183 3.04 15.81 -13.01
C SER C 183 3.82 16.87 -13.77
N CYS C 184 5.09 17.04 -13.51
CA CYS C 184 6.00 17.88 -14.28
C CYS C 184 7.05 16.86 -14.76
N HIS C 185 7.64 17.07 -15.88
CA HIS C 185 8.66 16.06 -16.35
C HIS C 185 9.84 16.86 -16.85
N GLY C 186 11.02 16.32 -16.65
CA GLY C 186 12.31 16.93 -17.01
C GLY C 186 13.38 15.84 -16.76
N TRP C 187 14.47 15.90 -17.47
CA TRP C 187 15.51 14.83 -17.39
C TRP C 187 16.83 15.52 -17.17
N VAL C 188 17.66 15.02 -16.26
CA VAL C 188 19.01 15.55 -16.04
C VAL C 188 19.93 14.34 -16.21
N LEU C 189 20.87 14.39 -17.13
CA LEU C 189 21.78 13.25 -17.28
C LEU C 189 23.23 13.72 -17.40
N GLY C 190 24.04 12.77 -17.90
CA GLY C 190 25.50 12.99 -17.89
C GLY C 190 25.97 12.35 -16.55
N GLU C 191 26.58 13.19 -15.75
CA GLU C 191 27.14 12.79 -14.45
C GLU C 191 26.22 13.06 -13.27
N HIS C 192 26.47 12.27 -12.24
CA HIS C 192 25.78 12.32 -10.94
C HIS C 192 26.75 13.08 -10.02
N GLY C 193 26.57 14.40 -10.08
CA GLY C 193 27.50 15.31 -9.39
C GLY C 193 27.47 16.70 -10.00
N ASP C 194 28.51 17.13 -10.68
CA ASP C 194 28.51 18.55 -11.13
C ASP C 194 28.57 18.71 -12.64
N SER C 195 28.54 17.63 -13.32
CA SER C 195 28.66 17.65 -14.81
C SER C 195 27.27 17.38 -15.35
N SER C 196 26.31 17.83 -14.53
CA SER C 196 24.90 17.42 -14.79
C SER C 196 24.27 18.33 -15.82
N VAL C 197 24.16 17.74 -17.00
CA VAL C 197 23.42 18.47 -18.05
C VAL C 197 21.99 17.98 -17.83
N PRO C 198 21.16 18.90 -17.35
CA PRO C 198 19.68 18.61 -17.35
C PRO C 198 19.37 18.42 -18.82
N ILE C 199 18.16 18.29 -19.27
CA ILE C 199 18.00 18.30 -20.77
C ILE C 199 16.65 18.95 -21.07
N TRP C 200 16.70 20.29 -20.93
CA TRP C 200 15.59 21.19 -21.17
C TRP C 200 14.88 20.89 -22.49
N SER C 201 15.60 20.56 -23.53
CA SER C 201 14.99 20.27 -24.84
C SER C 201 13.64 19.59 -24.62
N GLY C 202 13.58 18.67 -23.66
CA GLY C 202 12.40 17.91 -23.35
C GLY C 202 11.78 18.01 -22.00
N VAL C 203 11.07 19.09 -21.70
CA VAL C 203 10.51 19.34 -20.35
C VAL C 203 9.06 19.75 -20.35
N ASN C 204 8.18 18.78 -20.13
CA ASN C 204 6.74 18.91 -20.07
C ASN C 204 6.22 19.44 -18.71
N VAL C 205 4.95 19.47 -18.63
CA VAL C 205 3.92 19.76 -17.72
C VAL C 205 2.57 19.63 -18.53
N ALA C 206 2.52 18.59 -19.31
CA ALA C 206 1.51 18.10 -20.22
C ALA C 206 2.19 17.19 -21.27
N GLY C 207 2.58 17.72 -22.41
CA GLY C 207 3.18 16.89 -23.45
C GLY C 207 4.27 17.54 -24.26
N VAL C 208 4.97 16.69 -25.01
CA VAL C 208 6.06 17.09 -25.88
C VAL C 208 5.48 17.66 -27.19
N THR C 209 5.92 18.87 -27.45
CA THR C 209 5.37 19.67 -28.56
C THR C 209 4.12 20.32 -27.94
N LEU C 210 3.46 19.49 -27.13
CA LEU C 210 2.33 19.97 -26.29
C LEU C 210 3.03 20.91 -25.30
N LYS C 211 2.79 20.67 -24.01
CA LYS C 211 3.44 21.58 -23.03
C LYS C 211 4.86 21.10 -22.77
N SER C 212 5.66 21.61 -23.66
CA SER C 212 7.16 21.52 -23.63
C SER C 212 7.51 22.82 -22.92
N LEU C 213 8.43 22.92 -21.98
CA LEU C 213 8.61 24.24 -21.31
C LEU C 213 9.24 25.24 -22.27
N ASN C 214 9.66 24.72 -23.40
CA ASN C 214 10.37 25.43 -24.47
C ASN C 214 9.53 26.45 -25.24
N PRO C 215 8.37 26.05 -25.73
CA PRO C 215 7.48 26.89 -26.52
C PRO C 215 7.09 28.18 -25.86
N ALA C 216 7.23 28.28 -24.56
CA ALA C 216 6.83 29.54 -23.87
C ALA C 216 8.11 30.24 -23.42
N ILE C 217 9.17 29.46 -23.45
CA ILE C 217 10.54 29.85 -23.21
C ILE C 217 10.83 31.13 -22.48
N GLY C 218 10.72 31.17 -21.16
CA GLY C 218 11.25 32.38 -20.40
C GLY C 218 12.79 32.13 -20.41
N THR C 219 13.17 31.42 -21.40
CA THR C 219 14.26 30.75 -21.99
C THR C 219 14.24 29.31 -21.39
N ASP C 220 15.18 29.01 -20.61
CA ASP C 220 15.51 27.73 -20.00
C ASP C 220 16.90 27.41 -20.61
N LYS C 221 17.88 28.00 -19.95
CA LYS C 221 19.29 27.98 -20.27
C LYS C 221 19.73 29.42 -20.63
N ASN C 222 19.60 29.76 -21.89
CA ASN C 222 19.97 30.99 -22.56
C ASN C 222 19.38 32.24 -21.92
N LYS C 223 19.06 32.11 -20.66
CA LYS C 223 18.58 33.03 -19.70
C LYS C 223 17.22 32.69 -19.04
N GLN C 224 16.76 33.74 -18.41
CA GLN C 224 15.67 34.12 -17.61
C GLN C 224 15.17 33.00 -16.68
N HIS C 225 16.06 32.86 -15.71
CA HIS C 225 16.07 32.06 -14.51
C HIS C 225 15.32 30.77 -14.66
N TRP C 226 16.03 29.69 -14.53
CA TRP C 226 15.59 28.31 -14.66
C TRP C 226 16.91 27.50 -14.64
N LYS C 227 17.94 28.15 -15.14
CA LYS C 227 19.29 27.53 -15.10
C LYS C 227 19.51 27.13 -13.62
N ASN C 228 18.98 28.08 -12.83
CA ASN C 228 19.09 27.99 -11.40
C ASN C 228 18.42 26.71 -10.92
N VAL C 229 17.30 26.36 -11.49
CA VAL C 229 16.67 25.08 -11.02
C VAL C 229 17.82 24.03 -11.06
N HIS C 230 18.53 24.12 -12.18
CA HIS C 230 19.67 23.21 -12.40
C HIS C 230 20.84 23.47 -11.45
N LYS C 231 21.11 24.75 -11.21
CA LYS C 231 22.21 25.11 -10.31
C LYS C 231 21.83 24.75 -8.87
N GLN C 232 20.54 24.81 -8.65
CA GLN C 232 19.90 24.51 -7.39
C GLN C 232 19.94 22.99 -7.20
N VAL C 233 19.79 22.30 -8.31
CA VAL C 233 19.80 20.83 -8.31
C VAL C 233 21.15 20.35 -7.76
N VAL C 234 22.15 20.55 -8.59
CA VAL C 234 23.55 20.17 -8.25
C VAL C 234 23.91 20.67 -6.85
N GLU C 235 24.05 21.95 -6.66
CA GLU C 235 24.33 22.50 -5.32
C GLU C 235 23.55 21.73 -4.25
N GLY C 236 22.28 21.52 -4.55
CA GLY C 236 21.29 20.86 -3.74
C GLY C 236 21.78 19.58 -3.09
N GLY C 237 22.72 18.93 -3.78
CA GLY C 237 23.23 17.62 -3.25
C GLY C 237 24.10 17.96 -2.02
N TYR C 238 24.82 19.05 -2.23
CA TYR C 238 25.83 19.55 -1.28
C TYR C 238 25.25 20.12 -0.02
N GLU C 239 24.34 21.05 -0.14
CA GLU C 239 23.68 21.74 0.94
C GLU C 239 23.08 20.82 2.00
N VAL C 240 22.61 19.67 1.57
CA VAL C 240 22.02 18.68 2.44
C VAL C 240 23.03 18.25 3.53
N LEU C 241 24.10 17.71 2.94
CA LEU C 241 25.12 17.06 3.81
C LEU C 241 25.66 18.11 4.75
N ASP C 242 25.96 19.27 4.22
CA ASP C 242 26.55 20.34 5.07
C ASP C 242 25.76 20.37 6.39
N MET C 243 24.47 20.15 6.29
CA MET C 243 23.54 20.26 7.42
C MET C 243 23.22 19.05 8.26
N LYS C 244 22.70 17.98 7.73
CA LYS C 244 22.37 16.80 8.58
C LYS C 244 23.64 15.96 8.73
N GLY C 245 24.58 16.34 7.88
CA GLY C 245 25.91 15.73 7.80
C GLY C 245 25.87 14.41 7.06
N TYR C 246 25.13 14.34 5.98
CA TYR C 246 25.04 13.15 5.12
C TYR C 246 23.78 13.25 4.24
N THR C 247 23.75 12.33 3.30
CA THR C 247 22.71 12.16 2.28
C THR C 247 22.03 10.83 2.49
N SER C 248 20.86 10.80 3.12
CA SER C 248 20.19 9.55 3.48
C SER C 248 18.91 9.14 2.81
N TRP C 249 17.77 9.60 3.29
CA TRP C 249 16.44 9.27 2.85
C TRP C 249 16.27 9.15 1.33
N ALA C 250 16.27 10.30 0.68
CA ALA C 250 16.07 10.52 -0.73
C ALA C 250 16.90 9.60 -1.61
N ILE C 251 18.06 9.17 -1.12
CA ILE C 251 18.83 8.22 -1.97
C ILE C 251 18.13 6.86 -1.93
N GLY C 252 17.57 6.63 -0.75
CA GLY C 252 16.96 5.34 -0.40
C GLY C 252 15.76 5.13 -1.31
N LEU C 253 14.83 6.05 -1.13
CA LEU C 253 13.58 6.08 -1.91
C LEU C 253 13.92 5.87 -3.36
N SER C 254 14.85 6.64 -3.87
CA SER C 254 15.26 6.49 -5.28
C SER C 254 15.47 5.02 -5.65
N VAL C 255 16.37 4.38 -4.97
CA VAL C 255 16.82 3.02 -5.24
C VAL C 255 15.69 2.00 -5.26
N THR C 256 14.91 2.14 -4.19
CA THR C 256 13.79 1.20 -3.93
C THR C 256 12.83 1.32 -5.10
N ASP C 257 12.91 2.48 -5.70
CA ASP C 257 12.07 2.86 -6.87
C ASP C 257 12.68 2.19 -8.11
N LEU C 258 13.96 1.84 -8.02
CA LEU C 258 14.68 1.13 -9.07
C LEU C 258 14.35 -0.37 -8.91
N ALA C 259 14.42 -0.81 -7.69
CA ALA C 259 14.12 -2.19 -7.29
C ALA C 259 12.71 -2.56 -7.74
N ARG C 260 11.78 -1.73 -7.30
CA ARG C 260 10.34 -1.78 -7.53
C ARG C 260 10.07 -2.13 -8.99
N SER C 261 10.80 -1.42 -9.82
CA SER C 261 10.69 -1.51 -11.27
C SER C 261 11.27 -2.84 -11.74
N ILE C 262 12.49 -3.08 -11.33
CA ILE C 262 13.18 -4.35 -11.65
C ILE C 262 12.29 -5.50 -11.19
N LEU C 263 12.15 -5.66 -9.90
CA LEU C 263 11.38 -6.74 -9.29
C LEU C 263 9.98 -6.98 -9.83
N LYS C 264 9.15 -5.98 -10.02
CA LYS C 264 7.76 -6.20 -10.48
C LYS C 264 7.68 -6.17 -11.98
N ASN C 265 8.83 -6.26 -12.60
CA ASN C 265 9.06 -6.23 -14.03
C ASN C 265 8.31 -5.10 -14.72
N LEU C 266 8.19 -3.97 -14.05
CA LEU C 266 7.46 -2.81 -14.53
C LEU C 266 7.83 -2.24 -15.88
N LYS C 267 9.04 -2.50 -16.34
CA LYS C 267 9.57 -1.97 -17.59
C LYS C 267 9.28 -0.47 -17.68
N ARG C 268 9.41 0.14 -16.52
CA ARG C 268 9.37 1.59 -16.29
C ARG C 268 10.79 2.09 -16.70
N VAL C 269 10.78 3.03 -17.61
CA VAL C 269 12.06 3.63 -18.07
C VAL C 269 12.59 4.48 -16.93
N HIS C 270 13.90 4.60 -16.93
CA HIS C 270 14.70 5.24 -15.89
C HIS C 270 16.01 5.81 -16.38
N PRO C 271 16.40 6.85 -15.63
CA PRO C 271 17.74 7.43 -15.85
C PRO C 271 18.62 6.71 -14.80
N VAL C 272 19.52 5.94 -15.32
CA VAL C 272 20.45 5.11 -14.55
C VAL C 272 21.77 5.12 -15.30
N THR C 273 22.84 4.65 -14.72
CA THR C 273 24.14 4.59 -15.37
C THR C 273 24.39 3.27 -16.08
N THR C 274 24.96 3.36 -17.25
CA THR C 274 25.35 2.25 -18.09
C THR C 274 26.37 2.76 -19.12
N LEU C 275 26.82 1.80 -19.89
CA LEU C 275 27.84 1.97 -20.90
C LEU C 275 27.32 2.71 -22.11
N VAL C 276 27.66 3.98 -22.17
CA VAL C 276 27.32 4.80 -23.37
C VAL C 276 28.46 4.64 -24.39
N LYS C 277 29.22 3.58 -24.19
CA LYS C 277 30.37 3.13 -24.91
C LYS C 277 30.46 3.68 -26.33
N GLY C 278 29.36 3.72 -27.04
CA GLY C 278 29.38 4.19 -28.44
C GLY C 278 28.05 4.85 -28.80
N PHE C 279 27.60 5.76 -27.98
CA PHE C 279 26.35 6.52 -28.21
C PHE C 279 26.77 7.98 -28.41
N HIS C 280 25.93 8.75 -29.01
CA HIS C 280 26.13 10.17 -29.27
C HIS C 280 27.55 10.67 -29.24
N GLY C 281 28.44 10.00 -29.96
CA GLY C 281 29.83 10.40 -30.13
C GLY C 281 30.79 9.74 -29.17
N ILE C 282 30.31 9.47 -27.96
CA ILE C 282 31.14 8.77 -26.96
C ILE C 282 31.45 7.37 -27.53
N LYS C 283 32.74 7.09 -27.53
CA LYS C 283 33.26 5.81 -28.03
C LYS C 283 34.45 5.40 -27.15
N GLU C 284 34.11 4.91 -25.98
CA GLU C 284 35.10 4.47 -24.97
C GLU C 284 34.28 4.15 -23.71
N GLU C 285 34.42 2.94 -23.21
CA GLU C 285 33.73 2.28 -22.14
C GLU C 285 33.47 3.15 -20.88
N VAL C 286 32.99 4.33 -21.13
CA VAL C 286 32.52 5.33 -20.22
C VAL C 286 31.03 5.00 -19.91
N PHE C 287 30.81 4.91 -18.64
CA PHE C 287 29.50 4.66 -18.05
C PHE C 287 29.08 6.01 -17.42
N LEU C 288 28.05 6.59 -17.96
CA LEU C 288 27.37 7.76 -17.34
C LEU C 288 25.88 7.31 -17.45
N SER C 289 24.99 8.18 -17.04
CA SER C 289 23.56 7.76 -17.04
C SER C 289 22.76 8.31 -18.21
N ILE C 290 21.82 7.50 -18.60
CA ILE C 290 20.91 7.71 -19.73
C ILE C 290 19.57 7.05 -19.45
N PRO C 291 18.51 7.60 -20.03
CA PRO C 291 17.16 7.01 -19.83
C PRO C 291 17.11 5.63 -20.47
N CYS C 292 16.90 4.62 -19.65
CA CYS C 292 16.83 3.21 -19.97
C CYS C 292 15.57 2.57 -19.34
N VAL C 293 15.17 1.50 -19.97
CA VAL C 293 14.02 0.69 -19.52
C VAL C 293 14.57 -0.51 -18.71
N LEU C 294 13.99 -0.63 -17.54
CA LEU C 294 14.32 -1.63 -16.53
C LEU C 294 13.22 -2.65 -16.28
N GLY C 295 13.61 -3.92 -16.23
CA GLY C 295 12.70 -5.03 -15.95
C GLY C 295 13.44 -6.12 -15.19
N GLU C 296 12.78 -7.22 -14.95
CA GLU C 296 13.23 -8.43 -14.30
C GLU C 296 14.71 -8.69 -14.56
N SER C 297 15.05 -8.73 -15.83
CA SER C 297 16.35 -9.05 -16.38
C SER C 297 17.36 -7.94 -16.54
N GLY C 298 17.19 -6.78 -15.95
CA GLY C 298 18.24 -5.73 -16.00
C GLY C 298 17.80 -4.52 -16.79
N ILE C 299 18.80 -3.95 -17.48
CA ILE C 299 18.50 -2.88 -18.46
C ILE C 299 18.15 -3.76 -19.70
N THR C 300 17.05 -3.42 -20.28
CA THR C 300 16.53 -4.23 -21.43
C THR C 300 16.99 -3.54 -22.70
N ASP C 301 16.72 -2.24 -22.62
CA ASP C 301 16.95 -1.34 -23.76
C ASP C 301 17.23 0.06 -23.23
N PHE C 302 17.79 0.85 -24.11
CA PHE C 302 18.21 2.23 -23.85
C PHE C 302 17.24 3.20 -24.57
N VAL C 303 17.23 4.43 -24.09
CA VAL C 303 16.39 5.45 -24.78
C VAL C 303 17.39 6.55 -25.18
N LYS C 304 17.44 6.69 -26.50
CA LYS C 304 18.32 7.64 -27.19
C LYS C 304 17.54 8.92 -27.50
N VAL C 305 17.71 9.86 -26.62
CA VAL C 305 17.17 11.19 -26.59
C VAL C 305 17.76 12.10 -27.68
N ASN C 306 17.16 13.27 -27.74
CA ASN C 306 17.52 14.36 -28.64
C ASN C 306 18.21 15.51 -27.90
N MET C 307 19.49 15.34 -27.63
CA MET C 307 20.22 16.46 -26.94
C MET C 307 20.46 17.45 -28.10
N THR C 308 20.31 18.73 -27.83
CA THR C 308 20.59 19.79 -28.80
C THR C 308 22.12 19.74 -29.00
N ALA C 309 22.56 20.27 -30.11
CA ALA C 309 23.98 20.28 -30.47
C ALA C 309 24.84 20.13 -29.21
N GLU C 310 24.70 21.06 -28.30
CA GLU C 310 25.50 21.04 -27.07
C GLU C 310 24.93 20.17 -25.97
N GLU C 311 23.63 20.02 -25.84
CA GLU C 311 23.15 19.02 -24.81
C GLU C 311 24.03 17.80 -25.05
N GLU C 312 24.25 17.49 -26.32
CA GLU C 312 25.13 16.44 -26.81
C GLU C 312 26.59 16.82 -26.56
N GLY C 313 26.80 18.11 -26.61
CA GLY C 313 28.10 18.76 -26.35
C GLY C 313 28.53 18.36 -24.94
N LEU C 314 27.82 18.96 -23.99
CA LEU C 314 28.01 18.71 -22.56
C LEU C 314 28.12 17.22 -22.30
N LEU C 315 27.05 16.50 -22.65
CA LEU C 315 27.14 15.03 -22.45
C LEU C 315 28.45 14.52 -23.02
N LYS C 316 28.74 14.84 -24.27
CA LYS C 316 30.01 14.39 -24.89
C LYS C 316 31.18 14.68 -23.94
N LYS C 317 31.10 15.81 -23.26
CA LYS C 317 32.07 16.32 -22.31
C LYS C 317 32.19 15.50 -21.03
N SER C 318 31.09 15.35 -20.31
CA SER C 318 31.11 14.52 -19.08
C SER C 318 31.87 13.23 -19.45
N ALA C 319 31.22 12.51 -20.33
CA ALA C 319 31.68 11.24 -20.86
C ALA C 319 33.19 11.12 -20.63
N ASP C 320 33.83 12.11 -21.22
CA ASP C 320 35.28 12.29 -21.21
C ASP C 320 35.83 12.58 -19.84
N THR C 321 35.41 13.63 -19.15
CA THR C 321 35.87 13.84 -17.76
C THR C 321 35.95 12.42 -17.13
N LEU C 322 34.74 11.91 -16.98
CA LEU C 322 34.51 10.58 -16.45
C LEU C 322 35.51 9.58 -17.03
N TRP C 323 35.90 9.80 -18.28
CA TRP C 323 36.74 8.90 -19.02
C TRP C 323 38.19 8.79 -18.58
N ASN C 324 39.02 9.84 -18.69
CA ASN C 324 40.43 9.54 -18.35
C ASN C 324 40.35 8.88 -16.93
N MET C 325 39.62 9.56 -16.07
CA MET C 325 39.47 9.07 -14.68
C MET C 325 39.60 7.55 -14.60
N GLN C 326 39.01 6.86 -15.53
CA GLN C 326 39.03 5.44 -15.72
C GLN C 326 40.30 4.81 -16.27
N LYS C 327 41.40 5.49 -16.40
CA LYS C 327 42.69 4.84 -16.80
C LYS C 327 43.11 4.18 -15.45
N ASN C 328 42.39 3.08 -15.18
CA ASN C 328 42.44 2.45 -13.88
C ASN C 328 43.09 1.11 -13.70
N LEU C 329 43.14 0.78 -12.41
CA LEU C 329 43.60 -0.31 -11.63
C LEU C 329 44.06 0.30 -10.28
N GLU C 330 44.62 -0.50 -9.40
CA GLU C 330 45.11 0.02 -8.11
C GLU C 330 46.47 0.72 -8.29
N LEU C 331 47.06 0.52 -9.45
CA LEU C 331 48.36 1.07 -9.84
C LEU C 331 48.55 2.48 -9.27
N SER D 1 -22.56 -5.96 34.48
CA SER D 1 -23.36 -7.15 34.55
C SER D 1 -23.12 -8.09 33.36
N THR D 2 -22.99 -7.49 32.20
CA THR D 2 -22.76 -8.04 30.90
C THR D 2 -21.29 -8.19 30.52
N VAL D 3 -21.07 -9.03 29.50
CA VAL D 3 -19.65 -9.15 29.01
C VAL D 3 -19.26 -7.71 28.58
N LYS D 4 -20.13 -7.06 27.81
CA LYS D 4 -19.80 -5.68 27.42
C LYS D 4 -19.41 -4.94 28.72
N GLU D 5 -20.43 -4.81 29.56
CA GLU D 5 -20.28 -4.08 30.82
C GLU D 5 -19.15 -4.63 31.65
N GLN D 6 -18.58 -5.74 31.21
CA GLN D 6 -17.49 -6.40 31.93
C GLN D 6 -16.15 -6.27 31.23
N LEU D 7 -16.04 -6.53 29.95
CA LEU D 7 -14.79 -6.52 29.20
C LEU D 7 -14.26 -5.15 28.85
N ILE D 8 -15.12 -4.25 28.47
CA ILE D 8 -14.76 -2.92 27.98
C ILE D 8 -15.12 -1.80 28.93
N GLN D 9 -14.19 -0.86 29.05
CA GLN D 9 -14.41 0.30 29.90
C GLN D 9 -14.39 1.60 29.07
N ASN D 10 -15.51 2.23 29.08
CA ASN D 10 -16.00 3.46 28.54
C ASN D 10 -15.38 4.73 29.09
N LEU D 11 -14.27 5.18 28.50
CA LEU D 11 -13.57 6.40 28.94
C LEU D 11 -14.40 7.68 28.73
N VAL D 12 -15.17 7.96 29.72
CA VAL D 12 -16.13 9.01 29.98
C VAL D 12 -16.34 9.94 28.80
N PRO D 13 -16.38 11.23 29.05
CA PRO D 13 -16.77 12.22 28.01
C PRO D 13 -15.96 12.07 26.74
N GLU D 14 -16.65 12.20 25.62
CA GLU D 14 -16.08 12.05 24.28
C GLU D 14 -15.90 10.53 24.00
N ASP D 15 -17.04 10.03 23.58
CA ASP D 15 -17.37 8.67 23.22
C ASP D 15 -18.29 8.69 21.99
N LYS D 16 -17.96 9.57 21.06
CA LYS D 16 -18.67 9.82 19.81
C LYS D 16 -17.87 10.86 18.99
N LEU D 17 -17.96 10.83 17.66
CA LEU D 17 -17.25 11.77 16.76
C LEU D 17 -17.86 11.76 15.34
N SER D 18 -17.12 12.29 14.38
CA SER D 18 -17.43 12.28 12.95
C SER D 18 -16.47 13.16 12.14
N ARG D 19 -16.33 12.91 10.83
CA ARG D 19 -15.54 13.80 9.96
C ARG D 19 -15.61 13.64 8.45
N CYS D 20 -14.69 12.96 7.81
CA CYS D 20 -14.51 12.92 6.34
C CYS D 20 -14.74 11.69 5.52
N LYS D 21 -15.92 11.54 4.95
CA LYS D 21 -16.54 10.54 4.16
C LYS D 21 -16.43 10.57 2.64
N ILE D 22 -16.78 9.44 2.07
CA ILE D 22 -16.95 9.15 0.65
C ILE D 22 -18.38 8.53 0.54
N THR D 23 -19.07 8.84 -0.53
CA THR D 23 -20.43 8.35 -0.76
C THR D 23 -20.51 7.98 -2.24
N VAL D 24 -21.24 6.92 -2.55
CA VAL D 24 -21.38 6.64 -4.03
C VAL D 24 -22.84 6.34 -4.33
N VAL D 25 -23.38 7.21 -5.21
CA VAL D 25 -24.81 7.07 -5.61
C VAL D 25 -24.87 5.92 -6.63
N GLY D 26 -25.64 4.93 -6.26
CA GLY D 26 -25.90 3.74 -7.06
C GLY D 26 -24.64 2.90 -7.15
N VAL D 27 -24.83 1.62 -7.04
CA VAL D 27 -23.87 0.55 -7.08
C VAL D 27 -24.03 -0.33 -8.33
N GLY D 28 -24.41 0.30 -9.42
CA GLY D 28 -24.48 -0.52 -10.70
C GLY D 28 -23.00 -0.91 -10.88
N ASP D 29 -22.67 -2.09 -11.29
CA ASP D 29 -21.31 -2.57 -11.52
C ASP D 29 -20.22 -1.51 -11.32
N VAL D 30 -20.35 -0.40 -12.00
CA VAL D 30 -19.49 0.76 -11.92
C VAL D 30 -19.50 1.43 -10.55
N GLY D 31 -20.66 1.93 -10.17
CA GLY D 31 -20.86 2.60 -8.88
C GLY D 31 -20.09 1.76 -7.84
N MET D 32 -20.13 0.46 -8.10
CA MET D 32 -19.55 -0.58 -7.30
C MET D 32 -18.07 -0.85 -7.39
N ALA D 33 -17.50 -0.91 -8.58
CA ALA D 33 -16.09 -1.15 -8.83
C ALA D 33 -15.29 0.09 -8.36
N CYS D 34 -16.05 1.14 -8.42
CA CYS D 34 -15.53 2.49 -8.02
C CYS D 34 -15.69 2.53 -6.52
N ALA D 35 -16.34 1.48 -5.99
CA ALA D 35 -16.47 1.27 -4.55
C ALA D 35 -15.30 0.45 -4.01
N ILE D 36 -15.30 -0.84 -4.15
CA ILE D 36 -14.25 -1.75 -3.70
C ILE D 36 -12.85 -1.13 -3.71
N SER D 37 -12.53 -0.53 -4.85
CA SER D 37 -11.22 0.12 -5.05
C SER D 37 -11.02 1.31 -4.12
N ILE D 38 -12.06 2.13 -3.91
CA ILE D 38 -11.87 3.21 -2.89
C ILE D 38 -11.46 2.51 -1.58
N LEU D 39 -11.88 1.26 -1.46
CA LEU D 39 -11.57 0.44 -0.27
C LEU D 39 -10.16 -0.13 -0.30
N LEU D 40 -9.72 -0.62 -1.45
CA LEU D 40 -8.37 -1.26 -1.59
C LEU D 40 -7.33 -0.17 -1.64
N LYS D 41 -7.52 0.75 -0.74
CA LYS D 41 -6.76 1.99 -0.51
C LYS D 41 -7.37 2.61 0.74
N GLY D 42 -6.80 3.70 1.20
CA GLY D 42 -7.33 4.26 2.49
C GLY D 42 -7.78 5.65 2.16
N LEU D 43 -8.81 5.74 1.37
CA LEU D 43 -9.25 7.14 1.00
C LEU D 43 -10.28 7.56 2.04
N ALA D 44 -11.05 6.56 2.53
CA ALA D 44 -12.16 6.95 3.41
C ALA D 44 -12.40 5.98 4.54
N ASP D 45 -12.66 6.58 5.69
CA ASP D 45 -12.92 5.89 6.95
C ASP D 45 -14.41 5.71 7.15
N GLU D 46 -15.20 6.39 6.34
CA GLU D 46 -16.66 6.23 6.29
C GLU D 46 -17.00 6.41 4.79
N LEU D 47 -17.60 5.37 4.29
CA LEU D 47 -18.06 5.32 2.89
C LEU D 47 -19.51 4.84 2.94
N ALA D 48 -20.39 5.75 2.62
CA ALA D 48 -21.84 5.55 2.62
C ALA D 48 -22.31 5.27 1.20
N LEU D 49 -23.17 4.29 1.02
CA LEU D 49 -23.57 4.01 -0.40
C LEU D 49 -25.06 4.19 -0.56
N VAL D 50 -25.45 5.19 -1.35
CA VAL D 50 -26.85 5.53 -1.61
C VAL D 50 -27.36 5.03 -2.96
N ASP D 51 -28.34 4.17 -2.89
CA ASP D 51 -29.00 3.55 -4.06
C ASP D 51 -30.53 3.57 -3.79
N ALA D 52 -31.30 3.42 -4.85
CA ALA D 52 -32.77 3.45 -4.72
C ALA D 52 -33.33 2.04 -4.92
N ASP D 53 -32.43 1.15 -5.26
CA ASP D 53 -32.80 -0.25 -5.61
C ASP D 53 -32.46 -1.09 -4.38
N THR D 54 -32.94 -0.52 -3.29
CA THR D 54 -32.95 -0.94 -1.91
C THR D 54 -32.55 -2.37 -1.65
N ASP D 55 -33.02 -3.24 -2.52
CA ASP D 55 -32.83 -4.69 -2.54
C ASP D 55 -31.32 -4.99 -2.65
N LYS D 56 -30.81 -5.01 -3.86
CA LYS D 56 -29.40 -5.24 -4.19
C LYS D 56 -28.42 -4.49 -3.27
N LEU D 57 -28.80 -3.26 -2.96
CA LEU D 57 -27.91 -2.48 -2.11
C LEU D 57 -27.66 -3.16 -0.78
N ARG D 58 -28.67 -3.30 0.06
CA ARG D 58 -28.48 -3.88 1.39
C ARG D 58 -27.87 -5.29 1.26
N GLY D 59 -27.73 -5.76 0.06
CA GLY D 59 -27.13 -7.07 -0.25
C GLY D 59 -25.62 -6.85 -0.45
N GLU D 60 -25.35 -6.03 -1.44
CA GLU D 60 -24.01 -5.59 -1.83
C GLU D 60 -23.31 -4.92 -0.66
N ALA D 61 -24.05 -4.06 0.00
CA ALA D 61 -23.53 -3.33 1.17
C ALA D 61 -23.03 -4.34 2.20
N LEU D 62 -23.89 -5.27 2.60
CA LEU D 62 -23.59 -6.30 3.57
C LEU D 62 -22.44 -7.21 3.16
N ASP D 63 -22.26 -7.27 1.87
CA ASP D 63 -21.15 -8.07 1.30
C ASP D 63 -19.86 -7.36 1.73
N LEU D 64 -19.82 -6.07 1.44
CA LEU D 64 -18.65 -5.27 1.87
C LEU D 64 -18.52 -5.34 3.38
N GLN D 65 -19.63 -5.30 4.09
CA GLN D 65 -19.62 -5.28 5.56
C GLN D 65 -19.02 -6.58 6.07
N HIS D 66 -19.51 -7.71 5.62
CA HIS D 66 -18.95 -9.00 6.00
C HIS D 66 -17.44 -8.96 5.74
N GLY D 67 -17.07 -8.11 4.81
CA GLY D 67 -15.72 -7.94 4.33
C GLY D 67 -14.81 -7.16 5.24
N SER D 68 -15.37 -6.45 6.18
CA SER D 68 -14.60 -5.68 7.15
C SER D 68 -13.17 -6.15 7.34
N LEU D 69 -12.88 -7.23 8.00
CA LEU D 69 -11.57 -7.78 8.29
C LEU D 69 -10.67 -7.85 7.07
N PHE D 70 -10.22 -6.73 6.59
CA PHE D 70 -9.36 -6.48 5.44
C PHE D 70 -9.36 -4.95 5.19
N LEU D 71 -10.49 -4.34 5.34
CA LEU D 71 -10.60 -2.89 5.10
C LEU D 71 -9.89 -2.10 6.19
N SER D 72 -9.51 -0.88 5.86
CA SER D 72 -8.90 0.09 6.75
C SER D 72 -9.87 1.29 6.86
N THR D 73 -11.12 0.95 6.80
CA THR D 73 -12.25 1.88 6.86
C THR D 73 -13.34 1.19 7.68
N PRO D 74 -13.44 1.63 8.92
CA PRO D 74 -14.33 1.00 9.89
C PRO D 74 -15.79 1.13 9.54
N LYS D 75 -16.20 2.31 9.11
CA LYS D 75 -17.69 2.50 8.88
C LYS D 75 -18.00 2.52 7.39
N ILE D 76 -18.97 1.69 7.09
CA ILE D 76 -19.60 1.48 5.78
C ILE D 76 -21.12 1.49 5.96
N VAL D 77 -21.74 2.57 5.52
CA VAL D 77 -23.20 2.73 5.72
C VAL D 77 -23.90 2.71 4.37
N PHE D 78 -25.21 2.53 4.47
CA PHE D 78 -26.10 2.50 3.29
C PHE D 78 -27.46 3.12 3.61
N GLY D 79 -27.99 3.83 2.62
CA GLY D 79 -29.27 4.45 2.63
C GLY D 79 -30.07 4.39 1.35
N LYS D 80 -31.37 4.52 1.53
CA LYS D 80 -32.42 4.57 0.50
C LYS D 80 -32.64 6.05 0.16
N ASP D 81 -32.14 6.86 1.08
CA ASP D 81 -32.19 8.32 1.01
C ASP D 81 -30.79 8.90 1.31
N TYR D 82 -30.69 10.13 0.90
CA TYR D 82 -29.52 11.00 0.93
C TYR D 82 -29.21 11.52 2.31
N ASN D 83 -30.17 11.30 3.20
CA ASN D 83 -29.94 11.69 4.60
C ASN D 83 -28.69 10.93 5.09
N VAL D 84 -28.51 9.80 4.42
CA VAL D 84 -27.45 8.84 4.75
C VAL D 84 -26.11 9.26 4.18
N SER D 85 -26.03 10.52 3.78
CA SER D 85 -24.84 11.09 3.13
C SER D 85 -24.28 12.26 3.90
N ALA D 86 -24.92 12.57 5.01
CA ALA D 86 -24.61 13.73 5.82
C ALA D 86 -23.12 13.93 6.05
N ASN D 87 -22.63 15.00 5.49
CA ASN D 87 -21.26 15.51 5.70
C ASN D 87 -20.19 14.70 5.00
N SER D 88 -20.50 14.36 3.75
CA SER D 88 -19.56 13.66 2.86
C SER D 88 -18.54 14.70 2.38
N LYS D 89 -17.34 14.26 2.11
CA LYS D 89 -16.35 15.21 1.51
C LYS D 89 -16.40 15.06 -0.01
N LEU D 90 -16.73 13.87 -0.48
CA LEU D 90 -16.80 13.53 -1.88
C LEU D 90 -17.97 12.59 -2.20
N VAL D 91 -18.80 13.05 -3.12
CA VAL D 91 -19.95 12.32 -3.62
C VAL D 91 -19.71 11.92 -5.08
N ILE D 92 -19.95 10.67 -5.40
CA ILE D 92 -19.75 10.20 -6.81
C ILE D 92 -21.02 9.53 -7.32
N ILE D 93 -21.62 10.29 -8.22
CA ILE D 93 -22.88 10.04 -8.90
C ILE D 93 -22.67 9.00 -9.98
N THR D 94 -23.23 7.84 -9.82
CA THR D 94 -23.11 6.79 -10.87
C THR D 94 -24.43 6.03 -10.94
N ALA D 95 -25.46 6.74 -11.28
CA ALA D 95 -26.83 6.26 -11.38
C ALA D 95 -27.43 6.93 -12.62
N GLY D 96 -28.20 6.14 -13.35
CA GLY D 96 -28.86 6.60 -14.54
C GLY D 96 -29.47 5.59 -15.45
N ALA D 97 -28.65 5.05 -16.33
CA ALA D 97 -29.16 4.21 -17.45
C ALA D 97 -27.87 3.88 -18.22
N ARG D 98 -27.41 2.69 -17.98
CA ARG D 98 -26.11 2.28 -18.46
C ARG D 98 -25.99 1.34 -19.63
N MET D 99 -25.55 1.88 -20.75
CA MET D 99 -25.02 1.05 -21.85
C MET D 99 -26.03 0.14 -22.51
N VAL D 100 -25.74 -0.18 -23.78
CA VAL D 100 -26.44 -1.07 -24.66
C VAL D 100 -25.69 -1.12 -26.02
N SER D 101 -25.19 -2.30 -26.32
CA SER D 101 -24.52 -2.59 -27.60
C SER D 101 -25.23 -1.84 -28.72
N GLY D 102 -24.63 -0.74 -29.11
CA GLY D 102 -25.21 0.08 -30.21
C GLY D 102 -25.56 1.45 -29.62
N GLN D 103 -26.59 1.40 -28.82
CA GLN D 103 -27.17 2.52 -28.08
C GLN D 103 -26.13 3.61 -27.82
N THR D 104 -25.25 3.19 -26.92
CA THR D 104 -24.21 4.04 -26.32
C THR D 104 -23.74 5.01 -27.40
N ARG D 105 -23.95 6.23 -27.00
CA ARG D 105 -23.67 7.51 -27.62
C ARG D 105 -24.09 8.51 -26.53
N LEU D 106 -24.61 9.65 -26.86
CA LEU D 106 -25.09 10.60 -25.81
C LEU D 106 -26.64 10.43 -25.83
N ASP D 107 -27.00 9.18 -26.02
CA ASP D 107 -28.39 8.76 -26.08
C ASP D 107 -28.96 8.71 -24.66
N LEU D 108 -28.15 8.18 -23.76
CA LEU D 108 -28.59 7.99 -22.37
C LEU D 108 -28.69 9.37 -21.73
N LEU D 109 -29.15 10.34 -22.51
CA LEU D 109 -29.11 11.73 -22.09
C LEU D 109 -30.37 12.37 -21.62
N GLN D 110 -31.39 12.51 -22.40
CA GLN D 110 -32.62 13.20 -21.86
C GLN D 110 -33.10 12.34 -20.69
N ARG D 111 -32.80 11.07 -20.88
CA ARG D 111 -33.00 9.94 -20.01
C ARG D 111 -32.39 10.13 -18.64
N ASN D 112 -31.17 10.66 -18.69
CA ASN D 112 -30.39 10.83 -17.43
C ASN D 112 -30.63 12.17 -16.80
N VAL D 113 -30.66 13.25 -17.52
CA VAL D 113 -30.93 14.57 -16.89
C VAL D 113 -32.10 14.39 -15.92
N ALA D 114 -33.01 13.49 -16.32
CA ALA D 114 -34.17 13.12 -15.51
C ALA D 114 -33.61 12.43 -14.26
N ILE D 115 -32.89 11.36 -14.45
CA ILE D 115 -32.21 10.65 -13.35
C ILE D 115 -31.63 11.72 -12.39
N MET D 116 -31.02 12.74 -12.96
CA MET D 116 -30.37 13.80 -12.19
C MET D 116 -31.38 14.65 -11.43
N LYS D 117 -32.12 15.51 -12.09
CA LYS D 117 -33.07 16.41 -11.47
C LYS D 117 -33.50 15.92 -10.08
N ALA D 118 -33.73 14.63 -10.02
CA ALA D 118 -34.05 13.87 -8.83
C ALA D 118 -32.87 13.56 -7.91
N ILE D 119 -32.03 12.67 -8.37
CA ILE D 119 -30.88 12.11 -7.67
C ILE D 119 -29.95 13.15 -7.04
N VAL D 120 -29.38 13.93 -7.90
CA VAL D 120 -28.33 14.98 -7.57
C VAL D 120 -28.89 15.92 -6.55
N PRO D 121 -28.94 17.20 -6.74
CA PRO D 121 -29.61 18.16 -5.83
C PRO D 121 -30.64 17.48 -4.94
N GLY D 122 -30.32 17.58 -3.67
CA GLY D 122 -31.04 16.81 -2.61
C GLY D 122 -29.86 16.16 -1.84
N VAL D 123 -29.03 15.43 -2.57
CA VAL D 123 -27.78 14.87 -2.05
C VAL D 123 -27.01 16.06 -1.40
N ILE D 124 -27.02 17.13 -2.15
CA ILE D 124 -26.32 18.37 -1.83
C ILE D 124 -26.93 19.04 -0.62
N GLN D 125 -28.25 18.95 -0.50
CA GLN D 125 -28.93 19.60 0.64
C GLN D 125 -28.32 19.04 1.93
N ASN D 126 -27.89 17.81 1.83
CA ASN D 126 -27.25 17.09 2.95
C ASN D 126 -25.82 17.58 3.14
N SER D 127 -24.91 17.19 2.26
CA SER D 127 -23.51 17.64 2.39
C SER D 127 -23.31 18.87 1.50
N PRO D 128 -23.76 19.99 2.09
CA PRO D 128 -23.72 21.29 1.41
C PRO D 128 -22.40 21.70 0.81
N ASP D 129 -21.29 21.38 1.45
CA ASP D 129 -19.94 21.78 0.99
C ASP D 129 -19.25 20.59 0.30
N CYS D 130 -20.05 19.64 -0.16
CA CYS D 130 -19.50 18.42 -0.77
C CYS D 130 -18.73 18.78 -2.04
N LYS D 131 -18.14 17.75 -2.60
CA LYS D 131 -17.39 17.91 -3.88
C LYS D 131 -17.84 16.77 -4.77
N ILE D 132 -18.23 17.07 -6.01
CA ILE D 132 -18.74 15.98 -6.82
C ILE D 132 -17.92 15.65 -8.07
N ILE D 133 -17.74 14.33 -8.16
CA ILE D 133 -17.19 13.62 -9.28
C ILE D 133 -18.46 13.05 -9.97
N VAL D 134 -18.61 13.29 -11.24
CA VAL D 134 -19.80 12.78 -11.96
C VAL D 134 -19.25 11.69 -12.87
N VAL D 135 -19.74 10.48 -12.72
CA VAL D 135 -19.26 9.36 -13.56
C VAL D 135 -20.27 9.03 -14.65
N THR D 136 -21.57 9.17 -14.36
CA THR D 136 -22.62 8.76 -15.28
C THR D 136 -22.29 8.89 -16.74
N ASN D 137 -22.35 9.94 -17.58
CA ASN D 137 -21.79 9.68 -18.90
C ASN D 137 -21.30 10.37 -20.11
N PRO D 138 -21.70 11.34 -20.92
CA PRO D 138 -22.86 12.25 -20.60
C PRO D 138 -22.33 13.08 -19.46
N VAL D 139 -21.15 12.69 -19.03
CA VAL D 139 -20.32 13.18 -17.98
C VAL D 139 -20.27 14.70 -18.21
N ASP D 140 -19.97 14.98 -19.47
CA ASP D 140 -19.86 16.39 -19.93
C ASP D 140 -21.21 17.03 -19.62
N ILE D 141 -22.16 16.73 -20.46
CA ILE D 141 -23.53 17.25 -20.41
C ILE D 141 -24.20 17.12 -19.07
N LEU D 142 -23.87 16.12 -18.30
CA LEU D 142 -24.39 15.81 -16.97
C LEU D 142 -23.67 16.70 -15.99
N THR D 143 -22.34 16.77 -16.11
CA THR D 143 -21.54 17.69 -15.29
C THR D 143 -22.28 19.06 -15.35
N TYR D 144 -22.62 19.39 -16.60
CA TYR D 144 -23.34 20.64 -16.89
C TYR D 144 -24.68 20.66 -16.17
N VAL D 145 -25.48 19.67 -16.45
CA VAL D 145 -26.78 19.48 -15.74
C VAL D 145 -26.55 19.69 -14.24
N VAL D 146 -25.76 18.81 -13.65
CA VAL D 146 -25.50 18.83 -12.22
C VAL D 146 -25.01 20.22 -11.82
N TRP D 147 -24.01 20.71 -12.55
CA TRP D 147 -23.41 22.01 -12.27
C TRP D 147 -24.55 23.03 -11.96
N LYS D 148 -25.38 23.06 -12.96
CA LYS D 148 -26.56 23.90 -13.13
C LYS D 148 -27.59 23.67 -12.03
N ILE D 149 -27.97 22.41 -11.93
CA ILE D 149 -29.01 21.90 -11.05
C ILE D 149 -28.59 21.98 -9.59
N SER D 150 -27.29 21.95 -9.36
CA SER D 150 -26.77 22.04 -7.98
C SER D 150 -26.59 23.52 -7.63
N GLY D 151 -25.71 24.17 -8.34
CA GLY D 151 -25.46 25.60 -8.15
C GLY D 151 -24.23 25.94 -7.32
N PHE D 152 -23.31 24.99 -7.21
CA PHE D 152 -22.06 25.34 -6.48
C PHE D 152 -20.95 25.47 -7.55
N PRO D 153 -19.92 26.20 -7.14
CA PRO D 153 -18.77 26.48 -7.99
C PRO D 153 -18.21 25.26 -8.67
N VAL D 154 -18.15 25.30 -10.00
CA VAL D 154 -17.37 24.23 -10.68
C VAL D 154 -15.98 24.41 -9.99
N GLY D 155 -15.40 23.29 -9.76
CA GLY D 155 -14.15 23.22 -8.89
C GLY D 155 -14.68 22.03 -8.01
N ARG D 156 -15.85 22.38 -7.47
CA ARG D 156 -16.58 21.41 -6.63
C ARG D 156 -17.17 20.38 -7.58
N VAL D 157 -17.88 20.83 -8.57
CA VAL D 157 -18.55 19.93 -9.56
C VAL D 157 -17.66 19.53 -10.72
N ILE D 158 -17.13 18.31 -10.64
CA ILE D 158 -16.19 17.78 -11.62
C ILE D 158 -16.71 16.52 -12.29
N GLY D 159 -16.02 16.14 -13.37
CA GLY D 159 -16.42 14.99 -14.14
C GLY D 159 -15.27 14.16 -14.67
N SER D 160 -15.54 12.87 -14.63
CA SER D 160 -14.76 11.75 -15.10
C SER D 160 -14.01 12.09 -16.39
N GLY D 161 -14.67 12.90 -17.18
CA GLY D 161 -14.08 13.35 -18.45
C GLY D 161 -13.30 12.25 -19.15
N CYS D 162 -12.08 12.60 -19.54
CA CYS D 162 -11.22 11.71 -20.35
C CYS D 162 -10.08 11.10 -19.60
N ASN D 163 -10.06 11.37 -18.30
CA ASN D 163 -8.99 10.81 -17.43
C ASN D 163 -8.83 9.35 -17.88
N LEU D 164 -10.01 8.77 -17.99
CA LEU D 164 -10.34 7.46 -18.52
C LEU D 164 -9.63 7.20 -19.84
N ASP D 165 -10.16 7.77 -20.90
CA ASP D 165 -9.68 7.74 -22.28
C ASP D 165 -8.15 7.88 -22.45
N SER D 166 -7.66 8.99 -21.93
CA SER D 166 -6.22 9.30 -21.90
C SER D 166 -5.40 8.11 -21.39
N ALA D 167 -5.96 7.48 -20.38
CA ALA D 167 -5.38 6.30 -19.74
C ALA D 167 -5.50 5.13 -20.72
N ARG D 168 -6.70 5.08 -21.30
CA ARG D 168 -7.02 3.99 -22.29
C ARG D 168 -5.96 4.05 -23.40
N PHE D 169 -5.60 5.28 -23.67
CA PHE D 169 -4.66 5.77 -24.67
C PHE D 169 -3.24 5.38 -24.27
N ARG D 170 -2.71 5.97 -23.21
CA ARG D 170 -1.38 5.64 -22.70
C ARG D 170 -1.18 4.12 -22.74
N TYR D 171 -2.28 3.41 -22.49
CA TYR D 171 -2.20 1.94 -22.55
C TYR D 171 -1.73 1.59 -23.98
N LEU D 172 -2.70 1.52 -24.88
CA LEU D 172 -2.44 1.14 -26.26
C LEU D 172 -1.06 1.68 -26.72
N ILE D 173 -0.94 2.98 -26.57
CA ILE D 173 0.27 3.71 -26.99
C ILE D 173 1.51 2.92 -26.58
N GLY D 174 1.58 2.58 -25.30
CA GLY D 174 2.67 1.82 -24.70
C GLY D 174 2.68 0.36 -25.16
N GLU D 175 1.56 -0.09 -25.66
CA GLU D 175 1.41 -1.49 -26.15
C GLU D 175 2.38 -1.65 -27.31
N LYS D 176 2.81 -0.54 -27.92
CA LYS D 176 3.66 -0.63 -29.13
C LYS D 176 5.14 -0.42 -28.95
N LEU D 177 5.56 0.46 -28.05
CA LEU D 177 6.95 0.77 -27.77
C LEU D 177 7.57 -0.31 -26.86
N GLY D 178 6.73 -0.79 -25.97
CA GLY D 178 7.14 -1.81 -24.95
C GLY D 178 7.70 -1.00 -23.74
N VAL D 179 6.88 -0.08 -23.35
CA VAL D 179 7.12 0.93 -22.31
C VAL D 179 5.83 1.18 -21.55
N ASN D 180 5.91 1.36 -20.28
CA ASN D 180 4.75 1.52 -19.34
C ASN D 180 4.00 2.81 -19.58
N PRO D 181 2.67 2.71 -19.46
CA PRO D 181 1.73 3.78 -19.80
C PRO D 181 1.80 4.96 -18.86
N THR D 182 2.72 4.81 -17.96
CA THR D 182 3.06 5.74 -16.90
C THR D 182 4.28 6.55 -17.42
N SER D 183 5.04 5.77 -18.15
CA SER D 183 6.28 6.10 -18.77
C SER D 183 6.15 6.55 -20.21
N CYS D 184 4.97 6.59 -20.76
CA CYS D 184 4.67 7.17 -22.07
C CYS D 184 3.65 8.27 -21.69
N HIS D 185 3.59 9.33 -22.42
CA HIS D 185 2.60 10.41 -22.04
C HIS D 185 1.94 10.84 -23.33
N GLY D 186 0.67 11.18 -23.23
CA GLY D 186 -0.17 11.60 -24.36
C GLY D 186 -1.49 12.08 -23.73
N TRP D 187 -2.18 12.97 -24.40
CA TRP D 187 -3.42 13.58 -23.83
C TRP D 187 -4.52 13.46 -24.86
N VAL D 188 -5.71 13.07 -24.48
CA VAL D 188 -6.86 13.01 -25.40
C VAL D 188 -7.93 13.88 -24.72
N LEU D 189 -8.40 14.91 -25.38
CA LEU D 189 -9.45 15.73 -24.75
C LEU D 189 -10.58 16.02 -25.74
N GLY D 190 -11.35 17.04 -25.35
CA GLY D 190 -12.59 17.33 -26.10
C GLY D 190 -13.69 16.53 -25.33
N GLU D 191 -14.32 15.64 -26.07
CA GLU D 191 -15.40 14.80 -25.57
C GLU D 191 -14.96 13.41 -25.12
N HIS D 192 -15.77 12.87 -24.24
CA HIS D 192 -15.64 11.53 -23.66
C HIS D 192 -16.64 10.67 -24.45
N GLY D 193 -16.12 10.17 -25.56
CA GLY D 193 -16.97 9.43 -26.52
C GLY D 193 -16.35 9.42 -27.90
N ASP D 194 -16.92 10.13 -28.88
CA ASP D 194 -16.37 9.96 -30.25
C ASP D 194 -15.81 11.25 -30.83
N SER D 195 -15.81 12.28 -30.06
CA SER D 195 -15.36 13.61 -30.54
C SER D 195 -14.00 13.84 -29.92
N SER D 196 -13.33 12.69 -29.73
CA SER D 196 -12.08 12.71 -28.91
C SER D 196 -10.90 13.09 -29.78
N VAL D 197 -10.51 14.35 -29.54
CA VAL D 197 -9.26 14.79 -30.20
C VAL D 197 -8.21 14.41 -29.15
N PRO D 198 -7.41 13.43 -29.53
CA PRO D 198 -6.17 13.15 -28.71
C PRO D 198 -5.39 14.44 -28.85
N ILE D 199 -4.17 14.58 -28.40
CA ILE D 199 -3.47 15.86 -28.77
C ILE D 199 -1.99 15.51 -28.92
N TRP D 200 -1.74 14.89 -30.08
CA TRP D 200 -0.43 14.45 -30.53
C TRP D 200 0.62 15.54 -30.37
N SER D 201 0.28 16.79 -30.64
CA SER D 201 1.25 17.90 -30.53
C SER D 201 2.18 17.62 -29.35
N GLY D 202 1.64 17.12 -28.25
CA GLY D 202 2.37 16.83 -27.04
C GLY D 202 2.45 15.44 -26.52
N VAL D 203 3.24 14.58 -27.12
CA VAL D 203 3.30 13.14 -26.76
C VAL D 203 4.70 12.60 -26.57
N ASN D 204 5.15 12.54 -25.33
CA ASN D 204 6.45 12.07 -24.88
C ASN D 204 6.53 10.53 -24.77
N VAL D 205 7.65 10.12 -24.30
CA VAL D 205 8.29 8.94 -23.90
C VAL D 205 9.77 9.36 -23.51
N ALA D 206 9.82 10.43 -22.79
CA ALA D 206 10.93 11.17 -22.24
C ALA D 206 10.50 12.63 -21.98
N GLY D 207 10.71 13.52 -22.92
CA GLY D 207 10.36 14.93 -22.69
C GLY D 207 9.85 15.66 -23.92
N VAL D 208 9.29 16.84 -23.63
CA VAL D 208 8.75 17.74 -24.64
C VAL D 208 9.91 18.53 -25.30
N THR D 209 9.93 18.39 -26.60
CA THR D 209 11.05 18.92 -27.42
C THR D 209 12.09 17.79 -27.34
N LEU D 210 12.16 17.23 -26.14
CA LEU D 210 12.97 16.02 -25.90
C LEU D 210 12.22 14.95 -26.71
N LYS D 211 11.88 13.84 -26.05
CA LYS D 211 11.19 12.79 -26.82
C LYS D 211 9.70 13.12 -26.86
N SER D 212 9.45 13.91 -27.87
CA SER D 212 8.08 14.31 -28.34
C SER D 212 7.83 13.27 -29.43
N LEU D 213 6.69 12.63 -29.59
CA LEU D 213 6.63 11.58 -30.65
C LEU D 213 6.69 12.20 -32.03
N ASN D 214 6.60 13.50 -32.04
CA ASN D 214 6.56 14.35 -33.24
C ASN D 214 7.86 14.43 -34.04
N PRO D 215 8.98 14.71 -33.39
CA PRO D 215 10.27 14.84 -34.02
C PRO D 215 10.72 13.66 -34.83
N ALA D 216 10.12 12.51 -34.61
CA ALA D 216 10.55 11.30 -35.38
C ALA D 216 9.42 10.98 -36.35
N ILE D 217 8.28 11.57 -36.06
CA ILE D 217 7.07 11.56 -36.86
C ILE D 217 6.88 10.50 -37.89
N GLY D 218 6.49 9.29 -37.52
CA GLY D 218 6.05 8.29 -38.58
C GLY D 218 4.61 8.79 -38.94
N THR D 219 4.46 10.04 -38.72
CA THR D 219 3.54 11.10 -38.71
C THR D 219 2.97 11.13 -37.27
N ASP D 220 1.75 10.80 -37.13
CA ASP D 220 0.91 10.84 -35.96
C ASP D 220 -0.19 11.88 -36.36
N LYS D 221 -1.15 11.31 -37.07
CA LYS D 221 -2.29 11.97 -37.68
C LYS D 221 -2.17 11.84 -39.21
N ASN D 222 -1.50 12.78 -39.81
CA ASN D 222 -1.26 12.99 -41.23
C ASN D 222 -0.65 11.78 -41.93
N LYS D 223 -0.87 10.63 -41.35
CA LYS D 223 -0.57 9.30 -41.72
C LYS D 223 0.30 8.51 -40.72
N GLN D 224 0.75 7.41 -41.29
CA GLN D 224 1.52 6.28 -40.99
C GLN D 224 1.31 5.77 -39.56
N HIS D 225 0.13 5.20 -39.49
CA HIS D 225 -0.54 4.46 -38.46
C HIS D 225 -0.14 4.91 -37.08
N TRP D 226 -1.11 5.39 -36.35
CA TRP D 226 -1.03 5.92 -35.00
C TRP D 226 -2.41 6.57 -34.77
N LYS D 227 -2.99 7.02 -35.88
CA LYS D 227 -4.35 7.58 -35.84
C LYS D 227 -5.21 6.49 -35.14
N ASN D 228 -4.79 5.29 -35.56
CA ASN D 228 -5.45 4.09 -35.12
C ASN D 228 -5.36 3.99 -33.61
N VAL D 229 -4.23 4.34 -33.03
CA VAL D 229 -4.19 4.26 -31.53
C VAL D 229 -5.47 5.01 -31.05
N HIS D 230 -5.67 6.14 -31.71
CA HIS D 230 -6.82 6.98 -31.40
C HIS D 230 -8.15 6.35 -31.81
N LYS D 231 -8.15 5.71 -32.97
CA LYS D 231 -9.39 5.05 -33.44
C LYS D 231 -9.66 3.83 -32.59
N GLN D 232 -8.60 3.28 -32.09
CA GLN D 232 -8.57 2.12 -31.22
C GLN D 232 -9.08 2.54 -29.85
N VAL D 233 -8.70 3.76 -29.49
CA VAL D 233 -9.10 4.34 -28.20
C VAL D 233 -10.62 4.39 -28.13
N VAL D 234 -11.16 5.29 -28.91
CA VAL D 234 -12.62 5.51 -29.00
C VAL D 234 -13.34 4.18 -29.19
N GLU D 235 -13.21 3.55 -30.32
CA GLU D 235 -13.82 2.22 -30.54
C GLU D 235 -13.71 1.37 -29.26
N GLY D 236 -12.53 1.39 -28.69
CA GLY D 236 -12.13 0.67 -27.50
C GLY D 236 -13.14 0.74 -26.37
N GLY D 237 -13.88 1.84 -26.35
CA GLY D 237 -14.88 2.01 -25.23
C GLY D 237 -16.02 1.03 -25.51
N TYR D 238 -16.31 0.96 -26.81
CA TYR D 238 -17.43 0.20 -27.37
C TYR D 238 -17.23 -1.29 -27.30
N GLU D 239 -16.14 -1.78 -27.80
CA GLU D 239 -15.78 -3.18 -27.87
C GLU D 239 -15.89 -3.91 -26.53
N VAL D 240 -15.59 -3.19 -25.45
CA VAL D 240 -15.66 -3.73 -24.12
C VAL D 240 -17.09 -4.26 -23.82
N LEU D 241 -17.96 -3.26 -23.90
CA LEU D 241 -19.35 -3.50 -23.47
C LEU D 241 -19.92 -4.60 -24.34
N ASP D 242 -19.69 -4.52 -25.63
CA ASP D 242 -20.25 -5.53 -26.55
C ASP D 242 -20.04 -6.91 -25.92
N MET D 243 -18.90 -7.07 -25.26
CA MET D 243 -18.48 -8.35 -24.70
C MET D 243 -18.82 -8.71 -23.27
N LYS D 244 -18.43 -7.95 -22.27
CA LYS D 244 -18.76 -8.33 -20.87
C LYS D 244 -20.17 -7.80 -20.57
N GLY D 245 -20.60 -6.96 -21.50
CA GLY D 245 -21.90 -6.31 -21.47
C GLY D 245 -21.93 -5.14 -20.50
N TYR D 246 -20.88 -4.36 -20.46
CA TYR D 246 -20.78 -3.17 -19.61
C TYR D 246 -19.31 -2.74 -19.47
N THR D 247 -19.17 -1.57 -18.91
CA THR D 247 -17.91 -0.86 -18.66
C THR D 247 -17.73 -0.71 -17.16
N SER D 248 -16.93 -1.56 -16.52
CA SER D 248 -16.80 -1.57 -15.06
C SER D 248 -15.51 -1.14 -14.41
N TRP D 249 -14.56 -2.04 -14.26
CA TRP D 249 -13.29 -1.87 -13.58
C TRP D 249 -12.60 -0.52 -13.84
N ALA D 250 -12.06 -0.40 -15.04
CA ALA D 250 -11.29 0.71 -15.55
C ALA D 250 -11.94 2.06 -15.29
N ILE D 251 -13.27 2.09 -15.22
CA ILE D 251 -13.89 3.43 -14.90
C ILE D 251 -13.63 3.72 -13.43
N GLY D 252 -13.63 2.63 -12.69
CA GLY D 252 -13.55 2.66 -11.21
C GLY D 252 -12.20 3.24 -10.83
N LEU D 253 -11.20 2.48 -11.25
CA LEU D 253 -9.79 2.83 -11.02
C LEU D 253 -9.61 4.29 -11.38
N SER D 254 -10.04 4.68 -12.54
CA SER D 254 -9.91 6.09 -12.96
C SER D 254 -10.34 7.04 -11.84
N VAL D 255 -11.56 6.92 -11.42
CA VAL D 255 -12.22 7.81 -10.46
C VAL D 255 -11.47 7.94 -9.15
N THR D 256 -11.14 6.73 -8.68
CA THR D 256 -10.49 6.58 -7.35
C THR D 256 -9.15 7.31 -7.43
N ASP D 257 -8.69 7.42 -8.64
CA ASP D 257 -7.42 8.09 -9.00
C ASP D 257 -7.67 9.59 -8.98
N LEU D 258 -8.93 9.98 -9.12
CA LEU D 258 -9.36 11.38 -9.06
C LEU D 258 -9.52 11.73 -7.58
N ALA D 259 -10.16 10.84 -6.86
CA ALA D 259 -10.40 10.95 -5.42
C ALA D 259 -9.06 11.13 -4.69
N ARG D 260 -8.18 10.17 -4.94
CA ARG D 260 -6.84 10.03 -4.43
C ARG D 260 -6.13 11.38 -4.42
N SER D 261 -6.29 12.02 -5.56
CA SER D 261 -5.67 13.31 -5.85
C SER D 261 -6.35 14.40 -5.02
N ILE D 262 -7.66 14.44 -5.14
CA ILE D 262 -8.48 15.39 -4.37
C ILE D 262 -8.16 15.21 -2.89
N LEU D 263 -8.56 14.11 -2.33
CA LEU D 263 -8.38 13.77 -0.93
C LEU D 263 -6.99 13.99 -0.34
N LYS D 264 -5.93 13.55 -0.97
CA LYS D 264 -4.58 13.67 -0.38
C LYS D 264 -3.92 14.98 -0.78
N ASN D 265 -4.75 15.85 -1.32
CA ASN D 265 -4.41 17.16 -1.84
C ASN D 265 -3.19 17.14 -2.74
N LEU D 266 -3.04 16.08 -3.50
CA LEU D 266 -1.91 15.85 -4.39
C LEU D 266 -1.58 16.92 -5.41
N LYS D 267 -2.55 17.74 -5.77
CA LYS D 267 -2.42 18.78 -6.79
C LYS D 267 -1.73 18.19 -8.03
N ARG D 268 -2.13 16.96 -8.30
CA ARG D 268 -1.81 16.19 -9.50
C ARG D 268 -2.79 16.72 -10.58
N VAL D 269 -2.18 17.15 -11.68
CA VAL D 269 -3.00 17.66 -12.81
C VAL D 269 -3.68 16.46 -13.44
N HIS D 270 -4.83 16.75 -14.04
CA HIS D 270 -5.75 15.79 -14.60
C HIS D 270 -6.58 16.34 -15.75
N PRO D 271 -6.94 15.38 -16.60
CA PRO D 271 -7.91 15.68 -17.68
C PRO D 271 -9.27 15.28 -17.09
N VAL D 272 -10.08 16.27 -16.88
CA VAL D 272 -11.41 16.16 -16.29
C VAL D 272 -12.30 17.16 -17.00
N THR D 273 -13.59 17.09 -16.83
CA THR D 273 -14.52 18.03 -17.45
C THR D 273 -14.82 19.24 -16.57
N THR D 274 -14.86 20.39 -17.20
CA THR D 274 -15.17 21.66 -16.59
C THR D 274 -15.57 22.63 -17.72
N LEU D 275 -15.92 23.80 -17.26
CA LEU D 275 -16.41 24.90 -18.07
C LEU D 275 -15.30 25.54 -18.87
N VAL D 276 -15.26 25.19 -20.13
CA VAL D 276 -14.29 25.83 -21.07
C VAL D 276 -14.96 27.10 -21.64
N LYS D 277 -15.99 27.53 -20.93
CA LYS D 277 -16.85 28.64 -21.17
C LYS D 277 -16.26 29.71 -22.09
N GLY D 278 -14.99 30.03 -21.91
CA GLY D 278 -14.37 31.09 -22.73
C GLY D 278 -12.89 30.80 -22.91
N PHE D 279 -12.56 29.60 -23.31
CA PHE D 279 -11.16 29.19 -23.58
C PHE D 279 -11.08 28.91 -25.08
N HIS D 280 -9.91 28.90 -25.61
CA HIS D 280 -9.62 28.63 -27.02
C HIS D 280 -10.77 28.78 -27.99
N GLY D 281 -11.47 29.91 -27.93
CA GLY D 281 -12.53 30.26 -28.86
C GLY D 281 -13.92 29.93 -28.37
N ILE D 282 -14.01 28.84 -27.60
CA ILE D 282 -15.31 28.45 -27.03
C ILE D 282 -15.73 29.57 -26.06
N LYS D 283 -16.95 30.02 -26.30
CA LYS D 283 -17.56 31.09 -25.51
C LYS D 283 -19.04 30.79 -25.35
N GLU D 284 -19.32 29.86 -24.45
CA GLU D 284 -20.70 29.40 -24.15
C GLU D 284 -20.52 28.20 -23.21
N GLU D 285 -21.14 28.26 -22.06
CA GLU D 285 -21.11 27.39 -20.91
C GLU D 285 -21.12 25.88 -21.23
N VAL D 286 -20.29 25.51 -22.16
CA VAL D 286 -19.97 24.20 -22.62
C VAL D 286 -18.84 23.67 -21.67
N PHE D 287 -19.14 22.53 -21.16
CA PHE D 287 -18.27 21.76 -20.29
C PHE D 287 -17.77 20.57 -21.14
N LEU D 288 -16.51 20.55 -21.41
CA LEU D 288 -15.83 19.38 -22.02
C LEU D 288 -14.58 19.26 -21.09
N SER D 289 -13.70 18.33 -21.40
CA SER D 289 -12.55 18.12 -20.49
C SER D 289 -11.26 18.73 -21.01
N ILE D 290 -10.48 19.13 -20.04
CA ILE D 290 -9.18 19.83 -20.22
C ILE D 290 -8.28 19.49 -19.05
N PRO D 291 -6.98 19.51 -19.30
CA PRO D 291 -6.00 19.22 -18.21
C PRO D 291 -6.07 20.31 -17.15
N CYS D 292 -6.47 19.91 -15.95
CA CYS D 292 -6.64 20.74 -14.77
C CYS D 292 -5.92 20.10 -13.55
N VAL D 293 -5.61 20.97 -12.62
CA VAL D 293 -4.96 20.59 -11.35
C VAL D 293 -6.08 20.49 -10.27
N LEU D 294 -6.02 19.35 -9.61
CA LEU D 294 -6.96 18.95 -8.58
C LEU D 294 -6.33 18.84 -7.19
N GLY D 295 -7.03 19.38 -6.21
CA GLY D 295 -6.62 19.34 -4.80
C GLY D 295 -7.84 19.28 -3.90
N GLU D 296 -7.63 19.32 -2.62
CA GLU D 296 -8.59 19.34 -1.53
C GLU D 296 -9.88 20.06 -1.93
N SER D 297 -9.70 21.28 -2.38
CA SER D 297 -10.74 22.23 -2.74
C SER D 297 -11.30 22.20 -4.15
N GLY D 298 -11.06 21.19 -4.94
CA GLY D 298 -11.71 21.09 -6.28
C GLY D 298 -10.70 21.20 -7.41
N ILE D 299 -11.19 21.84 -8.48
CA ILE D 299 -10.27 22.22 -9.57
C ILE D 299 -9.73 23.55 -9.03
N THR D 300 -8.45 23.67 -9.07
CA THR D 300 -7.77 24.85 -8.49
C THR D 300 -7.51 25.82 -9.62
N ASP D 301 -6.96 25.18 -10.64
CA ASP D 301 -6.51 25.88 -11.85
C ASP D 301 -6.59 24.95 -13.04
N PHE D 302 -6.55 25.57 -14.20
CA PHE D 302 -6.66 24.89 -15.51
C PHE D 302 -5.29 24.91 -16.19
N VAL D 303 -5.14 24.01 -17.15
CA VAL D 303 -3.87 23.99 -17.93
C VAL D 303 -4.32 24.18 -19.39
N LYS D 304 -3.83 25.29 -19.90
CA LYS D 304 -4.10 25.77 -21.26
C LYS D 304 -2.97 25.34 -22.19
N VAL D 305 -3.20 24.23 -22.84
CA VAL D 305 -2.39 23.55 -23.80
C VAL D 305 -2.28 24.30 -25.13
N ASN D 306 -1.42 23.74 -25.96
CA ASN D 306 -1.10 24.21 -27.32
C ASN D 306 -1.70 23.28 -28.38
N MET D 307 -3.00 23.45 -28.64
CA MET D 307 -3.60 22.59 -29.70
C MET D 307 -3.13 23.30 -30.99
N THR D 308 -2.77 22.51 -32.00
CA THR D 308 -2.38 23.03 -33.32
C THR D 308 -3.66 23.63 -33.90
N ALA D 309 -3.51 24.51 -34.84
CA ALA D 309 -4.64 25.19 -35.50
C ALA D 309 -5.91 24.37 -35.32
N GLU D 310 -5.90 23.16 -35.85
CA GLU D 310 -7.07 22.29 -35.78
C GLU D 310 -7.21 21.52 -34.49
N GLU D 311 -6.14 21.11 -33.83
CA GLU D 311 -6.35 20.48 -32.48
C GLU D 311 -7.36 21.39 -31.79
N GLU D 312 -7.16 22.69 -31.96
CA GLU D 312 -8.03 23.77 -31.50
C GLU D 312 -9.33 23.76 -32.32
N GLY D 313 -9.15 23.37 -33.56
CA GLY D 313 -10.25 23.23 -34.54
C GLY D 313 -11.26 22.25 -33.95
N LEU D 314 -10.83 21.00 -33.95
CA LEU D 314 -11.59 19.87 -33.41
C LEU D 314 -12.18 20.24 -32.05
N LEU D 315 -11.29 20.56 -31.11
CA LEU D 315 -11.82 20.98 -29.80
C LEU D 315 -12.91 22.03 -29.99
N LYS D 316 -12.62 23.08 -30.74
CA LYS D 316 -13.62 24.13 -30.99
C LYS D 316 -14.94 23.48 -31.41
N LYS D 317 -14.84 22.42 -32.19
CA LYS D 317 -15.92 21.64 -32.75
C LYS D 317 -16.71 20.86 -31.71
N SER D 318 -16.05 19.99 -30.96
CA SER D 318 -16.74 19.25 -29.89
C SER D 318 -17.61 20.27 -29.14
N ALA D 319 -16.90 21.16 -28.51
CA ALA D 319 -17.44 22.24 -27.71
C ALA D 319 -18.90 22.48 -28.10
N ASP D 320 -18.99 22.77 -29.39
CA ASP D 320 -20.23 23.06 -30.08
C ASP D 320 -21.16 21.89 -30.17
N THR D 321 -20.78 20.76 -30.74
CA THR D 321 -21.66 19.58 -30.71
C THR D 321 -22.34 19.60 -29.31
N LEU D 322 -21.45 19.35 -28.36
CA LEU D 322 -21.78 19.34 -26.95
C LEU D 322 -22.71 20.51 -26.60
N TRP D 323 -22.53 21.62 -27.29
CA TRP D 323 -23.25 22.85 -27.03
C TRP D 323 -24.72 22.87 -27.34
N ASN D 324 -25.14 22.77 -28.61
CA ASN D 324 -26.61 22.96 -28.78
C ASN D 324 -27.23 21.95 -27.77
N MET D 325 -26.73 20.73 -27.87
CA MET D 325 -27.24 19.65 -26.98
C MET D 325 -27.79 20.21 -25.67
N GLN D 326 -27.09 21.15 -25.10
CA GLN D 326 -27.41 21.88 -23.90
C GLN D 326 -28.50 22.93 -23.97
N LYS D 327 -29.24 23.08 -25.03
CA LYS D 327 -30.42 24.01 -25.05
C LYS D 327 -31.47 23.19 -24.25
N ASN D 328 -31.21 23.20 -22.93
CA ASN D 328 -31.90 22.30 -22.02
C ASN D 328 -32.91 22.83 -21.03
N LEU D 329 -33.50 21.84 -20.41
CA LEU D 329 -34.50 21.70 -19.39
C LEU D 329 -35.26 20.39 -19.71
N GLU D 330 -36.30 20.07 -18.98
CA GLU D 330 -37.07 18.85 -19.27
C GLU D 330 -38.04 19.09 -20.44
N LEU D 331 -38.18 20.35 -20.82
CA LEU D 331 -39.05 20.81 -21.90
C LEU D 331 -39.07 19.81 -23.06
#